data_3IK4
#
_entry.id   3IK4
#
_cell.length_a   84.026
_cell.length_b   93.344
_cell.length_c   85.914
_cell.angle_alpha   90.00
_cell.angle_beta   112.60
_cell.angle_gamma   90.00
#
_symmetry.space_group_name_H-M   'P 1 21 1'
#
loop_
_entity.id
_entity.type
_entity.pdbx_description
1 polymer 'Mandelate racemase/muconate lactonizing protein'
2 non-polymer 'POTASSIUM ION'
3 non-polymer GLYCEROL
4 water water
#
_entity_poly.entity_id   1
_entity_poly.type   'polypeptide(L)'
_entity_poly.pdbx_seq_one_letter_code
;MSLPTTIQAISAEAINLPLTEPFAIASGAQAVAANVLVKVQLADGTLGLGEAAPFPAVSGETQTGTSAAIERLQSHLLGA
DVRGWRKLAAMLDHAEHEAAAARCGLEMAMLDALTRHYHMPLHVFFGGVSKQLETDMTITAGDEVHAAASAKAILARGIK
SIKVKTAGVDVAYDLARLRAIHQAAPTAPLIVDGNCGYDVERALAFCAACKAESIPMVLFEQPLPREDWAGMAQVTAQSG
FAVAADESARSAHDVLRIAREGTASVINIKLMKAGVAEGLKMIAIAQAAGLGLMIGGMVESILAMSFSANLAAGNGGFDF
IDLDTPLFIAEHPFIGGFAQTGGTLQLADVAGHGVNLEGHHHHHH
;
_entity_poly.pdbx_strand_id   A,B,C,D
#
loop_
_chem_comp.id
_chem_comp.type
_chem_comp.name
_chem_comp.formula
GOL non-polymer GLYCEROL 'C3 H8 O3'
K non-polymer 'POTASSIUM ION' 'K 1'
#
# COMPACT_ATOMS: atom_id res chain seq x y z
N SER A 2 -19.09 -8.46 -22.55
CA SER A 2 -20.42 -8.48 -21.89
C SER A 2 -20.79 -9.89 -21.48
N LEU A 3 -20.40 -10.28 -20.26
CA LEU A 3 -20.82 -11.57 -19.70
C LEU A 3 -21.85 -11.40 -18.59
N PRO A 4 -22.65 -12.44 -18.36
CA PRO A 4 -23.83 -12.32 -17.48
C PRO A 4 -23.69 -11.40 -16.26
N THR A 5 -22.48 -11.29 -15.72
CA THR A 5 -22.20 -10.48 -14.52
C THR A 5 -21.57 -9.09 -14.80
N THR A 6 -21.73 -8.59 -16.02
CA THR A 6 -21.37 -7.21 -16.33
C THR A 6 -22.45 -6.28 -15.75
N ILE A 7 -22.04 -5.12 -15.25
CA ILE A 7 -22.98 -4.10 -14.83
C ILE A 7 -23.30 -3.20 -16.01
N GLN A 8 -24.51 -3.33 -16.54
CA GLN A 8 -24.96 -2.48 -17.64
C GLN A 8 -25.78 -1.29 -17.13
N ALA A 9 -26.38 -1.43 -15.95
CA ALA A 9 -27.25 -0.38 -15.39
C ALA A 9 -27.05 -0.08 -13.90
N ILE A 10 -26.81 1.19 -13.60
CA ILE A 10 -26.82 1.73 -12.22
C ILE A 10 -27.79 2.91 -12.13
N SER A 11 -28.77 2.82 -11.24
CA SER A 11 -29.68 3.94 -11.01
C SER A 11 -29.87 4.27 -9.53
N ALA A 12 -29.98 5.56 -9.23
CA ALA A 12 -30.28 6.02 -7.88
C ALA A 12 -31.47 6.96 -7.87
N GLU A 13 -32.36 6.73 -6.92
CA GLU A 13 -33.54 7.57 -6.75
C GLU A 13 -33.79 7.83 -5.28
N ALA A 14 -34.18 9.08 -4.98
CA ALA A 14 -34.60 9.47 -3.65
C ALA A 14 -35.80 8.66 -3.22
N ILE A 15 -35.75 8.13 -2.00
CA ILE A 15 -36.92 7.55 -1.34
C ILE A 15 -37.15 8.28 -0.02
N ASN A 16 -38.34 8.86 0.13
CA ASN A 16 -38.72 9.54 1.35
C ASN A 16 -39.71 8.70 2.13
N LEU A 17 -39.24 8.07 3.20
CA LEU A 17 -40.09 7.17 3.96
C LEU A 17 -40.62 7.83 5.22
N PRO A 18 -41.96 8.02 5.29
CA PRO A 18 -42.60 8.63 6.45
C PRO A 18 -42.42 7.77 7.70
N LEU A 19 -42.26 8.44 8.84
CA LEU A 19 -41.98 7.78 10.09
C LEU A 19 -43.19 7.90 11.02
N THR A 20 -43.25 7.07 12.05
CA THR A 20 -44.38 7.11 12.99
C THR A 20 -44.17 8.19 14.06
N GLU A 21 -43.00 8.17 14.70
CA GLU A 21 -42.66 9.11 15.76
C GLU A 21 -41.15 9.43 15.81
N PRO A 22 -40.77 10.64 15.35
CA PRO A 22 -39.38 11.09 15.38
C PRO A 22 -38.95 11.54 16.78
N ALA A 31 -39.40 13.10 10.91
CA ALA A 31 -40.69 12.97 10.23
C ALA A 31 -40.59 12.17 8.92
N VAL A 32 -39.47 12.30 8.22
CA VAL A 32 -39.21 11.56 6.98
C VAL A 32 -37.76 11.03 6.99
N ALA A 33 -37.59 9.76 6.65
CA ALA A 33 -36.26 9.22 6.32
C ALA A 33 -35.94 9.54 4.87
N ALA A 34 -35.23 10.64 4.64
CA ALA A 34 -34.81 11.04 3.31
C ALA A 34 -33.61 10.20 2.87
N ASN A 35 -33.90 9.04 2.28
CA ASN A 35 -32.91 8.05 1.91
C ASN A 35 -32.80 7.91 0.39
N VAL A 36 -31.90 7.03 -0.07
CA VAL A 36 -31.69 6.78 -1.49
C VAL A 36 -31.68 5.27 -1.81
N LEU A 37 -32.51 4.90 -2.79
CA LEU A 37 -32.54 3.52 -3.30
C LEU A 37 -31.55 3.37 -4.45
N VAL A 38 -30.63 2.44 -4.27
CA VAL A 38 -29.62 2.11 -5.28
C VAL A 38 -30.02 0.81 -5.97
N LYS A 39 -29.99 0.83 -7.31
CA LYS A 39 -30.22 -0.37 -8.13
C LYS A 39 -29.01 -0.65 -9.00
N VAL A 40 -28.53 -1.89 -8.98
CA VAL A 40 -27.57 -2.33 -10.01
C VAL A 40 -28.16 -3.50 -10.81
N GLN A 41 -28.02 -3.42 -12.12
CA GLN A 41 -28.55 -4.46 -12.98
C GLN A 41 -27.43 -5.13 -13.76
N LEU A 42 -27.45 -6.46 -13.71
CA LEU A 42 -26.49 -7.24 -14.45
C LEU A 42 -27.04 -7.53 -15.85
N ALA A 43 -26.13 -7.81 -16.78
CA ALA A 43 -26.49 -8.15 -18.17
C ALA A 43 -27.50 -9.30 -18.28
N ASP A 44 -27.39 -10.28 -17.38
CA ASP A 44 -28.35 -11.39 -17.33
C ASP A 44 -29.72 -11.04 -16.72
N GLY A 45 -29.88 -9.79 -16.29
CA GLY A 45 -31.15 -9.29 -15.80
C GLY A 45 -31.36 -9.44 -14.30
N THR A 46 -30.40 -10.04 -13.62
CA THR A 46 -30.46 -10.11 -12.15
C THR A 46 -30.22 -8.71 -11.59
N LEU A 47 -31.13 -8.29 -10.71
CA LEU A 47 -31.08 -6.97 -10.14
C LEU A 47 -30.65 -7.03 -8.67
N GLY A 48 -29.75 -6.13 -8.30
CA GLY A 48 -29.31 -5.97 -6.91
C GLY A 48 -29.71 -4.63 -6.30
N LEU A 49 -30.25 -4.68 -5.09
CA LEU A 49 -30.75 -3.47 -4.40
C LEU A 49 -29.95 -3.11 -3.17
N GLY A 50 -29.57 -1.84 -3.09
CA GLY A 50 -28.94 -1.26 -1.90
C GLY A 50 -29.60 0.02 -1.46
N GLU A 51 -29.38 0.40 -0.20
CA GLU A 51 -30.02 1.59 0.37
C GLU A 51 -28.94 2.47 0.99
N ALA A 52 -28.98 3.75 0.68
CA ALA A 52 -28.15 4.73 1.35
C ALA A 52 -29.02 5.55 2.33
N ALA A 53 -28.65 5.51 3.62
CA ALA A 53 -29.34 6.29 4.66
C ALA A 53 -28.46 7.38 5.33
N PRO A 54 -28.18 8.50 4.63
CA PRO A 54 -27.42 9.57 5.26
C PRO A 54 -28.15 10.27 6.43
N PHE A 55 -27.45 10.43 7.53
CA PHE A 55 -27.99 11.15 8.67
C PHE A 55 -27.14 12.40 8.92
N PRO A 56 -27.68 13.58 8.57
CA PRO A 56 -26.95 14.85 8.50
C PRO A 56 -26.53 15.54 9.80
N ALA A 57 -26.56 14.83 10.93
CA ALA A 57 -26.17 15.40 12.23
C ALA A 57 -24.71 15.87 12.29
N VAL A 58 -24.53 17.12 12.70
CA VAL A 58 -23.23 17.78 12.69
C VAL A 58 -22.62 17.78 11.30
N SER A 59 -21.58 16.96 11.13
CA SER A 59 -20.75 16.96 9.92
C SER A 59 -21.19 15.82 8.99
N GLY A 60 -22.46 15.86 8.60
CA GLY A 60 -23.07 14.73 7.94
C GLY A 60 -23.33 14.85 6.46
N GLU A 61 -23.84 13.75 5.93
CA GLU A 61 -24.19 13.59 4.54
C GLU A 61 -25.68 13.91 4.36
N THR A 62 -26.09 14.25 3.15
CA THR A 62 -27.48 14.58 2.83
C THR A 62 -27.97 13.60 1.78
N GLN A 63 -29.30 13.46 1.63
CA GLN A 63 -29.89 12.67 0.54
C GLN A 63 -29.42 13.20 -0.84
N THR A 64 -29.42 14.52 -0.98
CA THR A 64 -29.04 15.21 -2.21
C THR A 64 -27.55 15.05 -2.57
N GLY A 65 -26.67 15.24 -1.58
CA GLY A 65 -25.24 14.94 -1.72
C GLY A 65 -24.94 13.47 -2.00
N THR A 66 -25.78 12.60 -1.46
CA THR A 66 -25.64 11.16 -1.64
C THR A 66 -25.97 10.68 -3.07
N SER A 67 -27.09 11.14 -3.62
CA SER A 67 -27.52 10.79 -4.97
C SER A 67 -26.49 11.26 -6.00
N ALA A 68 -25.97 12.47 -5.78
CA ALA A 68 -24.97 13.08 -6.65
C ALA A 68 -23.65 12.31 -6.64
N ALA A 69 -23.29 11.77 -5.48
CA ALA A 69 -22.12 10.91 -5.33
C ALA A 69 -22.25 9.61 -6.11
N ILE A 70 -23.44 8.99 -6.03
CA ILE A 70 -23.76 7.76 -6.77
C ILE A 70 -23.73 7.99 -8.29
N GLU A 71 -24.18 9.17 -8.73
CA GLU A 71 -24.11 9.54 -10.14
C GLU A 71 -22.66 9.72 -10.61
N ARG A 72 -21.82 10.32 -9.76
CA ARG A 72 -20.39 10.43 -10.02
C ARG A 72 -19.69 9.07 -10.06
N LEU A 73 -20.13 8.15 -9.21
CA LEU A 73 -19.49 6.84 -9.10
C LEU A 73 -19.96 5.86 -10.16
N GLN A 74 -21.01 6.22 -10.89
CA GLN A 74 -21.61 5.40 -11.94
C GLN A 74 -20.63 5.01 -13.05
N SER A 75 -19.85 5.97 -13.54
CA SER A 75 -18.90 5.74 -14.64
C SER A 75 -17.78 4.79 -14.27
N HIS A 76 -17.59 4.60 -12.97
CA HIS A 76 -16.56 3.73 -12.43
C HIS A 76 -17.03 2.28 -12.28
N LEU A 77 -18.33 2.04 -12.46
CA LEU A 77 -18.88 0.69 -12.28
C LEU A 77 -19.61 0.16 -13.50
N LEU A 78 -20.07 1.04 -14.38
CA LEU A 78 -20.69 0.65 -15.63
C LEU A 78 -19.70 -0.14 -16.49
N GLY A 79 -20.13 -1.30 -16.95
CA GLY A 79 -19.30 -2.17 -17.79
C GLY A 79 -18.35 -3.08 -17.03
N ALA A 80 -18.30 -2.92 -15.71
CA ALA A 80 -17.41 -3.72 -14.90
C ALA A 80 -18.11 -4.99 -14.47
N ASP A 81 -17.30 -6.01 -14.22
CA ASP A 81 -17.73 -7.31 -13.76
C ASP A 81 -18.03 -7.21 -12.26
N VAL A 82 -19.27 -7.49 -11.87
CA VAL A 82 -19.65 -7.49 -10.45
C VAL A 82 -18.87 -8.55 -9.62
N ARG A 83 -18.23 -9.46 -10.34
CA ARG A 83 -17.44 -10.54 -9.75
C ARG A 83 -16.18 -10.06 -9.03
N GLY A 84 -15.68 -8.89 -9.41
CA GLY A 84 -14.58 -8.24 -8.71
C GLY A 84 -15.08 -7.32 -7.61
N TRP A 85 -16.11 -7.78 -6.90
CA TRP A 85 -16.84 -6.98 -5.90
C TRP A 85 -15.95 -6.26 -4.90
N ARG A 86 -14.89 -6.94 -4.47
CA ARG A 86 -13.99 -6.41 -3.46
CA ARG A 86 -13.98 -6.43 -3.46
C ARG A 86 -13.06 -5.36 -4.05
N LYS A 87 -12.69 -5.53 -5.31
CA LYS A 87 -11.85 -4.57 -6.02
C LYS A 87 -12.62 -3.28 -6.29
N LEU A 88 -13.89 -3.43 -6.67
CA LEU A 88 -14.77 -2.31 -6.96
C LEU A 88 -15.11 -1.51 -5.70
N ALA A 89 -15.35 -2.22 -4.60
CA ALA A 89 -15.57 -1.60 -3.28
C ALA A 89 -14.38 -0.76 -2.85
N ALA A 90 -13.18 -1.22 -3.18
CA ALA A 90 -11.95 -0.50 -2.87
C ALA A 90 -11.78 0.77 -3.68
N MET A 91 -12.12 0.71 -4.98
CA MET A 91 -11.97 1.89 -5.84
C MET A 91 -13.04 2.98 -5.63
N LEU A 92 -14.25 2.59 -5.26
CA LEU A 92 -15.28 3.51 -4.74
C LEU A 92 -14.77 4.26 -3.52
N ASP A 93 -14.11 3.52 -2.62
CA ASP A 93 -13.58 4.09 -1.38
C ASP A 93 -12.40 5.04 -1.64
N HIS A 94 -11.63 4.76 -2.68
CA HIS A 94 -10.51 5.61 -3.06
C HIS A 94 -10.99 6.89 -3.75
N ALA A 95 -12.01 6.78 -4.58
CA ALA A 95 -12.59 7.92 -5.29
C ALA A 95 -13.50 8.82 -4.44
N GLU A 96 -14.27 8.23 -3.52
CA GLU A 96 -15.28 9.02 -2.82
C GLU A 96 -15.45 8.55 -1.38
N HIS A 97 -14.39 8.68 -0.57
CA HIS A 97 -14.33 8.14 0.79
C HIS A 97 -15.36 8.72 1.76
N GLU A 98 -15.61 10.01 1.57
CA GLU A 98 -16.46 10.80 2.46
CA GLU A 98 -16.46 10.82 2.43
C GLU A 98 -17.96 10.50 2.27
N ALA A 99 -18.33 9.93 1.12
CA ALA A 99 -19.72 9.59 0.83
C ALA A 99 -20.07 8.18 1.29
N ALA A 100 -19.96 7.94 2.59
CA ALA A 100 -20.06 6.59 3.18
C ALA A 100 -21.38 5.89 2.90
N ALA A 101 -22.47 6.64 3.00
CA ALA A 101 -23.81 6.14 2.74
C ALA A 101 -23.95 5.74 1.28
N ALA A 102 -23.44 6.58 0.38
CA ALA A 102 -23.45 6.29 -1.06
C ALA A 102 -22.69 4.99 -1.38
N ARG A 103 -21.48 4.87 -0.85
CA ARG A 103 -20.69 3.66 -1.05
C ARG A 103 -21.33 2.43 -0.38
N CYS A 104 -21.90 2.62 0.79
CA CYS A 104 -22.66 1.52 1.43
C CYS A 104 -23.79 0.96 0.54
N GLY A 105 -24.64 1.85 0.02
CA GLY A 105 -25.78 1.42 -0.83
C GLY A 105 -25.30 0.70 -2.10
N LEU A 106 -24.24 1.25 -2.70
CA LEU A 106 -23.59 0.68 -3.88
C LEU A 106 -22.97 -0.68 -3.58
N GLU A 107 -22.27 -0.79 -2.44
CA GLU A 107 -21.72 -2.08 -2.02
C GLU A 107 -22.82 -3.08 -1.71
N MET A 108 -23.90 -2.62 -1.08
CA MET A 108 -25.03 -3.52 -0.78
C MET A 108 -25.64 -4.06 -2.05
N ALA A 109 -25.78 -3.17 -3.04
CA ALA A 109 -26.39 -3.49 -4.33
C ALA A 109 -25.55 -4.50 -5.09
N MET A 110 -24.25 -4.24 -5.19
CA MET A 110 -23.33 -5.13 -5.88
C MET A 110 -23.29 -6.53 -5.27
N LEU A 111 -23.25 -6.61 -3.94
CA LEU A 111 -23.26 -7.92 -3.27
C LEU A 111 -24.59 -8.66 -3.41
N ASP A 112 -25.68 -7.91 -3.38
CA ASP A 112 -27.00 -8.46 -3.63
C ASP A 112 -27.07 -9.08 -5.03
N ALA A 113 -26.51 -8.36 -6.02
CA ALA A 113 -26.48 -8.82 -7.38
C ALA A 113 -25.64 -10.09 -7.48
N LEU A 114 -24.43 -10.05 -6.91
CA LEU A 114 -23.51 -11.18 -6.94
C LEU A 114 -24.14 -12.45 -6.41
N THR A 115 -24.73 -12.35 -5.22
CA THR A 115 -25.27 -13.53 -4.57
C THR A 115 -26.59 -14.03 -5.17
N ARG A 116 -27.42 -13.09 -5.65
CA ARG A 116 -28.64 -13.45 -6.39
C ARG A 116 -28.34 -14.17 -7.70
N HIS A 117 -27.29 -13.72 -8.39
CA HIS A 117 -26.79 -14.38 -9.60
C HIS A 117 -26.43 -15.85 -9.37
N TYR A 118 -25.61 -16.12 -8.35
CA TYR A 118 -25.21 -17.50 -8.04
C TYR A 118 -26.23 -18.25 -7.15
N HIS A 119 -27.39 -17.63 -6.92
CA HIS A 119 -28.52 -18.22 -6.15
C HIS A 119 -28.20 -18.50 -4.68
N MET A 120 -27.30 -17.70 -4.12
CA MET A 120 -26.83 -17.88 -2.76
C MET A 120 -27.42 -16.81 -1.84
N PRO A 121 -27.98 -17.23 -0.68
CA PRO A 121 -28.36 -16.27 0.36
C PRO A 121 -27.15 -15.45 0.84
N LEU A 122 -27.37 -14.17 1.14
CA LEU A 122 -26.27 -13.37 1.67
C LEU A 122 -25.81 -13.87 3.02
N HIS A 123 -26.71 -14.38 3.84
CA HIS A 123 -26.31 -14.95 5.12
C HIS A 123 -25.43 -16.21 5.02
N VAL A 124 -25.54 -16.94 3.91
CA VAL A 124 -24.66 -18.09 3.61
C VAL A 124 -23.30 -17.60 3.08
N PHE A 125 -23.32 -16.55 2.27
CA PHE A 125 -22.11 -15.92 1.75
C PHE A 125 -21.21 -15.35 2.86
N PHE A 126 -21.84 -14.80 3.91
CA PHE A 126 -21.10 -14.23 5.03
C PHE A 126 -20.70 -15.26 6.11
N GLY A 127 -21.18 -16.50 5.99
CA GLY A 127 -20.80 -17.55 6.92
C GLY A 127 -21.79 -18.64 7.32
N GLY A 128 -23.08 -18.35 7.21
CA GLY A 128 -24.13 -19.37 7.40
C GLY A 128 -24.42 -19.85 8.82
N VAL A 129 -23.99 -19.08 9.81
CA VAL A 129 -24.08 -19.49 11.21
C VAL A 129 -25.53 -19.54 11.74
N SER A 130 -26.32 -18.52 11.44
CA SER A 130 -27.74 -18.52 11.86
C SER A 130 -28.65 -17.93 10.78
N LYS A 131 -29.96 -18.10 10.99
CA LYS A 131 -30.97 -17.47 10.14
C LYS A 131 -31.90 -16.63 11.00
N GLN A 132 -31.43 -16.27 12.19
CA GLN A 132 -32.30 -15.65 13.19
C GLN A 132 -31.52 -14.77 14.16
N LEU A 133 -32.11 -13.61 14.41
CA LEU A 133 -31.55 -12.62 15.31
C LEU A 133 -32.64 -12.16 16.25
N GLU A 134 -32.24 -11.76 17.45
CA GLU A 134 -33.18 -11.25 18.41
C GLU A 134 -32.83 -9.78 18.64
N THR A 135 -33.69 -8.90 18.15
CA THR A 135 -33.45 -7.46 18.24
C THR A 135 -34.11 -6.81 19.44
N ASP A 136 -33.51 -5.72 19.88
CA ASP A 136 -34.14 -4.84 20.86
C ASP A 136 -35.12 -3.89 20.18
N MET A 137 -35.73 -3.02 20.99
CA MET A 137 -36.51 -1.91 20.48
C MET A 137 -36.24 -0.69 21.34
N THR A 138 -36.26 0.47 20.70
CA THR A 138 -35.88 1.73 21.33
C THR A 138 -37.11 2.48 21.88
N ILE A 139 -36.94 3.06 23.07
CA ILE A 139 -37.88 4.02 23.65
C ILE A 139 -37.64 5.44 23.10
N THR A 140 -38.73 6.09 22.69
CA THR A 140 -38.68 7.40 22.04
C THR A 140 -38.22 8.52 22.98
N ALA A 141 -39.14 9.08 23.77
CA ALA A 141 -38.82 10.14 24.75
C ALA A 141 -39.91 10.30 25.81
N GLY A 142 -40.75 11.33 25.63
CA GLY A 142 -41.83 11.65 26.55
C GLY A 142 -41.34 12.26 27.86
N ASP A 143 -41.46 11.49 28.92
CA ASP A 143 -40.97 11.86 30.25
C ASP A 143 -40.67 10.56 31.00
N GLU A 144 -40.81 10.56 32.33
CA GLU A 144 -40.66 9.33 33.10
C GLU A 144 -41.94 8.46 33.02
N VAL A 145 -43.08 9.12 32.81
CA VAL A 145 -44.37 8.45 32.71
C VAL A 145 -44.51 7.73 31.37
N HIS A 146 -44.25 8.44 30.28
CA HIS A 146 -44.32 7.88 28.92
C HIS A 146 -43.29 6.78 28.65
N ALA A 147 -42.15 6.85 29.32
CA ALA A 147 -41.09 5.85 29.15
C ALA A 147 -41.45 4.53 29.82
N ALA A 148 -42.16 4.59 30.95
CA ALA A 148 -42.67 3.39 31.61
C ALA A 148 -43.72 2.69 30.74
N ALA A 149 -44.58 3.51 30.11
CA ALA A 149 -45.61 3.05 29.17
C ALA A 149 -45.00 2.44 27.91
N SER A 150 -43.91 3.03 27.40
CA SER A 150 -43.19 2.49 26.24
C SER A 150 -42.52 1.17 26.58
N ALA A 151 -41.91 1.10 27.76
CA ALA A 151 -41.30 -0.12 28.29
C ALA A 151 -42.29 -1.28 28.32
N LYS A 152 -43.47 -1.03 28.86
CA LYS A 152 -44.55 -2.03 28.86
C LYS A 152 -45.02 -2.36 27.43
N ALA A 153 -45.12 -1.34 26.57
CA ALA A 153 -45.58 -1.57 25.20
C ALA A 153 -44.59 -2.47 24.42
N ILE A 154 -43.29 -2.27 24.62
CA ILE A 154 -42.26 -3.11 23.97
C ILE A 154 -42.32 -4.58 24.38
N LEU A 155 -42.40 -4.84 25.68
CA LEU A 155 -42.47 -6.21 26.18
C LEU A 155 -43.78 -6.94 25.84
N ALA A 156 -44.84 -6.17 25.63
CA ALA A 156 -46.13 -6.73 25.19
C ALA A 156 -46.10 -7.20 23.73
N ARG A 157 -45.16 -6.65 22.95
CA ARG A 157 -44.95 -7.05 21.55
C ARG A 157 -44.17 -8.36 21.40
N GLY A 158 -43.66 -8.90 22.51
CA GLY A 158 -42.84 -10.11 22.48
C GLY A 158 -41.37 -9.86 22.20
N ILE A 159 -40.89 -8.65 22.54
CA ILE A 159 -39.50 -8.25 22.38
C ILE A 159 -38.80 -8.31 23.75
N LYS A 160 -37.71 -9.09 23.83
CA LYS A 160 -37.01 -9.37 25.09
C LYS A 160 -36.27 -8.19 25.73
N SER A 161 -35.45 -7.49 24.94
CA SER A 161 -34.60 -6.42 25.45
C SER A 161 -35.00 -5.07 24.85
N ILE A 162 -34.73 -4.01 25.59
CA ILE A 162 -35.06 -2.68 25.12
C ILE A 162 -33.83 -1.75 25.06
N LYS A 163 -33.86 -0.78 24.15
CA LYS A 163 -32.81 0.23 24.09
C LYS A 163 -33.38 1.57 24.53
N VAL A 164 -32.67 2.26 25.42
CA VAL A 164 -33.08 3.59 25.84
C VAL A 164 -32.00 4.64 25.55
N LYS A 165 -32.41 5.73 24.92
CA LYS A 165 -31.55 6.89 24.71
C LYS A 165 -31.61 7.80 25.94
N THR A 166 -30.45 8.22 26.44
CA THR A 166 -30.38 9.23 27.51
C THR A 166 -29.55 10.41 27.04
N ALA A 167 -29.76 11.57 27.66
CA ALA A 167 -29.07 12.79 27.27
C ALA A 167 -27.71 12.95 27.93
N GLY A 168 -27.56 12.41 29.14
CA GLY A 168 -26.27 12.38 29.84
C GLY A 168 -25.84 13.65 30.54
N VAL A 169 -26.65 14.71 30.43
CA VAL A 169 -26.34 15.97 31.10
C VAL A 169 -26.82 15.99 32.55
N ASP A 170 -27.83 15.16 32.84
CA ASP A 170 -28.46 15.14 34.16
C ASP A 170 -28.62 13.71 34.67
N VAL A 171 -27.64 13.28 35.47
CA VAL A 171 -27.57 11.91 36.03
C VAL A 171 -28.86 11.52 36.73
N ALA A 172 -29.36 12.43 37.58
CA ALA A 172 -30.57 12.22 38.35
C ALA A 172 -31.80 11.95 37.49
N TYR A 173 -32.02 12.78 36.47
CA TYR A 173 -33.14 12.56 35.54
C TYR A 173 -33.00 11.28 34.74
N ASP A 174 -31.79 11.03 34.22
CA ASP A 174 -31.47 9.81 33.48
C ASP A 174 -31.79 8.57 34.30
N LEU A 175 -31.28 8.53 35.53
CA LEU A 175 -31.54 7.43 36.47
C LEU A 175 -33.02 7.21 36.72
N ALA A 176 -33.75 8.30 36.95
CA ALA A 176 -35.19 8.28 37.19
C ALA A 176 -35.96 7.67 36.01
N ARG A 177 -35.49 7.96 34.79
CA ARG A 177 -36.04 7.34 33.58
C ARG A 177 -35.77 5.84 33.57
N LEU A 178 -34.55 5.45 33.95
CA LEU A 178 -34.18 4.04 34.00
C LEU A 178 -34.95 3.26 35.07
N ARG A 179 -35.04 3.82 36.27
CA ARG A 179 -35.82 3.24 37.36
C ARG A 179 -37.22 2.86 36.90
N ALA A 180 -37.93 3.84 36.35
CA ALA A 180 -39.29 3.67 35.84
C ALA A 180 -39.36 2.53 34.84
N ILE A 181 -38.48 2.59 33.83
CA ILE A 181 -38.42 1.61 32.77
C ILE A 181 -38.13 0.21 33.29
N HIS A 182 -37.16 0.09 34.20
CA HIS A 182 -36.84 -1.20 34.82
C HIS A 182 -38.01 -1.73 35.67
N GLN A 183 -38.67 -0.82 36.40
CA GLN A 183 -39.84 -1.18 37.23
C GLN A 183 -41.00 -1.68 36.37
N ALA A 184 -41.20 -1.03 35.21
CA ALA A 184 -42.29 -1.36 34.27
C ALA A 184 -42.01 -2.60 33.44
N ALA A 185 -40.73 -2.82 33.13
CA ALA A 185 -40.28 -3.94 32.33
C ALA A 185 -39.13 -4.61 33.08
N PRO A 186 -39.45 -5.64 33.88
CA PRO A 186 -38.57 -6.15 34.93
C PRO A 186 -37.53 -7.18 34.50
N THR A 187 -37.90 -8.03 33.54
CA THR A 187 -37.00 -9.07 33.02
C THR A 187 -36.27 -8.63 31.75
N ALA A 188 -36.39 -7.36 31.39
CA ALA A 188 -35.76 -6.84 30.16
C ALA A 188 -34.29 -6.48 30.38
N PRO A 189 -33.37 -7.10 29.61
CA PRO A 189 -32.02 -6.54 29.57
C PRO A 189 -32.14 -5.13 29.02
N LEU A 190 -31.38 -4.20 29.58
CA LEU A 190 -31.45 -2.80 29.18
C LEU A 190 -30.18 -2.31 28.50
N ILE A 191 -30.28 -1.89 27.24
CA ILE A 191 -29.16 -1.22 26.59
C ILE A 191 -29.37 0.31 26.59
N VAL A 192 -28.39 1.01 27.13
CA VAL A 192 -28.51 2.45 27.32
C VAL A 192 -27.57 3.20 26.40
N ASP A 193 -28.15 3.99 25.50
CA ASP A 193 -27.41 4.82 24.56
C ASP A 193 -27.24 6.19 25.18
N GLY A 194 -26.02 6.49 25.62
CA GLY A 194 -25.71 7.78 26.25
C GLY A 194 -25.54 8.90 25.26
N ASN A 195 -25.37 8.53 23.99
CA ASN A 195 -25.24 9.44 22.85
C ASN A 195 -24.23 10.57 23.02
N CYS A 196 -23.04 10.21 23.55
CA CYS A 196 -21.92 11.14 23.74
C CYS A 196 -22.16 12.24 24.79
N GLY A 197 -23.19 12.08 25.61
CA GLY A 197 -23.65 13.14 26.50
C GLY A 197 -23.05 13.23 27.88
N TYR A 198 -22.50 12.11 28.37
CA TYR A 198 -21.85 12.05 29.68
C TYR A 198 -20.39 12.50 29.59
N ASP A 199 -19.80 12.81 30.76
CA ASP A 199 -18.35 12.81 30.93
C ASP A 199 -18.01 11.64 31.86
N VAL A 200 -16.74 11.48 32.25
CA VAL A 200 -16.33 10.33 33.07
C VAL A 200 -17.07 10.26 34.42
N GLU A 201 -17.06 11.36 35.17
CA GLU A 201 -17.70 11.40 36.48
C GLU A 201 -19.20 11.06 36.40
N ARG A 202 -19.93 11.74 35.50
CA ARG A 202 -21.34 11.46 35.27
C ARG A 202 -21.62 10.05 34.75
N ALA A 203 -20.73 9.50 33.93
CA ALA A 203 -20.90 8.13 33.44
C ALA A 203 -20.69 7.12 34.54
N LEU A 204 -19.66 7.33 35.35
CA LEU A 204 -19.35 6.42 36.46
C LEU A 204 -20.42 6.49 37.55
N ALA A 205 -20.87 7.70 37.88
CA ALA A 205 -21.92 7.89 38.90
C ALA A 205 -23.25 7.29 38.45
N PHE A 206 -23.51 7.37 37.14
CA PHE A 206 -24.68 6.73 36.53
C PHE A 206 -24.61 5.21 36.65
N CYS A 207 -23.45 4.64 36.34
CA CYS A 207 -23.21 3.19 36.44
C CYS A 207 -23.24 2.67 37.88
N ALA A 208 -22.58 3.41 38.78
CA ALA A 208 -22.53 3.05 40.20
C ALA A 208 -23.93 2.93 40.78
N ALA A 209 -24.82 3.86 40.41
CA ALA A 209 -26.20 3.85 40.88
C ALA A 209 -26.99 2.70 40.29
N CYS A 210 -26.78 2.42 38.99
CA CYS A 210 -27.37 1.25 38.34
C CYS A 210 -26.98 -0.05 39.03
N LYS A 211 -25.69 -0.17 39.37
CA LYS A 211 -25.19 -1.35 40.08
C LYS A 211 -25.79 -1.44 41.48
N ALA A 212 -25.82 -0.31 42.20
CA ALA A 212 -26.33 -0.22 43.57
C ALA A 212 -27.82 -0.57 43.67
N GLU A 213 -28.58 -0.16 42.65
CA GLU A 213 -30.01 -0.43 42.60
C GLU A 213 -30.32 -1.73 41.87
N SER A 214 -29.26 -2.44 41.47
CA SER A 214 -29.37 -3.59 40.56
C SER A 214 -30.25 -3.36 39.31
N ILE A 215 -30.06 -2.19 38.67
CA ILE A 215 -30.68 -1.87 37.39
C ILE A 215 -29.94 -2.63 36.29
N PRO A 216 -30.65 -3.45 35.50
CA PRO A 216 -30.00 -4.39 34.58
C PRO A 216 -29.59 -3.77 33.23
N MET A 217 -28.80 -2.72 33.28
CA MET A 217 -28.09 -2.24 32.11
C MET A 217 -27.06 -3.31 31.68
N VAL A 218 -27.18 -3.86 30.47
CA VAL A 218 -26.20 -4.83 29.97
C VAL A 218 -25.24 -4.21 28.95
N LEU A 219 -25.46 -2.94 28.62
CA LEU A 219 -24.59 -2.21 27.67
C LEU A 219 -24.78 -0.71 27.82
N PHE A 220 -23.67 -0.01 27.96
CA PHE A 220 -23.63 1.45 28.02
C PHE A 220 -22.99 1.92 26.75
N GLU A 221 -23.83 2.43 25.84
CA GLU A 221 -23.42 2.69 24.48
C GLU A 221 -22.96 4.10 24.31
N GLN A 222 -21.72 4.25 23.85
CA GLN A 222 -21.09 5.55 23.55
C GLN A 222 -21.51 6.69 24.51
N PRO A 223 -21.09 6.59 25.80
CA PRO A 223 -21.54 7.56 26.79
C PRO A 223 -20.84 8.90 26.63
N LEU A 224 -19.61 8.87 26.12
CA LEU A 224 -18.76 10.04 26.03
C LEU A 224 -18.53 10.42 24.56
N PRO A 225 -18.06 11.66 24.30
CA PRO A 225 -17.75 11.97 22.90
C PRO A 225 -16.60 11.12 22.35
N ARG A 226 -16.58 10.94 21.03
CA ARG A 226 -15.54 10.19 20.34
C ARG A 226 -14.13 10.63 20.75
N GLU A 227 -13.95 11.94 20.87
CA GLU A 227 -12.63 12.53 21.11
C GLU A 227 -12.09 12.29 22.51
N ASP A 228 -12.98 12.01 23.47
CA ASP A 228 -12.51 11.62 24.79
C ASP A 228 -12.18 10.14 24.82
N TRP A 229 -11.10 9.79 24.10
CA TRP A 229 -10.59 8.43 24.03
C TRP A 229 -10.20 7.90 25.42
N ALA A 230 -9.52 8.73 26.21
CA ALA A 230 -9.05 8.35 27.54
C ALA A 230 -10.22 8.10 28.49
N GLY A 231 -11.18 9.03 28.46
CA GLY A 231 -12.39 8.92 29.25
C GLY A 231 -13.26 7.72 28.95
N MET A 232 -13.35 7.39 27.66
CA MET A 232 -14.04 6.21 27.16
C MET A 232 -13.40 4.94 27.71
N ALA A 233 -12.06 4.92 27.69
CA ALA A 233 -11.27 3.81 28.21
C ALA A 233 -11.45 3.64 29.72
N GLN A 234 -11.49 4.77 30.42
CA GLN A 234 -11.66 4.79 31.86
C GLN A 234 -13.03 4.24 32.29
N VAL A 235 -14.09 4.63 31.59
CA VAL A 235 -15.44 4.09 31.79
C VAL A 235 -15.49 2.59 31.46
N THR A 236 -14.83 2.20 30.37
CA THR A 236 -14.75 0.79 30.00
C THR A 236 -14.06 -0.05 31.08
N ALA A 237 -12.97 0.47 31.61
CA ALA A 237 -12.14 -0.26 32.57
C ALA A 237 -12.79 -0.37 33.94
N GLN A 238 -13.40 0.72 34.40
CA GLN A 238 -13.79 0.88 35.81
C GLN A 238 -15.27 0.67 36.15
N SER A 239 -16.16 0.89 35.17
CA SER A 239 -17.59 1.02 35.45
C SER A 239 -18.28 -0.27 35.86
N GLY A 240 -17.75 -1.41 35.39
CA GLY A 240 -18.33 -2.71 35.66
C GLY A 240 -19.43 -3.05 34.68
N PHE A 241 -19.62 -2.19 33.68
CA PHE A 241 -20.54 -2.48 32.58
C PHE A 241 -19.82 -2.54 31.23
N ALA A 242 -20.29 -3.44 30.37
CA ALA A 242 -19.93 -3.47 28.97
C ALA A 242 -20.22 -2.12 28.31
N VAL A 243 -19.22 -1.56 27.63
CA VAL A 243 -19.36 -0.27 26.95
C VAL A 243 -19.28 -0.48 25.42
N ALA A 244 -20.18 0.14 24.65
CA ALA A 244 -20.15 -0.02 23.20
C ALA A 244 -19.56 1.21 22.52
N ALA A 245 -18.80 0.98 21.45
CA ALA A 245 -18.30 2.10 20.62
C ALA A 245 -19.17 2.23 19.37
N ASP A 246 -19.68 3.44 19.16
CA ASP A 246 -20.47 3.73 17.97
C ASP A 246 -19.69 4.77 17.18
N GLU A 247 -19.76 6.02 17.64
CA GLU A 247 -19.07 7.13 16.95
C GLU A 247 -17.54 7.00 17.00
N SER A 248 -17.05 6.31 18.03
CA SER A 248 -15.63 6.00 18.17
C SER A 248 -15.18 4.88 17.25
N ALA A 249 -16.15 4.21 16.62
CA ALA A 249 -15.85 3.09 15.75
C ALA A 249 -16.35 3.33 14.32
N ARG A 250 -15.66 4.19 13.56
CA ARG A 250 -16.13 4.44 12.19
C ARG A 250 -15.26 3.78 11.09
N SER A 251 -14.13 3.20 11.50
CA SER A 251 -13.19 2.56 10.57
C SER A 251 -12.51 1.40 11.25
N ALA A 252 -11.83 0.56 10.47
CA ALA A 252 -11.02 -0.53 11.02
C ALA A 252 -9.84 -0.01 11.84
N HIS A 253 -9.30 1.12 11.43
CA HIS A 253 -8.27 1.87 12.20
C HIS A 253 -8.78 2.26 13.60
N ASP A 254 -10.01 2.75 13.67
CA ASP A 254 -10.68 3.02 14.96
C ASP A 254 -10.75 1.75 15.79
N VAL A 255 -11.13 0.65 15.18
CA VAL A 255 -11.28 -0.64 15.93
C VAL A 255 -9.93 -1.21 16.46
N LEU A 256 -8.85 -1.06 15.67
CA LEU A 256 -7.51 -1.38 16.16
C LEU A 256 -7.12 -0.51 17.36
N ARG A 257 -7.38 0.79 17.27
CA ARG A 257 -7.18 1.67 18.42
C ARG A 257 -8.00 1.23 19.64
N ILE A 258 -9.29 0.96 19.44
CA ILE A 258 -10.15 0.51 20.54
C ILE A 258 -9.61 -0.73 21.25
N ALA A 259 -9.26 -1.75 20.47
CA ALA A 259 -8.61 -2.97 20.97
C ALA A 259 -7.35 -2.75 21.76
N ARG A 260 -6.55 -1.80 21.29
CA ARG A 260 -5.25 -1.47 21.87
C ARG A 260 -5.41 -0.72 23.19
N GLU A 261 -6.33 0.24 23.21
CA GLU A 261 -6.42 1.14 24.36
C GLU A 261 -7.53 0.74 25.33
N GLY A 262 -8.31 -0.27 24.96
CA GLY A 262 -9.49 -0.70 25.74
C GLY A 262 -10.48 0.44 25.79
N THR A 263 -10.73 1.05 24.63
CA THR A 263 -11.61 2.22 24.51
C THR A 263 -13.07 1.89 24.80
N ALA A 264 -13.47 0.67 24.44
CA ALA A 264 -14.82 0.16 24.66
C ALA A 264 -14.65 -1.35 24.69
N SER A 265 -15.69 -2.07 25.08
CA SER A 265 -15.60 -3.53 25.11
C SER A 265 -16.47 -4.18 24.06
N VAL A 266 -17.26 -3.36 23.36
CA VAL A 266 -18.21 -3.83 22.35
C VAL A 266 -18.12 -2.88 21.13
N ILE A 267 -18.23 -3.41 19.91
CA ILE A 267 -18.27 -2.52 18.66
C ILE A 267 -19.69 -2.57 18.07
N ASN A 268 -20.28 -1.39 17.93
CA ASN A 268 -21.54 -1.27 17.19
C ASN A 268 -21.22 -1.07 15.73
N ILE A 269 -21.44 -2.10 14.91
CA ILE A 269 -21.22 -2.02 13.46
CA ILE A 269 -21.22 -2.01 13.45
C ILE A 269 -22.40 -1.33 12.80
N LYS A 270 -22.12 -0.26 12.07
CA LYS A 270 -23.11 0.41 11.23
C LYS A 270 -22.56 0.46 9.84
N LEU A 271 -23.07 -0.41 8.98
CA LEU A 271 -22.53 -0.49 7.62
C LEU A 271 -22.66 0.83 6.90
N MET A 272 -23.69 1.62 7.22
CA MET A 272 -23.88 2.96 6.62
C MET A 272 -22.78 3.95 6.89
N LYS A 273 -22.04 3.72 7.97
CA LYS A 273 -20.98 4.64 8.38
C LYS A 273 -19.60 4.29 7.82
N ALA A 274 -19.35 3.02 7.53
CA ALA A 274 -18.03 2.57 7.04
C ALA A 274 -18.04 1.99 5.62
N GLY A 275 -19.22 1.59 5.14
CA GLY A 275 -19.30 0.68 3.99
C GLY A 275 -19.24 -0.76 4.47
N VAL A 276 -19.38 -1.68 3.53
CA VAL A 276 -19.43 -3.10 3.84
C VAL A 276 -18.03 -3.70 4.06
N ALA A 277 -17.14 -3.52 3.09
CA ALA A 277 -15.80 -4.07 3.15
C ALA A 277 -15.02 -3.62 4.40
N GLU A 278 -15.14 -2.34 4.73
CA GLU A 278 -14.55 -1.80 5.94
C GLU A 278 -15.17 -2.41 7.20
N GLY A 279 -16.50 -2.60 7.17
CA GLY A 279 -17.24 -3.20 8.30
C GLY A 279 -16.86 -4.63 8.56
N LEU A 280 -16.56 -5.34 7.47
CA LEU A 280 -16.05 -6.72 7.52
C LEU A 280 -14.70 -6.82 8.20
N LYS A 281 -13.84 -5.83 8.00
CA LYS A 281 -12.54 -5.80 8.67
CA LYS A 281 -12.53 -5.75 8.66
C LYS A 281 -12.71 -5.46 10.15
N MET A 282 -13.66 -4.57 10.48
CA MET A 282 -13.87 -4.14 11.87
C MET A 282 -14.39 -5.33 12.71
N ILE A 283 -15.28 -6.13 12.10
CA ILE A 283 -15.76 -7.38 12.69
C ILE A 283 -14.60 -8.32 13.03
N ALA A 284 -13.68 -8.53 12.07
CA ALA A 284 -12.59 -9.48 12.28
C ALA A 284 -11.60 -8.97 13.33
N ILE A 285 -11.38 -7.65 13.37
CA ILE A 285 -10.55 -7.08 14.44
C ILE A 285 -11.22 -7.31 15.81
N ALA A 286 -12.49 -6.94 15.90
CA ALA A 286 -13.31 -7.15 17.11
C ALA A 286 -13.27 -8.56 17.64
N GLN A 287 -13.57 -9.54 16.80
CA GLN A 287 -13.63 -10.94 17.19
C GLN A 287 -12.29 -11.48 17.65
N ALA A 288 -11.22 -10.94 17.07
CA ALA A 288 -9.86 -11.39 17.39
C ALA A 288 -9.37 -10.71 18.66
N ALA A 289 -9.83 -9.49 18.89
CA ALA A 289 -9.57 -8.81 20.16
C ALA A 289 -10.51 -9.28 21.29
N GLY A 290 -11.49 -10.13 20.96
CA GLY A 290 -12.48 -10.53 21.96
C GLY A 290 -13.37 -9.38 22.41
N LEU A 291 -13.65 -8.44 21.49
CA LEU A 291 -14.65 -7.43 21.75
C LEU A 291 -16.00 -8.00 21.32
N GLY A 292 -17.06 -7.58 22.01
CA GLY A 292 -18.43 -7.96 21.63
C GLY A 292 -18.86 -7.22 20.40
N LEU A 293 -19.83 -7.79 19.71
CA LEU A 293 -20.34 -7.18 18.48
C LEU A 293 -21.78 -6.82 18.67
N MET A 294 -22.09 -5.58 18.37
CA MET A 294 -23.45 -5.11 18.14
C MET A 294 -23.64 -4.74 16.68
N ILE A 295 -24.84 -4.95 16.16
CA ILE A 295 -25.24 -4.53 14.80
C ILE A 295 -26.41 -3.56 14.92
N GLY A 296 -26.25 -2.39 14.32
CA GLY A 296 -27.29 -1.37 14.29
C GLY A 296 -27.35 -0.69 12.93
N GLY A 297 -27.92 0.49 12.89
CA GLY A 297 -28.09 1.19 11.65
C GLY A 297 -28.40 2.63 11.93
N MET A 298 -28.67 3.37 10.86
CA MET A 298 -29.20 4.70 10.94
C MET A 298 -30.72 4.61 10.76
N VAL A 299 -31.34 5.65 10.22
CA VAL A 299 -32.76 5.59 9.93
C VAL A 299 -32.98 4.87 8.60
N GLU A 300 -33.11 3.55 8.71
CA GLU A 300 -33.04 2.64 7.56
C GLU A 300 -34.33 1.82 7.41
N SER A 301 -34.70 1.55 6.15
CA SER A 301 -35.83 0.71 5.84
C SER A 301 -35.47 -0.75 5.99
N ILE A 302 -36.45 -1.62 5.72
CA ILE A 302 -36.22 -3.05 5.71
C ILE A 302 -35.10 -3.49 4.75
N LEU A 303 -34.76 -2.66 3.77
CA LEU A 303 -33.69 -3.00 2.83
C LEU A 303 -32.28 -3.06 3.46
N ALA A 304 -31.81 -1.95 4.03
CA ALA A 304 -30.45 -1.89 4.60
C ALA A 304 -30.41 -2.79 5.85
N MET A 305 -31.50 -2.77 6.60
CA MET A 305 -31.61 -3.58 7.81
C MET A 305 -31.53 -5.07 7.56
N SER A 306 -32.11 -5.54 6.44
CA SER A 306 -32.10 -6.97 6.13
C SER A 306 -30.72 -7.41 5.64
N PHE A 307 -30.02 -6.50 4.97
CA PHE A 307 -28.63 -6.72 4.61
C PHE A 307 -27.77 -6.85 5.87
N SER A 308 -27.92 -5.91 6.80
CA SER A 308 -27.19 -5.95 8.07
C SER A 308 -27.50 -7.20 8.86
N ALA A 309 -28.78 -7.59 8.84
CA ALA A 309 -29.24 -8.85 9.44
C ALA A 309 -28.64 -10.09 8.78
N ASN A 310 -28.48 -10.07 7.47
CA ASN A 310 -27.82 -11.17 6.75
C ASN A 310 -26.36 -11.33 7.14
N LEU A 311 -25.71 -10.22 7.47
CA LEU A 311 -24.31 -10.22 7.88
C LEU A 311 -24.15 -10.70 9.31
N ALA A 312 -24.90 -10.07 10.22
CA ALA A 312 -24.84 -10.43 11.65
C ALA A 312 -25.13 -11.90 11.88
N ALA A 313 -26.20 -12.38 11.24
CA ALA A 313 -26.61 -13.77 11.37
C ALA A 313 -25.64 -14.72 10.66
N GLY A 314 -25.18 -14.30 9.47
CA GLY A 314 -24.29 -15.13 8.68
C GLY A 314 -22.91 -15.27 9.29
N ASN A 315 -22.30 -14.15 9.67
CA ASN A 315 -21.02 -14.15 10.37
C ASN A 315 -21.09 -14.91 11.70
N GLY A 316 -22.17 -14.71 12.45
CA GLY A 316 -22.22 -15.16 13.85
C GLY A 316 -21.58 -14.19 14.84
N GLY A 317 -21.77 -14.47 16.12
CA GLY A 317 -21.01 -13.81 17.18
C GLY A 317 -21.43 -12.42 17.64
N PHE A 318 -22.61 -11.96 17.20
CA PHE A 318 -23.15 -10.67 17.63
C PHE A 318 -24.01 -10.88 18.88
N ASP A 319 -23.70 -10.17 19.96
CA ASP A 319 -24.42 -10.37 21.21
C ASP A 319 -25.54 -9.37 21.33
N PHE A 320 -25.45 -8.31 20.54
CA PHE A 320 -26.43 -7.23 20.59
C PHE A 320 -26.95 -6.92 19.20
N ILE A 321 -28.28 -7.07 19.02
CA ILE A 321 -28.93 -6.79 17.74
C ILE A 321 -29.88 -5.60 17.93
N ASP A 322 -29.65 -4.55 17.16
CA ASP A 322 -30.37 -3.31 17.33
C ASP A 322 -30.89 -2.85 15.97
N LEU A 323 -31.82 -3.65 15.42
CA LEU A 323 -32.31 -3.47 14.06
C LEU A 323 -33.81 -3.24 13.99
N ASP A 324 -34.26 -2.13 14.58
CA ASP A 324 -35.66 -1.93 14.93
C ASP A 324 -36.34 -0.77 14.20
N THR A 325 -35.60 -0.10 13.32
CA THR A 325 -36.16 1.04 12.58
C THR A 325 -37.29 0.73 11.59
N PRO A 326 -37.31 -0.48 10.95
CA PRO A 326 -38.53 -0.87 10.23
C PRO A 326 -39.85 -0.74 11.00
N LEU A 327 -39.82 -0.93 12.32
CA LEU A 327 -41.01 -0.74 13.17
C LEU A 327 -41.44 0.73 13.32
N PHE A 328 -40.58 1.65 12.90
CA PHE A 328 -40.87 3.08 12.98
C PHE A 328 -41.20 3.71 11.63
N ILE A 329 -41.11 2.92 10.55
CA ILE A 329 -41.46 3.41 9.22
C ILE A 329 -42.95 3.16 8.95
N ALA A 330 -43.64 4.23 8.55
CA ALA A 330 -45.07 4.17 8.29
C ALA A 330 -45.38 3.38 7.03
N GLU A 331 -44.64 3.67 5.95
CA GLU A 331 -44.70 2.91 4.69
C GLU A 331 -43.42 3.02 3.83
N HIS A 332 -43.30 2.08 2.87
CA HIS A 332 -42.11 1.89 2.03
C HIS A 332 -42.46 1.05 0.79
N PRO A 333 -41.65 1.12 -0.29
CA PRO A 333 -41.92 0.34 -1.50
C PRO A 333 -41.29 -1.08 -1.58
N PHE A 334 -41.13 -1.76 -0.44
CA PHE A 334 -40.42 -3.06 -0.41
C PHE A 334 -41.21 -4.28 0.03
N ILE A 335 -40.81 -5.43 -0.51
CA ILE A 335 -41.33 -6.73 -0.09
C ILE A 335 -40.20 -7.70 0.21
N GLY A 336 -40.42 -8.58 1.18
CA GLY A 336 -39.44 -9.60 1.54
C GLY A 336 -38.52 -9.14 2.65
N GLY A 337 -37.26 -9.55 2.57
CA GLY A 337 -36.29 -9.22 3.61
C GLY A 337 -36.43 -10.14 4.79
N PHE A 338 -36.09 -9.65 5.98
CA PHE A 338 -36.33 -10.46 7.17
C PHE A 338 -37.82 -10.50 7.54
N ALA A 339 -38.15 -11.49 8.36
CA ALA A 339 -39.50 -11.74 8.81
C ALA A 339 -39.51 -11.55 10.32
N GLN A 340 -40.25 -10.55 10.78
CA GLN A 340 -40.27 -10.24 12.20
C GLN A 340 -41.51 -10.80 12.89
N THR A 341 -41.26 -11.55 13.97
CA THR A 341 -42.31 -11.96 14.88
C THR A 341 -41.81 -11.63 16.28
N GLY A 342 -42.48 -10.71 16.96
CA GLY A 342 -42.02 -10.18 18.23
C GLY A 342 -40.74 -9.38 18.06
N GLY A 343 -39.66 -9.86 18.67
CA GLY A 343 -38.35 -9.29 18.46
C GLY A 343 -37.45 -10.23 17.69
N THR A 344 -38.02 -11.31 17.18
CA THR A 344 -37.26 -12.27 16.39
C THR A 344 -37.25 -11.82 14.95
N LEU A 345 -36.04 -11.68 14.39
CA LEU A 345 -35.87 -11.44 12.95
C LEU A 345 -35.51 -12.78 12.32
N GLN A 346 -36.34 -13.24 11.39
CA GLN A 346 -36.16 -14.54 10.77
C GLN A 346 -35.79 -14.39 9.31
N LEU A 347 -34.69 -15.04 8.91
CA LEU A 347 -34.18 -15.03 7.54
C LEU A 347 -34.61 -16.29 6.81
N ALA A 348 -34.50 -16.27 5.48
CA ALA A 348 -35.08 -17.32 4.62
C ALA A 348 -34.08 -17.94 3.64
N ASP A 349 -34.44 -19.10 3.08
CA ASP A 349 -33.67 -19.77 2.01
C ASP A 349 -33.79 -19.04 0.67
N VAL A 350 -33.46 -17.77 0.69
CA VAL A 350 -33.69 -16.87 -0.42
C VAL A 350 -32.36 -16.24 -0.80
N ALA A 351 -32.09 -16.17 -2.10
CA ALA A 351 -30.85 -15.58 -2.62
C ALA A 351 -30.72 -14.08 -2.30
N GLY A 352 -29.48 -13.58 -2.18
CA GLY A 352 -29.25 -12.17 -1.85
C GLY A 352 -29.75 -11.80 -0.46
N HIS A 353 -30.24 -10.57 -0.30
CA HIS A 353 -30.88 -10.17 0.97
C HIS A 353 -32.39 -10.42 1.04
N GLY A 354 -32.99 -10.77 -0.09
CA GLY A 354 -34.41 -11.13 -0.14
C GLY A 354 -35.41 -9.99 -0.19
N VAL A 355 -34.90 -8.76 -0.26
CA VAL A 355 -35.75 -7.58 -0.32
C VAL A 355 -35.92 -7.19 -1.77
N ASN A 356 -37.17 -6.93 -2.17
CA ASN A 356 -37.48 -6.58 -3.55
C ASN A 356 -38.44 -5.41 -3.60
N LEU A 357 -38.54 -4.79 -4.77
CA LEU A 357 -39.51 -3.73 -5.01
C LEU A 357 -40.90 -4.27 -5.30
N GLU A 358 -41.91 -3.60 -4.76
CA GLU A 358 -43.32 -3.89 -5.02
C GLU A 358 -43.69 -3.82 -6.52
N GLY A 359 -44.67 -4.61 -6.92
CA GLY A 359 -45.10 -4.70 -8.31
C GLY A 359 -45.90 -3.53 -8.83
N HIS A 360 -47.21 -3.57 -8.58
CA HIS A 360 -48.20 -2.69 -9.25
C HIS A 360 -47.89 -1.20 -9.20
N SER B 2 -32.58 -33.61 5.95
CA SER B 2 -31.69 -33.75 4.76
C SER B 2 -32.18 -32.88 3.60
N LEU B 3 -31.29 -32.03 3.08
CA LEU B 3 -31.57 -31.22 1.89
C LEU B 3 -30.67 -31.57 0.68
N PRO B 4 -30.40 -30.59 -0.18
CA PRO B 4 -29.25 -30.71 -1.10
C PRO B 4 -27.85 -30.43 -0.52
N THR B 5 -27.77 -29.53 0.45
CA THR B 5 -26.49 -29.14 1.03
C THR B 5 -26.15 -29.87 2.34
N THR B 6 -26.94 -30.89 2.69
CA THR B 6 -26.67 -31.71 3.87
C THR B 6 -25.43 -32.57 3.58
N ILE B 7 -24.47 -32.57 4.51
CA ILE B 7 -23.27 -33.40 4.40
C ILE B 7 -23.65 -34.87 4.60
N GLN B 8 -23.48 -35.65 3.52
CA GLN B 8 -23.92 -37.04 3.44
C GLN B 8 -22.81 -38.05 3.72
N ALA B 9 -21.62 -37.78 3.19
CA ALA B 9 -20.48 -38.70 3.33
C ALA B 9 -19.14 -37.97 3.40
N ILE B 10 -18.32 -38.38 4.37
CA ILE B 10 -16.95 -37.86 4.52
C ILE B 10 -15.99 -39.05 4.45
N SER B 11 -14.92 -38.91 3.66
CA SER B 11 -13.86 -39.91 3.63
C SER B 11 -12.46 -39.31 3.78
N ALA B 12 -11.50 -40.16 4.11
CA ALA B 12 -10.10 -39.79 4.19
C ALA B 12 -9.28 -40.89 3.56
N GLU B 13 -8.43 -40.51 2.59
CA GLU B 13 -7.47 -41.46 2.04
C GLU B 13 -6.06 -40.89 2.07
N ALA B 14 -5.07 -41.77 2.23
CA ALA B 14 -3.67 -41.36 2.26
C ALA B 14 -3.13 -41.16 0.85
N ILE B 15 -2.46 -40.04 0.63
CA ILE B 15 -1.82 -39.76 -0.64
C ILE B 15 -0.33 -39.49 -0.44
N ASN B 16 0.49 -40.45 -0.86
CA ASN B 16 1.92 -40.34 -0.72
C ASN B 16 2.52 -39.75 -1.99
N LEU B 17 3.07 -38.54 -1.86
CA LEU B 17 3.56 -37.81 -3.01
C LEU B 17 5.07 -37.69 -2.98
N PRO B 18 5.76 -38.44 -3.87
CA PRO B 18 7.21 -38.40 -3.98
C PRO B 18 7.69 -37.03 -4.43
N LEU B 19 8.74 -36.54 -3.77
CA LEU B 19 9.31 -35.24 -4.13
C LEU B 19 10.44 -35.45 -5.10
N THR B 20 10.76 -34.39 -5.85
CA THR B 20 11.84 -34.45 -6.86
C THR B 20 13.19 -34.52 -6.17
N GLU B 21 13.31 -33.78 -5.07
CA GLU B 21 14.52 -33.73 -4.25
C GLU B 21 14.09 -33.58 -2.78
N PRO B 22 15.01 -33.83 -1.82
CA PRO B 22 14.72 -33.54 -0.41
C PRO B 22 14.28 -32.10 -0.17
N PHE B 23 13.15 -31.94 0.52
CA PHE B 23 12.63 -30.62 0.85
C PHE B 23 12.78 -30.33 2.34
N ALA B 24 13.63 -29.34 2.63
CA ALA B 24 13.86 -28.87 3.99
C ALA B 24 12.77 -27.88 4.38
N ILE B 25 12.12 -28.14 5.51
CA ILE B 25 11.07 -27.28 6.02
C ILE B 25 11.03 -27.33 7.55
N ALA B 26 10.80 -26.18 8.18
CA ALA B 26 10.74 -26.03 9.63
C ALA B 26 11.97 -26.60 10.35
N SER B 27 11.74 -27.57 11.24
CA SER B 27 12.82 -28.19 12.01
C SER B 27 13.39 -29.44 11.33
N GLY B 28 12.99 -29.69 10.09
CA GLY B 28 13.37 -30.92 9.42
C GLY B 28 13.43 -30.98 7.91
N ALA B 29 13.35 -32.20 7.39
CA ALA B 29 13.55 -32.49 5.99
C ALA B 29 12.67 -33.67 5.56
N GLN B 30 12.31 -33.70 4.29
CA GLN B 30 11.34 -34.66 3.78
C GLN B 30 11.66 -35.11 2.36
N ALA B 31 11.48 -36.40 2.08
CA ALA B 31 11.70 -36.97 0.75
C ALA B 31 10.40 -37.25 0.00
N VAL B 32 9.31 -37.38 0.76
CA VAL B 32 7.97 -37.67 0.23
C VAL B 32 6.96 -36.92 1.10
N ALA B 33 6.04 -36.18 0.49
CA ALA B 33 4.94 -35.58 1.23
C ALA B 33 3.85 -36.62 1.52
N ALA B 34 3.80 -37.05 2.77
CA ALA B 34 2.81 -38.03 3.23
C ALA B 34 1.54 -37.31 3.68
N ASN B 35 0.64 -37.10 2.71
CA ASN B 35 -0.51 -36.23 2.88
C ASN B 35 -1.86 -36.98 2.91
N VAL B 36 -2.93 -36.26 3.25
CA VAL B 36 -4.28 -36.84 3.34
C VAL B 36 -5.25 -36.12 2.39
N LEU B 37 -6.05 -36.90 1.68
CA LEU B 37 -7.09 -36.34 0.82
C LEU B 37 -8.46 -36.42 1.50
N VAL B 38 -9.12 -35.27 1.62
CA VAL B 38 -10.43 -35.15 2.25
C VAL B 38 -11.52 -35.02 1.18
N LYS B 39 -12.53 -35.88 1.27
CA LYS B 39 -13.73 -35.77 0.44
C LYS B 39 -14.94 -35.46 1.30
N VAL B 40 -15.71 -34.46 0.90
CA VAL B 40 -17.06 -34.25 1.46
C VAL B 40 -18.11 -34.38 0.36
N GLN B 41 -19.21 -35.05 0.70
CA GLN B 41 -20.25 -35.35 -0.27
C GLN B 41 -21.60 -34.83 0.20
N LEU B 42 -22.20 -33.97 -0.61
CA LEU B 42 -23.51 -33.41 -0.31
C LEU B 42 -24.63 -34.30 -0.85
N ALA B 43 -25.83 -34.14 -0.31
CA ALA B 43 -26.99 -34.96 -0.70
C ALA B 43 -27.37 -34.80 -2.18
N ASP B 44 -27.09 -33.63 -2.74
CA ASP B 44 -27.33 -33.37 -4.16
C ASP B 44 -26.20 -33.91 -5.05
N GLY B 45 -25.27 -34.65 -4.45
CA GLY B 45 -24.18 -35.29 -5.17
C GLY B 45 -22.95 -34.43 -5.34
N THR B 46 -22.94 -33.25 -4.73
CA THR B 46 -21.82 -32.31 -4.84
C THR B 46 -20.61 -32.82 -4.04
N LEU B 47 -19.44 -32.79 -4.69
CA LEU B 47 -18.19 -33.29 -4.10
C LEU B 47 -17.19 -32.16 -3.85
N GLY B 48 -16.75 -32.06 -2.60
CA GLY B 48 -15.69 -31.14 -2.21
C GLY B 48 -14.41 -31.92 -1.99
N LEU B 49 -13.27 -31.34 -2.38
CA LEU B 49 -11.96 -31.93 -2.14
C LEU B 49 -11.08 -31.01 -1.31
N GLY B 50 -10.42 -31.59 -0.30
CA GLY B 50 -9.50 -30.85 0.57
C GLY B 50 -8.22 -31.62 0.84
N GLU B 51 -7.12 -30.88 1.04
CA GLU B 51 -5.80 -31.50 1.28
C GLU B 51 -5.25 -31.17 2.65
N ALA B 52 -4.81 -32.21 3.34
CA ALA B 52 -4.12 -32.08 4.61
C ALA B 52 -2.65 -32.38 4.32
N ALA B 53 -1.77 -31.45 4.66
CA ALA B 53 -0.33 -31.66 4.47
C ALA B 53 0.45 -31.58 5.77
N PRO B 54 0.39 -32.63 6.61
CA PRO B 54 1.12 -32.58 7.87
C PRO B 54 2.62 -32.87 7.68
N PHE B 55 3.47 -32.05 8.30
CA PHE B 55 4.89 -32.37 8.39
C PHE B 55 5.22 -32.93 9.78
N PRO B 56 5.71 -34.19 9.85
CA PRO B 56 5.97 -34.88 11.12
C PRO B 56 7.22 -34.42 11.88
N ALA B 57 7.32 -33.10 12.11
CA ALA B 57 8.28 -32.51 13.03
C ALA B 57 8.04 -33.08 14.43
N VAL B 58 9.04 -32.98 15.31
CA VAL B 58 8.94 -33.58 16.66
C VAL B 58 7.66 -33.15 17.41
N SER B 59 7.37 -31.85 17.44
CA SER B 59 6.08 -31.37 17.91
C SER B 59 5.21 -30.90 16.72
N GLY B 60 5.07 -31.78 15.74
CA GLY B 60 4.28 -31.52 14.52
C GLY B 60 3.15 -32.51 14.35
N GLU B 61 2.83 -32.84 13.10
CA GLU B 61 1.68 -33.71 12.80
C GLU B 61 2.03 -34.85 11.84
N THR B 62 1.42 -36.02 12.03
CA THR B 62 1.67 -37.16 11.13
C THR B 62 0.48 -37.40 10.21
N GLN B 63 0.69 -38.23 9.18
CA GLN B 63 -0.36 -38.66 8.26
C GLN B 63 -1.46 -39.49 8.95
N THR B 64 -1.03 -40.40 9.83
CA THR B 64 -1.92 -41.28 10.60
C THR B 64 -2.76 -40.50 11.63
N GLY B 65 -2.10 -39.61 12.38
CA GLY B 65 -2.76 -38.76 13.37
C GLY B 65 -3.80 -37.83 12.77
N THR B 66 -3.55 -37.41 11.53
CA THR B 66 -4.48 -36.63 10.73
C THR B 66 -5.74 -37.42 10.39
N SER B 67 -5.56 -38.59 9.78
CA SER B 67 -6.67 -39.47 9.43
C SER B 67 -7.51 -39.86 10.64
N ALA B 68 -6.85 -40.15 11.75
CA ALA B 68 -7.51 -40.43 13.01
C ALA B 68 -8.35 -39.25 13.50
N ALA B 69 -7.82 -38.04 13.34
CA ALA B 69 -8.51 -36.82 13.73
C ALA B 69 -9.74 -36.54 12.88
N ILE B 70 -9.63 -36.82 11.58
CA ILE B 70 -10.76 -36.68 10.66
C ILE B 70 -11.89 -37.64 11.04
N GLU B 71 -11.53 -38.86 11.44
CA GLU B 71 -12.50 -39.87 11.89
C GLU B 71 -13.28 -39.43 13.13
N ARG B 72 -12.59 -38.78 14.06
CA ARG B 72 -13.20 -38.24 15.27
C ARG B 72 -14.14 -37.09 14.98
N LEU B 73 -13.76 -36.25 14.01
CA LEU B 73 -14.53 -35.07 13.63
C LEU B 73 -15.74 -35.38 12.73
N GLN B 74 -15.75 -36.57 12.13
CA GLN B 74 -16.76 -36.97 11.15
C GLN B 74 -18.20 -36.96 11.68
N SER B 75 -18.39 -37.40 12.94
CA SER B 75 -19.69 -37.39 13.60
C SER B 75 -20.22 -35.97 13.86
N HIS B 76 -19.31 -35.00 14.02
CA HIS B 76 -19.66 -33.58 14.17
C HIS B 76 -20.17 -32.97 12.85
N LEU B 77 -19.80 -33.58 11.73
CA LEU B 77 -20.08 -33.00 10.41
C LEU B 77 -21.14 -33.72 9.58
N LEU B 78 -21.24 -35.04 9.72
CA LEU B 78 -22.26 -35.83 9.02
C LEU B 78 -23.66 -35.35 9.39
N GLY B 79 -24.49 -35.10 8.38
CA GLY B 79 -25.87 -34.66 8.58
C GLY B 79 -26.07 -33.16 8.74
N ALA B 80 -25.01 -32.44 9.10
CA ALA B 80 -25.05 -30.98 9.26
C ALA B 80 -25.09 -30.29 7.90
N ASP B 81 -25.68 -29.09 7.87
CA ASP B 81 -25.79 -28.26 6.68
C ASP B 81 -24.43 -27.59 6.37
N VAL B 82 -23.92 -27.82 5.16
CA VAL B 82 -22.61 -27.29 4.73
C VAL B 82 -22.64 -25.78 4.51
N ARG B 83 -23.86 -25.25 4.44
CA ARG B 83 -24.10 -23.82 4.31
C ARG B 83 -23.58 -23.06 5.53
N GLY B 84 -23.61 -23.72 6.69
CA GLY B 84 -23.11 -23.16 7.94
C GLY B 84 -21.61 -23.33 8.14
N TRP B 85 -20.86 -23.12 7.06
CA TRP B 85 -19.41 -23.34 7.01
C TRP B 85 -18.58 -22.73 8.13
N ARG B 86 -18.89 -21.48 8.51
CA ARG B 86 -18.20 -20.79 9.60
CA ARG B 86 -18.18 -20.81 9.59
C ARG B 86 -18.45 -21.45 10.95
N LYS B 87 -19.70 -21.84 11.18
CA LYS B 87 -20.12 -22.51 12.41
C LYS B 87 -19.38 -23.84 12.52
N LEU B 88 -19.36 -24.59 11.42
CA LEU B 88 -18.76 -25.92 11.36
C LEU B 88 -17.25 -25.84 11.53
N ALA B 89 -16.63 -24.86 10.86
CA ALA B 89 -15.20 -24.55 11.02
C ALA B 89 -14.82 -24.32 12.48
N ALA B 90 -15.69 -23.64 13.21
CA ALA B 90 -15.51 -23.32 14.62
C ALA B 90 -15.76 -24.54 15.52
N MET B 91 -16.68 -25.40 15.11
CA MET B 91 -16.97 -26.66 15.81
C MET B 91 -15.76 -27.58 15.78
N LEU B 92 -15.12 -27.67 14.61
CA LEU B 92 -13.90 -28.46 14.41
C LEU B 92 -12.75 -27.95 15.28
N ASP B 93 -12.58 -26.63 15.29
CA ASP B 93 -11.50 -25.97 16.01
C ASP B 93 -11.65 -26.12 17.52
N HIS B 94 -12.89 -26.11 18.00
CA HIS B 94 -13.19 -26.32 19.42
C HIS B 94 -12.89 -27.76 19.85
N ALA B 95 -13.20 -28.70 18.96
CA ALA B 95 -13.02 -30.12 19.21
C ALA B 95 -11.59 -30.63 18.98
N GLU B 96 -10.93 -30.10 17.96
CA GLU B 96 -9.64 -30.65 17.51
C GLU B 96 -8.67 -29.56 17.05
N HIS B 97 -8.38 -28.61 17.94
CA HIS B 97 -7.58 -27.43 17.63
C HIS B 97 -6.18 -27.75 17.10
N GLU B 98 -5.54 -28.72 17.73
CA GLU B 98 -4.15 -29.05 17.47
CA GLU B 98 -4.15 -29.07 17.48
C GLU B 98 -3.98 -29.81 16.15
N ALA B 99 -5.06 -30.38 15.64
CA ALA B 99 -5.00 -31.09 14.37
C ALA B 99 -5.29 -30.16 13.21
N ALA B 100 -4.46 -29.11 13.11
CA ALA B 100 -4.61 -27.99 12.18
C ALA B 100 -4.65 -28.42 10.71
N ALA B 101 -3.78 -29.36 10.33
CA ALA B 101 -3.72 -29.85 8.95
C ALA B 101 -4.98 -30.64 8.58
N ALA B 102 -5.51 -31.41 9.52
CA ALA B 102 -6.79 -32.10 9.37
C ALA B 102 -7.98 -31.14 9.17
N ARG B 103 -8.07 -30.14 10.05
CA ARG B 103 -9.11 -29.13 9.98
C ARG B 103 -9.01 -28.26 8.74
N CYS B 104 -7.78 -28.04 8.24
CA CYS B 104 -7.57 -27.32 6.98
C CYS B 104 -8.09 -28.15 5.81
N GLY B 105 -7.88 -29.46 5.86
CA GLY B 105 -8.40 -30.35 4.83
C GLY B 105 -9.91 -30.37 4.78
N LEU B 106 -10.54 -30.42 5.95
CA LEU B 106 -12.00 -30.45 6.07
C LEU B 106 -12.65 -29.13 5.70
N GLU B 107 -12.05 -28.02 6.12
CA GLU B 107 -12.52 -26.68 5.76
C GLU B 107 -12.37 -26.41 4.27
N MET B 108 -11.22 -26.81 3.69
CA MET B 108 -10.97 -26.66 2.24
C MET B 108 -11.93 -27.48 1.38
N ALA B 109 -12.43 -28.57 1.94
CA ALA B 109 -13.38 -29.46 1.26
C ALA B 109 -14.81 -28.93 1.36
N MET B 110 -15.18 -28.44 2.54
CA MET B 110 -16.52 -27.91 2.79
C MET B 110 -16.77 -26.62 2.02
N LEU B 111 -15.73 -25.80 1.89
CA LEU B 111 -15.81 -24.57 1.10
C LEU B 111 -15.82 -24.84 -0.40
N ASP B 112 -15.15 -25.91 -0.79
CA ASP B 112 -15.14 -26.38 -2.18
C ASP B 112 -16.51 -26.94 -2.58
N ALA B 113 -17.15 -27.66 -1.67
CA ALA B 113 -18.49 -28.21 -1.89
C ALA B 113 -19.57 -27.15 -1.76
N LEU B 114 -19.28 -26.08 -1.02
CA LEU B 114 -20.21 -24.98 -0.90
C LEU B 114 -20.24 -24.18 -2.19
N THR B 115 -19.07 -23.79 -2.67
CA THR B 115 -18.98 -22.97 -3.85
C THR B 115 -19.32 -23.74 -5.13
N ARG B 116 -19.19 -25.06 -5.10
CA ARG B 116 -19.61 -25.86 -6.25
C ARG B 116 -21.12 -26.06 -6.30
N HIS B 117 -21.76 -26.17 -5.12
CA HIS B 117 -23.22 -26.26 -5.03
C HIS B 117 -23.87 -24.98 -5.56
N TYR B 118 -23.20 -23.85 -5.36
CA TYR B 118 -23.65 -22.56 -5.85
C TYR B 118 -22.97 -22.11 -7.15
N HIS B 119 -22.29 -23.04 -7.82
CA HIS B 119 -21.66 -22.80 -9.16
C HIS B 119 -20.72 -21.59 -9.23
N MET B 120 -20.07 -21.27 -8.11
CA MET B 120 -19.25 -20.09 -7.95
C MET B 120 -17.76 -20.45 -7.82
N PRO B 121 -16.87 -19.75 -8.55
CA PRO B 121 -15.42 -19.89 -8.33
C PRO B 121 -15.02 -19.38 -6.95
N LEU B 122 -14.10 -20.09 -6.30
CA LEU B 122 -13.63 -19.70 -4.97
C LEU B 122 -12.89 -18.35 -4.95
N HIS B 123 -12.20 -18.03 -6.04
CA HIS B 123 -11.54 -16.73 -6.16
C HIS B 123 -12.51 -15.57 -6.32
N VAL B 124 -13.70 -15.85 -6.86
CA VAL B 124 -14.81 -14.90 -6.85
C VAL B 124 -15.36 -14.75 -5.41
N PHE B 125 -15.47 -15.88 -4.72
CA PHE B 125 -16.02 -15.92 -3.37
C PHE B 125 -15.17 -15.08 -2.41
N PHE B 126 -13.86 -15.12 -2.63
CA PHE B 126 -12.91 -14.45 -1.78
C PHE B 126 -12.67 -12.99 -2.17
N GLY B 127 -13.19 -12.57 -3.31
CA GLY B 127 -13.07 -11.16 -3.70
C GLY B 127 -13.10 -10.83 -5.16
N GLY B 128 -12.54 -11.71 -5.98
CA GLY B 128 -12.51 -11.53 -7.42
C GLY B 128 -11.59 -10.42 -7.89
N VAL B 129 -10.63 -10.03 -7.04
CA VAL B 129 -9.70 -8.94 -7.35
C VAL B 129 -8.82 -9.25 -8.56
N SER B 130 -8.31 -10.47 -8.63
CA SER B 130 -7.56 -10.94 -9.79
C SER B 130 -7.71 -12.45 -9.98
N LYS B 131 -7.17 -12.95 -11.09
CA LYS B 131 -7.10 -14.38 -11.37
C LYS B 131 -5.68 -14.79 -11.78
N GLN B 132 -4.70 -14.02 -11.31
CA GLN B 132 -3.30 -14.20 -11.68
C GLN B 132 -2.35 -13.86 -10.53
N LEU B 133 -1.39 -14.76 -10.27
CA LEU B 133 -0.34 -14.56 -9.25
C LEU B 133 1.07 -14.74 -9.82
N GLU B 134 2.07 -14.25 -9.08
CA GLU B 134 3.46 -14.44 -9.47
C GLU B 134 4.31 -14.98 -8.30
N THR B 135 4.61 -16.27 -8.35
CA THR B 135 5.32 -16.95 -7.27
C THR B 135 6.84 -16.91 -7.36
N ASP B 136 7.49 -16.89 -6.19
CA ASP B 136 8.92 -17.17 -6.12
C ASP B 136 9.22 -18.68 -6.24
N MET B 137 10.50 -19.04 -6.22
CA MET B 137 10.88 -20.45 -6.08
C MET B 137 12.02 -20.55 -5.09
N THR B 138 12.06 -21.66 -4.34
CA THR B 138 13.02 -21.89 -3.27
C THR B 138 14.30 -22.56 -3.75
N ILE B 139 15.44 -22.05 -3.28
CA ILE B 139 16.72 -22.77 -3.34
C ILE B 139 16.86 -23.64 -2.09
N THR B 140 16.85 -24.96 -2.30
CA THR B 140 17.02 -25.91 -1.19
C THR B 140 18.48 -26.35 -1.02
N ALA B 141 19.02 -26.09 0.17
CA ALA B 141 20.34 -26.57 0.65
C ALA B 141 21.55 -26.17 -0.22
N GLY B 142 22.65 -26.93 -0.05
CA GLY B 142 23.84 -26.80 -0.90
C GLY B 142 24.78 -25.67 -0.50
N ASP B 143 26.06 -25.86 -0.84
CA ASP B 143 27.09 -24.84 -0.59
C ASP B 143 26.98 -23.68 -1.58
N GLU B 144 27.87 -22.71 -1.44
CA GLU B 144 27.88 -21.50 -2.27
C GLU B 144 27.85 -21.75 -3.80
N VAL B 145 28.54 -22.78 -4.27
CA VAL B 145 28.60 -23.08 -5.70
C VAL B 145 27.30 -23.71 -6.25
N HIS B 146 26.64 -24.54 -5.45
CA HIS B 146 25.40 -25.21 -5.85
C HIS B 146 24.17 -24.29 -5.72
N ALA B 147 24.22 -23.40 -4.73
CA ALA B 147 23.19 -22.40 -4.51
C ALA B 147 23.17 -21.40 -5.67
N ALA B 148 24.36 -21.05 -6.14
CA ALA B 148 24.55 -20.26 -7.34
C ALA B 148 23.88 -20.92 -8.55
N ALA B 149 24.10 -22.23 -8.70
CA ALA B 149 23.54 -23.01 -9.79
C ALA B 149 22.02 -23.16 -9.73
N SER B 150 21.48 -23.25 -8.51
CA SER B 150 20.03 -23.34 -8.34
C SER B 150 19.35 -22.02 -8.72
N ALA B 151 19.99 -20.91 -8.33
CA ALA B 151 19.52 -19.57 -8.66
C ALA B 151 19.42 -19.32 -10.17
N LYS B 152 20.43 -19.79 -10.92
CA LYS B 152 20.45 -19.65 -12.37
C LYS B 152 19.39 -20.56 -13.00
N ALA B 153 19.19 -21.75 -12.44
CA ALA B 153 18.14 -22.66 -12.88
C ALA B 153 16.73 -22.10 -12.65
N ILE B 154 16.57 -21.32 -11.58
CA ILE B 154 15.30 -20.68 -11.27
C ILE B 154 15.01 -19.57 -12.28
N LEU B 155 16.00 -18.70 -12.47
CA LEU B 155 15.89 -17.60 -13.43
C LEU B 155 15.70 -18.06 -14.89
N ALA B 156 16.38 -19.15 -15.27
CA ALA B 156 16.21 -19.75 -16.60
C ALA B 156 14.83 -20.35 -16.81
N ARG B 157 14.17 -20.71 -15.71
CA ARG B 157 12.81 -21.26 -15.72
C ARG B 157 11.75 -20.18 -15.92
N GLY B 158 12.17 -18.92 -15.86
CA GLY B 158 11.27 -17.78 -16.02
C GLY B 158 10.64 -17.32 -14.71
N ILE B 159 11.33 -17.57 -13.60
CA ILE B 159 10.87 -17.14 -12.28
C ILE B 159 11.69 -15.92 -11.82
N LYS B 160 10.98 -14.89 -11.33
CA LYS B 160 11.54 -13.56 -11.10
C LYS B 160 12.13 -13.34 -9.71
N SER B 161 11.61 -14.02 -8.71
CA SER B 161 12.12 -13.86 -7.35
C SER B 161 12.46 -15.20 -6.74
N ILE B 162 13.39 -15.20 -5.82
CA ILE B 162 13.78 -16.47 -5.23
C ILE B 162 13.74 -16.41 -3.70
N LYS B 163 13.42 -17.57 -3.12
CA LYS B 163 13.39 -17.72 -1.67
CA LYS B 163 13.42 -17.71 -1.67
C LYS B 163 14.55 -18.62 -1.21
N VAL B 164 15.34 -18.12 -0.27
CA VAL B 164 16.51 -18.81 0.26
C VAL B 164 16.24 -19.21 1.70
N LYS B 165 16.26 -20.50 1.98
CA LYS B 165 16.26 -20.96 3.36
C LYS B 165 17.69 -20.88 3.94
N THR B 166 17.84 -20.23 5.10
CA THR B 166 19.10 -20.24 5.86
C THR B 166 18.93 -20.94 7.21
N ALA B 167 20.03 -21.44 7.77
CA ALA B 167 20.01 -22.09 9.07
C ALA B 167 20.05 -21.10 10.25
N GLY B 168 20.63 -19.92 10.02
CA GLY B 168 20.71 -18.88 11.05
C GLY B 168 21.73 -19.05 12.16
N VAL B 169 22.44 -20.18 12.19
CA VAL B 169 23.41 -20.48 13.25
C VAL B 169 24.79 -19.84 13.00
N ASP B 170 25.09 -19.53 11.75
CA ASP B 170 26.41 -19.02 11.39
C ASP B 170 26.25 -17.99 10.28
N VAL B 171 26.38 -16.73 10.67
CA VAL B 171 26.19 -15.57 9.81
C VAL B 171 27.07 -15.62 8.54
N ALA B 172 28.34 -16.00 8.71
CA ALA B 172 29.27 -16.10 7.59
C ALA B 172 28.91 -17.15 6.55
N TYR B 173 28.46 -18.31 6.99
CA TYR B 173 28.01 -19.38 6.10
C TYR B 173 26.78 -18.95 5.30
N ASP B 174 25.80 -18.36 5.99
CA ASP B 174 24.59 -17.87 5.35
C ASP B 174 24.87 -16.76 4.34
N LEU B 175 25.72 -15.80 4.72
CA LEU B 175 26.05 -14.64 3.87
C LEU B 175 26.81 -15.05 2.62
N ALA B 176 27.78 -15.94 2.78
CA ALA B 176 28.53 -16.53 1.66
C ALA B 176 27.60 -17.18 0.64
N ARG B 177 26.59 -17.89 1.15
CA ARG B 177 25.54 -18.49 0.30
C ARG B 177 24.71 -17.45 -0.41
N LEU B 178 24.34 -16.39 0.31
CA LEU B 178 23.59 -15.27 -0.27
C LEU B 178 24.42 -14.44 -1.26
N ARG B 179 25.69 -14.19 -0.92
CA ARG B 179 26.62 -13.53 -1.83
C ARG B 179 26.70 -14.30 -3.15
N ALA B 180 26.80 -15.62 -3.03
CA ALA B 180 26.85 -16.51 -4.18
C ALA B 180 25.59 -16.43 -5.02
N ILE B 181 24.43 -16.50 -4.37
CA ILE B 181 23.13 -16.48 -5.03
C ILE B 181 22.86 -15.17 -5.76
N HIS B 182 23.20 -14.06 -5.11
CA HIS B 182 23.07 -12.74 -5.69
C HIS B 182 24.04 -12.53 -6.86
N GLN B 183 25.26 -13.06 -6.75
CA GLN B 183 26.23 -12.99 -7.84
C GLN B 183 25.71 -13.75 -9.07
N ALA B 184 25.09 -14.91 -8.82
CA ALA B 184 24.56 -15.76 -9.87
C ALA B 184 23.27 -15.24 -10.52
N ALA B 185 22.52 -14.46 -9.77
CA ALA B 185 21.29 -13.88 -10.28
C ALA B 185 21.06 -12.49 -9.70
N PRO B 186 21.82 -11.48 -10.18
CA PRO B 186 21.83 -10.16 -9.54
C PRO B 186 20.55 -9.33 -9.67
N THR B 187 19.63 -9.77 -10.53
CA THR B 187 18.39 -9.04 -10.76
C THR B 187 17.23 -9.58 -9.90
N ALA B 188 17.43 -10.75 -9.29
CA ALA B 188 16.39 -11.42 -8.50
C ALA B 188 16.25 -10.79 -7.11
N PRO B 189 15.05 -10.31 -6.77
CA PRO B 189 14.82 -9.94 -5.38
C PRO B 189 14.78 -11.20 -4.51
N LEU B 190 15.30 -11.12 -3.29
CA LEU B 190 15.56 -12.32 -2.49
C LEU B 190 14.79 -12.30 -1.18
N ILE B 191 14.09 -13.38 -0.88
CA ILE B 191 13.35 -13.55 0.37
C ILE B 191 14.12 -14.56 1.19
N VAL B 192 14.60 -14.15 2.36
CA VAL B 192 15.41 -15.05 3.18
C VAL B 192 14.57 -15.61 4.30
N ASP B 193 14.43 -16.93 4.25
CA ASP B 193 13.69 -17.68 5.25
C ASP B 193 14.64 -18.18 6.34
N GLY B 194 14.71 -17.43 7.44
CA GLY B 194 15.65 -17.67 8.54
C GLY B 194 15.35 -18.87 9.41
N ASN B 195 14.10 -19.33 9.34
CA ASN B 195 13.69 -20.59 9.93
C ASN B 195 13.79 -20.67 11.46
N CYS B 196 13.50 -19.56 12.15
CA CYS B 196 13.64 -19.42 13.61
C CYS B 196 15.07 -19.62 14.14
N GLY B 197 16.05 -19.63 13.24
CA GLY B 197 17.40 -20.08 13.56
C GLY B 197 18.35 -19.04 14.11
N TYR B 198 18.04 -17.78 13.87
CA TYR B 198 18.86 -16.68 14.36
C TYR B 198 18.52 -16.39 15.83
N ASP B 199 19.45 -15.69 16.51
CA ASP B 199 19.12 -14.91 17.69
C ASP B 199 19.23 -13.44 17.27
N VAL B 200 18.94 -12.52 18.19
CA VAL B 200 18.90 -11.09 17.90
C VAL B 200 20.23 -10.57 17.28
N GLU B 201 21.36 -10.93 17.88
CA GLU B 201 22.66 -10.44 17.39
C GLU B 201 23.07 -11.05 16.04
N ARG B 202 22.85 -12.35 15.86
CA ARG B 202 23.07 -13.02 14.57
C ARG B 202 22.15 -12.51 13.46
N ALA B 203 20.91 -12.17 13.80
CA ALA B 203 19.99 -11.59 12.82
C ALA B 203 20.42 -10.19 12.38
N LEU B 204 20.83 -9.37 13.34
CA LEU B 204 21.22 -7.99 13.08
C LEU B 204 22.55 -7.97 12.35
N ALA B 205 23.44 -8.89 12.70
CA ALA B 205 24.73 -9.00 12.01
C ALA B 205 24.55 -9.44 10.55
N PHE B 206 23.68 -10.44 10.35
CA PHE B 206 23.30 -10.88 8.99
C PHE B 206 22.74 -9.74 8.12
N CYS B 207 21.86 -8.93 8.72
CA CYS B 207 21.20 -7.85 8.01
C CYS B 207 22.11 -6.66 7.73
N ALA B 208 22.98 -6.34 8.68
CA ALA B 208 23.90 -5.21 8.54
C ALA B 208 24.88 -5.43 7.39
N ALA B 209 25.21 -6.69 7.14
CA ALA B 209 26.07 -7.05 6.02
C ALA B 209 25.31 -7.05 4.70
N CYS B 210 24.05 -7.46 4.71
CA CYS B 210 23.20 -7.38 3.52
C CYS B 210 23.02 -5.94 3.06
N LYS B 211 22.92 -5.03 4.03
CA LYS B 211 22.73 -3.61 3.77
C LYS B 211 24.02 -2.94 3.26
N ALA B 212 25.11 -3.15 3.98
CA ALA B 212 26.42 -2.57 3.62
C ALA B 212 26.95 -3.04 2.26
N GLU B 213 26.63 -4.29 1.92
CA GLU B 213 27.04 -4.89 0.64
C GLU B 213 25.95 -4.84 -0.43
N SER B 214 24.85 -4.17 -0.10
CA SER B 214 23.68 -4.01 -0.99
C SER B 214 23.18 -5.34 -1.61
N ILE B 215 22.87 -6.30 -0.74
CA ILE B 215 22.26 -7.55 -1.15
C ILE B 215 20.75 -7.33 -1.13
N PRO B 216 20.07 -7.54 -2.27
CA PRO B 216 18.65 -7.28 -2.40
C PRO B 216 17.76 -8.30 -1.67
N MET B 217 17.96 -8.40 -0.36
CA MET B 217 16.98 -9.06 0.50
C MET B 217 15.77 -8.13 0.58
N VAL B 218 14.63 -8.63 0.09
CA VAL B 218 13.39 -7.84 0.13
C VAL B 218 12.50 -8.23 1.32
N LEU B 219 12.71 -9.44 1.84
CA LEU B 219 11.95 -9.90 3.00
C LEU B 219 12.75 -10.87 3.83
N PHE B 220 12.81 -10.61 5.13
CA PHE B 220 13.48 -11.47 6.08
C PHE B 220 12.40 -12.21 6.86
N GLU B 221 12.18 -13.46 6.52
CA GLU B 221 11.05 -14.21 7.08
C GLU B 221 11.47 -14.92 8.35
N GLN B 222 10.64 -14.75 9.40
CA GLN B 222 10.79 -15.37 10.73
C GLN B 222 12.21 -15.80 11.16
N PRO B 223 13.12 -14.80 11.36
CA PRO B 223 14.51 -15.12 11.73
C PRO B 223 14.64 -15.75 13.11
N LEU B 224 13.67 -15.46 13.98
CA LEU B 224 13.78 -15.77 15.38
C LEU B 224 12.61 -16.65 15.80
N PRO B 225 12.79 -17.46 16.87
CA PRO B 225 11.66 -18.27 17.36
C PRO B 225 10.45 -17.42 17.72
N ARG B 226 9.26 -18.03 17.63
CA ARG B 226 8.00 -17.39 17.98
C ARG B 226 8.05 -16.70 19.37
N GLU B 227 8.63 -17.38 20.35
CA GLU B 227 8.54 -16.94 21.74
C GLU B 227 9.47 -15.76 22.07
N ASP B 228 10.19 -15.27 21.08
CA ASP B 228 11.00 -14.06 21.23
C ASP B 228 10.36 -12.89 20.50
N TRP B 229 9.22 -12.46 21.04
CA TRP B 229 8.40 -11.37 20.50
C TRP B 229 9.12 -10.03 20.57
N ALA B 230 9.82 -9.80 21.68
CA ALA B 230 10.62 -8.60 21.87
C ALA B 230 11.77 -8.55 20.86
N GLY B 231 12.44 -9.67 20.68
CA GLY B 231 13.51 -9.84 19.68
C GLY B 231 13.05 -9.65 18.24
N MET B 232 11.92 -10.26 17.89
CA MET B 232 11.31 -10.05 16.57
C MET B 232 10.98 -8.57 16.32
N ALA B 233 10.41 -7.91 17.33
CA ALA B 233 10.19 -6.45 17.32
C ALA B 233 11.50 -5.63 17.12
N GLN B 234 12.57 -6.05 17.80
CA GLN B 234 13.90 -5.45 17.63
C GLN B 234 14.44 -5.58 16.20
N VAL B 235 14.44 -6.80 15.67
CA VAL B 235 14.86 -7.05 14.29
C VAL B 235 13.98 -6.26 13.29
N THR B 236 12.66 -6.25 13.50
CA THR B 236 11.76 -5.48 12.64
C THR B 236 12.03 -3.96 12.64
N ALA B 237 12.33 -3.42 13.82
CA ALA B 237 12.68 -2.00 13.97
C ALA B 237 14.09 -1.62 13.49
N GLN B 238 15.05 -2.50 13.71
CA GLN B 238 16.48 -2.13 13.60
C GLN B 238 17.14 -2.44 12.26
N SER B 239 16.74 -3.55 11.64
CA SER B 239 17.46 -4.12 10.49
C SER B 239 17.37 -3.27 9.23
N GLY B 240 16.25 -2.57 9.07
CA GLY B 240 16.00 -1.77 7.87
C GLY B 240 15.38 -2.58 6.76
N PHE B 241 15.09 -3.85 7.05
CA PHE B 241 14.45 -4.74 6.10
C PHE B 241 13.02 -5.02 6.56
N ALA B 242 12.11 -5.18 5.60
CA ALA B 242 10.80 -5.81 5.84
C ALA B 242 11.02 -7.18 6.48
N VAL B 243 10.18 -7.50 7.46
CA VAL B 243 10.29 -8.72 8.24
C VAL B 243 8.95 -9.46 8.25
N ALA B 244 8.97 -10.76 8.01
CA ALA B 244 7.71 -11.51 7.96
C ALA B 244 7.51 -12.41 9.16
N ALA B 245 6.26 -12.52 9.60
CA ALA B 245 5.88 -13.50 10.61
C ALA B 245 5.32 -14.74 9.94
N ASP B 246 5.70 -15.89 10.47
CA ASP B 246 5.24 -17.15 9.97
C ASP B 246 4.80 -17.96 11.17
N GLU B 247 5.74 -18.58 11.86
CA GLU B 247 5.55 -19.18 13.19
C GLU B 247 4.90 -18.25 14.22
N SER B 248 5.16 -16.93 14.09
CA SER B 248 4.58 -15.94 15.01
C SER B 248 3.16 -15.51 14.62
N ALA B 249 2.66 -16.01 13.49
CA ALA B 249 1.34 -15.66 12.97
C ALA B 249 0.56 -16.89 12.56
N ARG B 250 -0.01 -17.59 13.55
CA ARG B 250 -0.82 -18.78 13.32
C ARG B 250 -2.29 -18.51 13.59
N SER B 251 -2.61 -17.35 14.15
CA SER B 251 -3.99 -17.00 14.48
C SER B 251 -4.21 -15.52 14.27
N ALA B 252 -5.49 -15.11 14.28
CA ALA B 252 -5.88 -13.70 14.20
C ALA B 252 -5.43 -12.87 15.41
N HIS B 253 -5.35 -13.55 16.55
CA HIS B 253 -4.84 -12.97 17.79
C HIS B 253 -3.37 -12.63 17.64
N ASP B 254 -2.62 -13.56 17.06
CA ASP B 254 -1.20 -13.33 16.76
C ASP B 254 -1.07 -12.08 15.89
N VAL B 255 -1.89 -11.96 14.87
CA VAL B 255 -1.82 -10.81 13.91
C VAL B 255 -2.16 -9.48 14.59
N LEU B 256 -3.09 -9.51 15.54
CA LEU B 256 -3.36 -8.37 16.39
C LEU B 256 -2.19 -7.93 17.22
N ARG B 257 -1.57 -8.88 17.93
CA ARG B 257 -0.35 -8.62 18.68
C ARG B 257 0.80 -8.06 17.83
N ILE B 258 0.97 -8.60 16.63
CA ILE B 258 2.01 -8.20 15.69
C ILE B 258 1.86 -6.73 15.27
N ALA B 259 0.64 -6.38 14.85
CA ALA B 259 0.20 -5.01 14.59
C ALA B 259 0.47 -4.05 15.75
N ARG B 260 0.14 -4.52 16.95
CA ARG B 260 0.31 -3.72 18.16
CA ARG B 260 0.30 -3.73 18.17
C ARG B 260 1.78 -3.52 18.53
N GLU B 261 2.55 -4.60 18.52
CA GLU B 261 3.93 -4.57 19.02
C GLU B 261 5.03 -4.34 17.97
N GLY B 262 4.63 -4.24 16.70
CA GLY B 262 5.61 -4.11 15.60
C GLY B 262 6.50 -5.34 15.51
N THR B 263 5.91 -6.50 15.77
CA THR B 263 6.63 -7.77 15.83
C THR B 263 7.20 -8.17 14.47
N ALA B 264 6.49 -7.78 13.41
CA ALA B 264 6.85 -8.04 12.01
C ALA B 264 6.18 -6.97 11.19
N SER B 265 6.52 -6.89 9.91
CA SER B 265 5.89 -5.88 9.04
C SER B 265 5.04 -6.53 7.94
N VAL B 266 5.10 -7.86 7.90
CA VAL B 266 4.47 -8.67 6.86
C VAL B 266 3.99 -9.97 7.54
N ILE B 267 2.80 -10.48 7.17
CA ILE B 267 2.27 -11.77 7.68
C ILE B 267 2.28 -12.80 6.57
N ASN B 268 2.92 -13.96 6.84
CA ASN B 268 2.86 -15.14 5.96
C ASN B 268 1.71 -16.04 6.34
N ILE B 269 0.70 -16.11 5.48
CA ILE B 269 -0.47 -16.96 5.69
CA ILE B 269 -0.42 -16.97 5.77
C ILE B 269 -0.18 -18.38 5.25
N LYS B 270 -0.26 -19.33 6.19
CA LYS B 270 -0.22 -20.73 5.87
C LYS B 270 -1.52 -21.34 6.39
N LEU B 271 -2.46 -21.60 5.48
CA LEU B 271 -3.77 -22.13 5.82
C LEU B 271 -3.71 -23.50 6.50
N MET B 272 -2.72 -24.30 6.12
CA MET B 272 -2.46 -25.60 6.74
C MET B 272 -2.16 -25.49 8.22
N LYS B 273 -1.56 -24.38 8.62
CA LYS B 273 -1.15 -24.18 10.00
C LYS B 273 -2.18 -23.38 10.77
N ALA B 274 -2.74 -22.38 10.10
CA ALA B 274 -3.65 -21.43 10.72
C ALA B 274 -5.11 -21.82 10.70
N GLY B 275 -5.52 -22.65 9.75
CA GLY B 275 -6.94 -22.84 9.46
C GLY B 275 -7.43 -21.88 8.38
N VAL B 276 -8.50 -22.27 7.67
CA VAL B 276 -9.02 -21.42 6.61
C VAL B 276 -9.82 -20.22 7.12
N ALA B 277 -10.83 -20.43 7.94
CA ALA B 277 -11.64 -19.32 8.46
C ALA B 277 -10.78 -18.36 9.29
N GLU B 278 -9.89 -18.92 10.09
CA GLU B 278 -8.93 -18.13 10.85
C GLU B 278 -8.00 -17.35 9.90
N GLY B 279 -7.53 -18.04 8.85
CA GLY B 279 -6.73 -17.42 7.77
C GLY B 279 -7.42 -16.17 7.25
N LEU B 280 -8.72 -16.29 6.96
CA LEU B 280 -9.51 -15.16 6.45
C LEU B 280 -9.54 -13.97 7.39
N LYS B 281 -9.67 -14.22 8.69
CA LYS B 281 -9.65 -13.14 9.69
C LYS B 281 -8.27 -12.44 9.74
N MET B 282 -7.21 -13.23 9.67
CA MET B 282 -5.83 -12.74 9.73
C MET B 282 -5.52 -11.79 8.58
N ILE B 283 -6.13 -12.06 7.42
CA ILE B 283 -5.95 -11.27 6.20
C ILE B 283 -6.59 -9.90 6.34
N ALA B 284 -7.81 -9.86 6.89
CA ALA B 284 -8.57 -8.63 7.11
C ALA B 284 -7.87 -7.70 8.06
N ILE B 285 -7.37 -8.29 9.14
CA ILE B 285 -6.67 -7.54 10.17
C ILE B 285 -5.32 -6.98 9.69
N ALA B 286 -4.54 -7.81 8.99
CA ALA B 286 -3.29 -7.34 8.34
C ALA B 286 -3.54 -6.15 7.40
N GLN B 287 -4.58 -6.25 6.58
CA GLN B 287 -4.92 -5.18 5.66
C GLN B 287 -5.32 -3.91 6.38
N ALA B 288 -6.12 -4.06 7.42
CA ALA B 288 -6.53 -2.95 8.27
C ALA B 288 -5.40 -2.30 9.04
N ALA B 289 -4.45 -3.10 9.53
CA ALA B 289 -3.26 -2.59 10.21
C ALA B 289 -2.13 -2.09 9.27
N GLY B 290 -2.31 -2.22 7.96
CA GLY B 290 -1.27 -1.77 7.00
C GLY B 290 -0.08 -2.72 6.95
N LEU B 291 -0.33 -3.98 7.31
CA LEU B 291 0.71 -4.99 7.29
C LEU B 291 0.81 -5.60 5.89
N GLY B 292 2.02 -6.04 5.52
CA GLY B 292 2.20 -6.71 4.24
C GLY B 292 1.73 -8.12 4.39
N LEU B 293 1.45 -8.74 3.26
CA LEU B 293 0.88 -10.07 3.19
C LEU B 293 1.70 -10.95 2.26
N MET B 294 1.98 -12.16 2.76
CA MET B 294 2.58 -13.20 2.00
C MET B 294 1.72 -14.45 2.14
N ILE B 295 1.60 -15.23 1.06
CA ILE B 295 0.91 -16.54 1.13
C ILE B 295 1.90 -17.67 0.86
N GLY B 296 1.83 -18.73 1.66
CA GLY B 296 2.61 -19.92 1.40
C GLY B 296 1.92 -21.18 1.83
N GLY B 297 2.71 -22.15 2.21
CA GLY B 297 2.17 -23.42 2.64
C GLY B 297 3.25 -24.29 3.19
N MET B 298 2.88 -25.54 3.42
CA MET B 298 3.83 -26.56 3.81
C MET B 298 4.23 -27.25 2.52
N VAL B 299 4.41 -28.57 2.56
CA VAL B 299 4.71 -29.30 1.34
C VAL B 299 3.40 -29.85 0.77
N GLU B 300 2.83 -29.10 -0.17
CA GLU B 300 1.48 -29.38 -0.68
C GLU B 300 1.48 -29.60 -2.18
N SER B 301 0.56 -30.47 -2.62
CA SER B 301 0.28 -30.67 -4.03
C SER B 301 -0.45 -29.46 -4.61
N ILE B 302 -0.94 -29.61 -5.84
CA ILE B 302 -1.69 -28.54 -6.47
C ILE B 302 -3.12 -28.35 -5.89
N LEU B 303 -3.61 -29.30 -5.08
CA LEU B 303 -4.92 -29.14 -4.42
C LEU B 303 -4.94 -28.07 -3.31
N ALA B 304 -3.96 -28.08 -2.41
CA ALA B 304 -3.89 -27.07 -1.37
C ALA B 304 -3.27 -25.76 -1.88
N MET B 305 -2.34 -25.86 -2.82
CA MET B 305 -1.69 -24.67 -3.35
C MET B 305 -2.61 -23.84 -4.27
N SER B 306 -3.58 -24.51 -4.89
CA SER B 306 -4.58 -23.82 -5.71
C SER B 306 -5.66 -23.14 -4.87
N PHE B 307 -6.10 -23.79 -3.79
CA PHE B 307 -7.04 -23.17 -2.82
C PHE B 307 -6.43 -21.90 -2.21
N SER B 308 -5.13 -21.95 -1.90
CA SER B 308 -4.40 -20.76 -1.44
C SER B 308 -4.26 -19.70 -2.51
N ALA B 309 -4.02 -20.13 -3.75
CA ALA B 309 -3.92 -19.22 -4.91
C ALA B 309 -5.26 -18.52 -5.18
N ASN B 310 -6.36 -19.26 -5.07
CA ASN B 310 -7.70 -18.68 -5.21
C ASN B 310 -7.91 -17.56 -4.20
N LEU B 311 -7.41 -17.77 -2.99
CA LEU B 311 -7.55 -16.81 -1.91
C LEU B 311 -6.70 -15.57 -2.10
N ALA B 312 -5.42 -15.75 -2.36
CA ALA B 312 -4.50 -14.61 -2.50
C ALA B 312 -4.87 -13.73 -3.70
N ALA B 313 -5.24 -14.37 -4.81
CA ALA B 313 -5.60 -13.64 -6.03
C ALA B 313 -6.96 -13.00 -5.86
N GLY B 314 -7.88 -13.74 -5.24
CA GLY B 314 -9.26 -13.27 -5.05
C GLY B 314 -9.36 -12.12 -4.07
N ASN B 315 -8.71 -12.24 -2.92
CA ASN B 315 -8.69 -11.15 -1.94
C ASN B 315 -7.90 -9.93 -2.40
N GLY B 316 -6.79 -10.19 -3.09
CA GLY B 316 -5.84 -9.13 -3.46
C GLY B 316 -4.99 -8.75 -2.26
N GLY B 317 -3.99 -7.91 -2.49
CA GLY B 317 -3.23 -7.31 -1.41
C GLY B 317 -1.98 -8.05 -0.96
N PHE B 318 -1.68 -9.15 -1.63
CA PHE B 318 -0.51 -9.96 -1.26
C PHE B 318 0.69 -9.52 -2.10
N ASP B 319 1.69 -8.90 -1.47
CA ASP B 319 2.93 -8.55 -2.15
C ASP B 319 3.83 -9.77 -2.41
N PHE B 320 3.73 -10.80 -1.57
CA PHE B 320 4.62 -11.96 -1.70
C PHE B 320 3.86 -13.27 -1.89
N ILE B 321 4.20 -13.99 -2.94
CA ILE B 321 3.58 -15.27 -3.29
C ILE B 321 4.67 -16.34 -3.26
N ASP B 322 4.43 -17.38 -2.46
CA ASP B 322 5.40 -18.44 -2.22
C ASP B 322 4.67 -19.76 -2.38
N LEU B 323 4.27 -20.04 -3.62
CA LEU B 323 3.40 -21.17 -3.94
C LEU B 323 4.06 -22.14 -4.91
N ASP B 324 5.20 -22.67 -4.49
CA ASP B 324 6.12 -23.34 -5.40
C ASP B 324 6.31 -24.84 -5.14
N THR B 325 5.66 -25.40 -4.12
CA THR B 325 5.86 -26.83 -3.81
C THR B 325 5.36 -27.85 -4.84
N PRO B 326 4.28 -27.54 -5.63
CA PRO B 326 3.96 -28.36 -6.81
C PRO B 326 5.13 -28.60 -7.78
N LEU B 327 6.01 -27.62 -7.94
CA LEU B 327 7.23 -27.77 -8.74
C LEU B 327 8.22 -28.80 -8.18
N PHE B 328 8.04 -29.16 -6.91
CA PHE B 328 8.91 -30.13 -6.24
C PHE B 328 8.26 -31.49 -6.09
N ILE B 329 7.05 -31.64 -6.61
CA ILE B 329 6.34 -32.92 -6.52
C ILE B 329 6.53 -33.70 -7.83
N ALA B 330 6.93 -34.97 -7.71
CA ALA B 330 7.23 -35.83 -8.87
C ALA B 330 6.00 -36.33 -9.61
N GLU B 331 5.02 -36.86 -8.89
CA GLU B 331 3.73 -37.28 -9.47
C GLU B 331 2.56 -37.15 -8.49
N HIS B 332 1.37 -36.86 -9.03
CA HIS B 332 0.18 -36.53 -8.21
C HIS B 332 -1.15 -36.97 -8.85
N PRO B 333 -2.15 -37.39 -8.03
CA PRO B 333 -3.40 -37.92 -8.58
C PRO B 333 -4.45 -36.86 -8.88
N PHE B 334 -4.02 -35.60 -9.05
CA PHE B 334 -4.95 -34.50 -9.25
C PHE B 334 -4.88 -33.93 -10.66
N ILE B 335 -6.01 -33.37 -11.10
CA ILE B 335 -6.10 -32.63 -12.36
C ILE B 335 -6.69 -31.25 -12.12
N GLY B 336 -6.29 -30.28 -12.93
CA GLY B 336 -6.80 -28.92 -12.82
C GLY B 336 -5.96 -28.05 -11.92
N GLY B 337 -6.61 -27.21 -11.13
CA GLY B 337 -5.92 -26.21 -10.30
C GLY B 337 -5.46 -25.03 -11.13
N PHE B 338 -4.49 -24.27 -10.64
CA PHE B 338 -3.88 -23.22 -11.47
C PHE B 338 -3.03 -23.82 -12.58
N ALA B 339 -3.12 -23.21 -13.75
CA ALA B 339 -2.18 -23.46 -14.83
C ALA B 339 -0.97 -22.57 -14.59
N GLN B 340 0.22 -23.16 -14.64
CA GLN B 340 1.46 -22.42 -14.36
C GLN B 340 2.38 -22.35 -15.57
N THR B 341 2.89 -21.15 -15.84
CA THR B 341 3.85 -20.88 -16.91
C THR B 341 4.91 -19.95 -16.32
N GLY B 342 6.14 -20.44 -16.18
CA GLY B 342 7.20 -19.72 -15.43
C GLY B 342 6.84 -19.54 -13.96
N GLY B 343 6.73 -18.30 -13.52
CA GLY B 343 6.25 -18.01 -12.15
C GLY B 343 4.80 -17.55 -12.09
N THR B 344 4.18 -17.48 -13.26
CA THR B 344 2.82 -16.96 -13.40
C THR B 344 1.79 -18.07 -13.15
N LEU B 345 0.84 -17.80 -12.24
CA LEU B 345 -0.19 -18.78 -11.85
C LEU B 345 -1.55 -18.25 -12.30
N GLN B 346 -2.15 -18.92 -13.28
CA GLN B 346 -3.40 -18.46 -13.88
C GLN B 346 -4.59 -19.27 -13.38
N LEU B 347 -5.61 -18.57 -12.90
CA LEU B 347 -6.87 -19.21 -12.47
C LEU B 347 -7.92 -19.11 -13.55
N ALA B 348 -8.86 -20.05 -13.54
CA ALA B 348 -9.90 -20.12 -14.57
C ALA B 348 -11.31 -19.96 -14.00
N ASP B 349 -12.25 -19.69 -14.89
CA ASP B 349 -13.68 -19.59 -14.58
C ASP B 349 -14.31 -20.96 -14.30
N VAL B 350 -13.96 -21.52 -13.14
CA VAL B 350 -14.40 -22.84 -12.74
C VAL B 350 -14.85 -22.70 -11.29
N ALA B 351 -16.02 -23.27 -10.98
CA ALA B 351 -16.50 -23.35 -9.60
C ALA B 351 -15.52 -24.08 -8.67
N GLY B 352 -15.54 -23.71 -7.38
CA GLY B 352 -14.61 -24.28 -6.40
C GLY B 352 -13.18 -23.86 -6.67
N HIS B 353 -12.22 -24.69 -6.24
CA HIS B 353 -10.80 -24.41 -6.51
C HIS B 353 -10.38 -24.93 -7.87
N GLY B 354 -11.26 -25.71 -8.51
CA GLY B 354 -10.98 -26.28 -9.82
C GLY B 354 -9.95 -27.40 -9.85
N VAL B 355 -9.76 -28.10 -8.74
CA VAL B 355 -8.98 -29.34 -8.79
C VAL B 355 -9.85 -30.57 -8.54
N ASN B 356 -9.58 -31.62 -9.33
CA ASN B 356 -10.36 -32.84 -9.32
C ASN B 356 -9.49 -34.08 -9.26
N LEU B 357 -10.12 -35.21 -8.95
CA LEU B 357 -9.47 -36.52 -8.98
C LEU B 357 -9.65 -37.13 -10.35
N GLU B 358 -8.67 -37.93 -10.76
CA GLU B 358 -8.79 -38.80 -11.93
C GLU B 358 -9.82 -39.88 -11.66
N GLY B 359 -10.60 -40.25 -12.69
CA GLY B 359 -11.66 -41.25 -12.53
C GLY B 359 -11.15 -42.67 -12.63
N SER C 2 -14.32 23.07 32.79
CA SER C 2 -13.36 22.84 31.68
C SER C 2 -13.56 23.85 30.56
N LEU C 3 -12.61 24.78 30.48
CA LEU C 3 -12.40 25.65 29.32
C LEU C 3 -12.10 24.97 28.00
N PRO C 4 -12.21 25.74 26.95
CA PRO C 4 -11.96 25.25 25.62
C PRO C 4 -10.50 25.36 25.26
N THR C 5 -9.69 25.99 26.11
CA THR C 5 -8.25 25.79 25.94
C THR C 5 -7.62 24.93 27.05
N THR C 6 -8.47 24.19 27.77
CA THR C 6 -8.00 23.18 28.72
C THR C 6 -7.48 21.99 27.93
N ILE C 7 -6.28 21.54 28.29
CA ILE C 7 -5.72 20.32 27.73
C ILE C 7 -6.49 19.10 28.25
N GLN C 8 -7.08 18.35 27.32
CA GLN C 8 -7.70 17.07 27.65
C GLN C 8 -6.62 15.98 27.73
N ALA C 9 -6.76 14.94 26.92
CA ALA C 9 -5.73 13.91 26.83
C ALA C 9 -4.84 14.14 25.62
N ILE C 10 -3.60 13.69 25.73
CA ILE C 10 -2.59 13.87 24.68
C ILE C 10 -2.21 12.51 24.11
N SER C 11 -2.33 12.36 22.79
CA SER C 11 -2.03 11.10 22.13
C SER C 11 -0.64 11.11 21.48
N ALA C 12 0.26 10.29 22.00
CA ALA C 12 1.59 10.14 21.43
C ALA C 12 1.72 8.81 20.69
N GLU C 13 2.10 8.89 19.42
CA GLU C 13 2.31 7.71 18.60
C GLU C 13 3.71 7.68 17.99
N ALA C 14 4.16 6.49 17.58
CA ALA C 14 5.45 6.33 16.93
C ALA C 14 5.32 6.51 15.42
N ILE C 15 6.28 7.24 14.84
CA ILE C 15 6.31 7.47 13.39
C ILE C 15 7.68 7.18 12.79
N ASN C 16 7.76 6.09 12.03
CA ASN C 16 9.00 5.68 11.38
C ASN C 16 8.97 6.00 9.88
N LEU C 17 9.90 6.84 9.43
CA LEU C 17 9.87 7.37 8.07
C LEU C 17 11.10 6.99 7.25
N PRO C 18 10.90 6.48 6.02
CA PRO C 18 12.00 6.07 5.15
C PRO C 18 12.73 7.24 4.50
N LEU C 19 14.01 7.02 4.16
CA LEU C 19 14.87 8.07 3.59
C LEU C 19 15.12 7.87 2.09
N THR C 20 16.30 8.25 1.61
CA THR C 20 16.66 8.08 0.20
C THR C 20 17.88 7.18 -0.01
N GLU C 21 18.90 7.34 0.85
CA GLU C 21 20.11 6.52 0.81
C GLU C 21 20.80 6.39 2.17
N ALA C 31 18.32 4.02 7.48
CA ALA C 31 17.31 4.39 6.49
C ALA C 31 15.94 4.66 7.13
N VAL C 32 15.85 4.45 8.43
CA VAL C 32 14.60 4.64 9.19
C VAL C 32 14.82 5.66 10.31
N ALA C 33 14.03 6.74 10.28
CA ALA C 33 14.05 7.74 11.34
C ALA C 33 12.96 7.46 12.37
N ALA C 34 13.38 6.96 13.53
CA ALA C 34 12.46 6.56 14.60
C ALA C 34 11.95 7.76 15.40
N ASN C 35 10.92 8.42 14.85
CA ASN C 35 10.35 9.63 15.44
C ASN C 35 9.07 9.40 16.23
N VAL C 36 8.68 10.39 17.03
CA VAL C 36 7.45 10.35 17.82
C VAL C 36 6.55 11.53 17.48
N LEU C 37 5.33 11.25 17.06
CA LEU C 37 4.32 12.27 16.78
C LEU C 37 3.57 12.63 18.05
N VAL C 38 3.49 13.92 18.35
CA VAL C 38 2.77 14.43 19.52
C VAL C 38 1.51 15.15 19.06
N LYS C 39 0.38 14.79 19.64
CA LYS C 39 -0.92 15.39 19.32
C LYS C 39 -1.64 15.85 20.59
N VAL C 40 -1.68 17.17 20.82
CA VAL C 40 -2.49 17.71 21.92
C VAL C 40 -3.90 18.06 21.46
N GLN C 41 -4.88 17.71 22.29
CA GLN C 41 -6.27 18.06 22.00
C GLN C 41 -6.93 18.84 23.12
N LEU C 42 -7.44 20.01 22.76
CA LEU C 42 -8.14 20.89 23.68
C LEU C 42 -9.64 20.68 23.52
N ALA C 43 -10.40 21.00 24.55
CA ALA C 43 -11.85 20.79 24.54
C ALA C 43 -12.60 21.87 23.75
N ASP C 44 -12.26 22.01 22.47
CA ASP C 44 -12.94 22.91 21.52
C ASP C 44 -12.73 22.49 20.06
N GLY C 45 -11.97 21.42 19.86
CA GLY C 45 -11.77 20.84 18.53
C GLY C 45 -10.48 21.22 17.82
N THR C 46 -9.53 21.77 18.59
CA THR C 46 -8.26 22.23 18.01
C THR C 46 -7.18 21.14 18.04
N LEU C 47 -6.41 21.09 16.96
CA LEU C 47 -5.41 20.04 16.73
C LEU C 47 -3.99 20.60 16.74
N GLY C 48 -3.26 20.34 17.83
CA GLY C 48 -1.88 20.80 17.96
C GLY C 48 -0.86 19.70 17.76
N LEU C 49 -0.04 19.86 16.71
CA LEU C 49 0.92 18.83 16.31
C LEU C 49 2.35 19.13 16.71
N GLY C 50 3.06 18.10 17.15
CA GLY C 50 4.47 18.21 17.52
C GLY C 50 5.27 17.02 17.03
N GLU C 51 6.59 17.18 17.00
CA GLU C 51 7.47 16.10 16.57
C GLU C 51 8.65 15.96 17.52
N ALA C 52 8.92 14.72 17.91
CA ALA C 52 10.16 14.38 18.58
C ALA C 52 11.00 13.59 17.58
N ALA C 53 12.28 13.90 17.51
CA ALA C 53 13.21 13.19 16.63
C ALA C 53 14.57 12.95 17.29
N PRO C 54 14.65 11.98 18.23
CA PRO C 54 15.89 11.75 18.97
C PRO C 54 16.93 11.03 18.10
N PHE C 55 18.20 11.17 18.46
CA PHE C 55 19.29 10.59 17.70
C PHE C 55 19.88 9.37 18.43
N PRO C 56 20.09 8.24 17.71
CA PRO C 56 20.64 6.93 18.10
C PRO C 56 21.52 6.85 19.35
N ALA C 57 21.39 5.73 20.07
CA ALA C 57 22.00 5.52 21.39
C ALA C 57 23.54 5.62 21.45
N VAL C 58 24.01 6.86 21.49
CA VAL C 58 25.41 7.21 21.74
C VAL C 58 25.42 8.58 22.46
N SER C 59 25.28 8.50 23.79
CA SER C 59 25.03 9.66 24.68
C SER C 59 23.77 10.45 24.29
N GLY C 60 22.71 9.74 23.90
CA GLY C 60 21.48 10.36 23.42
C GLY C 60 20.22 9.56 23.70
N GLU C 61 19.08 10.16 23.37
CA GLU C 61 17.75 9.57 23.63
C GLU C 61 17.33 8.60 22.52
N THR C 62 16.34 7.77 22.82
CA THR C 62 15.75 6.86 21.83
C THR C 62 14.25 7.14 21.67
N GLN C 63 13.65 6.55 20.64
CA GLN C 63 12.23 6.66 20.36
C GLN C 63 11.35 6.13 21.50
N THR C 64 11.70 4.94 22.00
CA THR C 64 10.99 4.31 23.11
C THR C 64 11.26 5.04 24.42
N GLY C 65 12.48 5.53 24.59
CA GLY C 65 12.85 6.36 25.73
C GLY C 65 12.09 7.69 25.76
N THR C 66 11.78 8.20 24.57
CA THR C 66 10.99 9.42 24.40
C THR C 66 9.52 9.20 24.74
N SER C 67 8.94 8.12 24.20
CA SER C 67 7.55 7.75 24.43
C SER C 67 7.18 7.69 25.90
N ALA C 68 7.98 6.96 26.67
CA ALA C 68 7.82 6.78 28.12
C ALA C 68 7.87 8.09 28.90
N ALA C 69 8.78 8.98 28.48
CA ALA C 69 8.94 10.30 29.07
C ALA C 69 7.73 11.21 28.82
N ILE C 70 7.16 11.11 27.62
CA ILE C 70 5.97 11.89 27.23
C ILE C 70 4.78 11.59 28.13
N GLU C 71 4.56 10.30 28.42
CA GLU C 71 3.46 9.82 29.26
C GLU C 71 3.66 10.18 30.74
N ARG C 72 4.93 10.35 31.14
CA ARG C 72 5.27 10.85 32.48
C ARG C 72 4.97 12.34 32.62
N LEU C 73 5.28 13.09 31.57
CA LEU C 73 5.09 14.53 31.54
C LEU C 73 3.63 14.90 31.28
N GLN C 74 2.89 13.96 30.70
CA GLN C 74 1.48 14.11 30.34
C GLN C 74 0.57 14.26 31.58
N SER C 75 1.01 13.70 32.71
CA SER C 75 0.31 13.80 34.00
C SER C 75 0.34 15.22 34.57
N HIS C 76 1.41 15.95 34.27
CA HIS C 76 1.54 17.36 34.64
C HIS C 76 0.78 18.26 33.65
N LEU C 77 0.46 17.70 32.48
CA LEU C 77 -0.24 18.45 31.44
C LEU C 77 -1.74 18.17 31.40
N LEU C 78 -2.19 17.16 32.15
CA LEU C 78 -3.62 16.83 32.25
C LEU C 78 -4.41 17.91 32.96
N GLY C 79 -5.47 18.39 32.33
CA GLY C 79 -6.41 19.33 32.94
C GLY C 79 -6.00 20.79 32.95
N ALA C 80 -4.72 21.07 32.69
CA ALA C 80 -4.19 22.43 32.73
C ALA C 80 -4.54 23.25 31.48
N ASP C 81 -4.59 24.57 31.65
CA ASP C 81 -4.87 25.51 30.55
C ASP C 81 -3.64 25.66 29.65
N VAL C 82 -3.85 25.50 28.35
CA VAL C 82 -2.78 25.56 27.34
C VAL C 82 -2.28 27.00 27.11
N ARG C 83 -3.09 27.98 27.50
CA ARG C 83 -2.75 29.39 27.40
C ARG C 83 -1.60 29.77 28.33
N GLY C 84 -1.24 28.85 29.23
CA GLY C 84 -0.07 28.99 30.08
C GLY C 84 1.14 28.23 29.56
N TRP C 85 1.32 28.27 28.24
CA TRP C 85 2.35 27.49 27.54
C TRP C 85 3.82 27.69 28.01
N ARG C 86 4.16 28.90 28.44
CA ARG C 86 5.48 29.16 29.02
C ARG C 86 5.64 28.52 30.41
N LYS C 87 4.59 28.57 31.23
CA LYS C 87 4.61 27.95 32.55
C LYS C 87 4.64 26.44 32.45
N LEU C 88 3.92 25.91 31.46
CA LEU C 88 3.83 24.47 31.24
C LEU C 88 5.19 23.90 30.82
N ALA C 89 5.85 24.61 29.89
CA ALA C 89 7.19 24.25 29.42
C ALA C 89 8.27 24.37 30.50
N ALA C 90 8.08 25.29 31.44
CA ALA C 90 8.97 25.45 32.59
C ALA C 90 8.83 24.29 33.56
N MET C 91 7.59 23.81 33.72
CA MET C 91 7.28 22.64 34.54
C MET C 91 7.81 21.36 33.91
N LEU C 92 7.74 21.26 32.58
CA LEU C 92 8.30 20.14 31.83
C LEU C 92 9.80 20.03 32.02
N ASP C 93 10.47 21.18 32.00
CA ASP C 93 11.92 21.26 32.17
C ASP C 93 12.39 20.84 33.56
N HIS C 94 11.66 21.27 34.59
CA HIS C 94 11.94 20.87 35.98
C HIS C 94 11.73 19.37 36.17
N ALA C 95 10.68 18.83 35.54
CA ALA C 95 10.31 17.41 35.70
C ALA C 95 11.26 16.45 34.97
N GLU C 96 11.62 16.77 33.73
CA GLU C 96 12.42 15.86 32.91
C GLU C 96 13.34 16.60 31.93
N HIS C 97 14.34 17.31 32.47
CA HIS C 97 15.30 18.11 31.69
C HIS C 97 16.08 17.29 30.63
N GLU C 98 16.46 16.08 31.00
CA GLU C 98 17.26 15.18 30.16
C GLU C 98 16.47 14.68 28.94
N ALA C 99 15.17 14.94 28.92
CA ALA C 99 14.33 14.55 27.80
C ALA C 99 14.07 15.75 26.90
N ALA C 100 15.13 16.24 26.26
CA ALA C 100 15.05 17.42 25.38
C ALA C 100 14.22 17.18 24.11
N ALA C 101 14.31 15.97 23.57
CA ALA C 101 13.56 15.59 22.36
C ALA C 101 12.07 15.44 22.65
N ALA C 102 11.76 14.84 23.80
CA ALA C 102 10.38 14.65 24.24
C ALA C 102 9.64 15.97 24.44
N ARG C 103 10.23 16.84 25.26
CA ARG C 103 9.66 18.14 25.61
C ARG C 103 9.51 19.08 24.42
N CYS C 104 10.40 18.96 23.43
CA CYS C 104 10.32 19.76 22.21
C CYS C 104 9.04 19.48 21.45
N GLY C 105 8.75 18.20 21.23
CA GLY C 105 7.52 17.76 20.57
C GLY C 105 6.27 18.16 21.32
N LEU C 106 6.33 18.11 22.66
CA LEU C 106 5.23 18.58 23.50
C LEU C 106 5.06 20.10 23.42
N GLU C 107 6.18 20.83 23.37
CA GLU C 107 6.18 22.29 23.24
C GLU C 107 5.68 22.72 21.86
N MET C 108 6.11 22.00 20.83
CA MET C 108 5.69 22.25 19.45
C MET C 108 4.21 22.03 19.29
N ALA C 109 3.69 21.04 20.02
CA ALA C 109 2.29 20.67 19.99
C ALA C 109 1.41 21.76 20.57
N MET C 110 1.71 22.16 21.81
CA MET C 110 0.95 23.16 22.54
C MET C 110 0.94 24.53 21.86
N LEU C 111 2.03 24.86 21.17
CA LEU C 111 2.14 26.13 20.46
C LEU C 111 1.36 26.17 19.15
N ASP C 112 1.39 25.06 18.43
CA ASP C 112 0.60 24.90 17.22
C ASP C 112 -0.90 24.82 17.56
N ALA C 113 -1.20 24.26 18.73
CA ALA C 113 -2.57 24.26 19.26
C ALA C 113 -3.05 25.68 19.52
N LEU C 114 -2.20 26.45 20.19
CA LEU C 114 -2.50 27.83 20.59
C LEU C 114 -2.75 28.73 19.40
N THR C 115 -1.84 28.71 18.44
CA THR C 115 -1.91 29.63 17.30
C THR C 115 -3.00 29.27 16.29
N ARG C 116 -3.37 27.99 16.22
CA ARG C 116 -4.46 27.57 15.33
C ARG C 116 -5.83 27.94 15.88
N HIS C 117 -5.96 27.87 17.21
CA HIS C 117 -7.13 28.35 17.93
C HIS C 117 -7.39 29.82 17.58
N TYR C 118 -6.36 30.65 17.74
CA TYR C 118 -6.47 32.09 17.54
C TYR C 118 -6.36 32.53 16.06
N HIS C 119 -6.30 31.56 15.16
CA HIS C 119 -6.22 31.77 13.70
C HIS C 119 -4.94 32.47 13.23
N MET C 120 -3.89 32.34 14.05
CA MET C 120 -2.62 33.03 13.84
C MET C 120 -1.52 32.10 13.29
N PRO C 121 -0.82 32.53 12.22
CA PRO C 121 0.35 31.77 11.79
C PRO C 121 1.46 31.83 12.83
N LEU C 122 2.23 30.73 12.96
CA LEU C 122 3.35 30.67 13.90
C LEU C 122 4.44 31.67 13.58
N HIS C 123 4.66 31.92 12.29
CA HIS C 123 5.63 32.94 11.86
C HIS C 123 5.24 34.36 12.22
N VAL C 124 3.93 34.62 12.31
CA VAL C 124 3.45 35.89 12.82
C VAL C 124 3.64 35.93 14.34
N PHE C 125 3.23 34.84 15.00
CA PHE C 125 3.44 34.65 16.43
C PHE C 125 4.88 34.93 16.85
N PHE C 126 5.83 34.43 16.07
CA PHE C 126 7.26 34.58 16.37
C PHE C 126 7.90 35.91 15.95
N GLY C 127 7.15 36.77 15.25
CA GLY C 127 7.67 38.09 14.89
C GLY C 127 7.25 38.73 13.56
N GLY C 128 6.88 37.91 12.58
CA GLY C 128 6.43 38.38 11.27
C GLY C 128 7.43 39.07 10.35
N VAL C 129 8.72 38.84 10.59
CA VAL C 129 9.78 39.51 9.81
C VAL C 129 9.80 39.06 8.35
N SER C 130 9.56 37.77 8.12
CA SER C 130 9.48 37.22 6.76
C SER C 130 8.63 35.97 6.67
N LYS C 131 8.31 35.56 5.44
CA LYS C 131 7.77 34.23 5.18
C LYS C 131 8.54 33.52 4.05
N GLN C 132 9.83 33.83 3.97
CA GLN C 132 10.70 33.32 2.93
C GLN C 132 12.10 33.09 3.50
N LEU C 133 12.65 31.90 3.24
CA LEU C 133 14.01 31.56 3.65
C LEU C 133 14.76 30.89 2.51
N GLU C 134 16.09 30.89 2.59
CA GLU C 134 16.92 30.24 1.58
C GLU C 134 17.82 29.15 2.20
N THR C 135 17.47 27.88 1.98
CA THR C 135 18.12 26.73 2.64
C THR C 135 19.32 26.18 1.85
N ASP C 136 20.21 25.48 2.56
CA ASP C 136 21.27 24.73 1.89
C ASP C 136 20.84 23.29 1.62
N MET C 137 21.68 22.53 0.91
CA MET C 137 21.52 21.08 0.81
C MET C 137 22.81 20.35 1.21
N THR C 138 22.65 19.28 1.99
CA THR C 138 23.77 18.51 2.52
C THR C 138 24.25 17.46 1.52
N ILE C 139 25.56 17.40 1.32
CA ILE C 139 26.15 16.38 0.48
C ILE C 139 26.22 15.04 1.23
N THR C 140 25.55 14.04 0.65
CA THR C 140 25.48 12.69 1.19
C THR C 140 26.32 11.75 0.31
N ALA C 141 27.64 11.92 0.40
CA ALA C 141 28.56 11.22 -0.50
C ALA C 141 29.63 10.39 0.22
N GLY C 142 30.38 9.64 -0.58
CA GLY C 142 31.58 8.94 -0.12
C GLY C 142 32.81 9.76 -0.45
N ASP C 143 33.54 9.33 -1.48
CA ASP C 143 34.77 10.00 -1.88
C ASP C 143 34.51 11.23 -2.74
N GLU C 144 35.59 11.81 -3.28
CA GLU C 144 35.54 13.06 -4.04
C GLU C 144 34.83 12.99 -5.40
N VAL C 145 34.69 11.79 -5.94
CA VAL C 145 34.00 11.59 -7.22
C VAL C 145 32.48 11.75 -7.05
N HIS C 146 31.95 11.13 -6.00
CA HIS C 146 30.52 11.16 -5.71
CA HIS C 146 30.51 11.17 -5.72
C HIS C 146 30.07 12.52 -5.16
N ALA C 147 31.01 13.19 -4.47
CA ALA C 147 30.77 14.51 -3.89
C ALA C 147 30.62 15.60 -4.94
N ALA C 148 31.53 15.61 -5.92
CA ALA C 148 31.45 16.51 -7.06
C ALA C 148 30.13 16.34 -7.82
N ALA C 149 29.70 15.09 -7.96
CA ALA C 149 28.42 14.75 -8.60
C ALA C 149 27.22 15.21 -7.79
N SER C 150 27.32 15.09 -6.46
CA SER C 150 26.30 15.60 -5.55
C SER C 150 26.18 17.12 -5.63
N ALA C 151 27.33 17.79 -5.68
CA ALA C 151 27.40 19.25 -5.83
C ALA C 151 26.83 19.75 -7.16
N LYS C 152 27.07 19.00 -8.23
CA LYS C 152 26.53 19.30 -9.55
C LYS C 152 25.00 19.25 -9.56
N ALA C 153 24.46 18.22 -8.91
CA ALA C 153 23.02 17.99 -8.84
C ALA C 153 22.30 19.07 -8.02
N ILE C 154 22.90 19.44 -6.90
CA ILE C 154 22.37 20.47 -5.99
C ILE C 154 22.21 21.83 -6.69
N LEU C 155 23.22 22.23 -7.45
CA LEU C 155 23.16 23.46 -8.24
C LEU C 155 22.23 23.41 -9.45
N ALA C 156 22.04 22.21 -10.00
CA ALA C 156 21.08 22.00 -11.09
C ALA C 156 19.66 22.08 -10.56
N ARG C 157 19.48 21.66 -9.30
CA ARG C 157 18.18 21.67 -8.62
C ARG C 157 17.71 23.09 -8.27
N GLY C 158 18.66 24.03 -8.24
CA GLY C 158 18.35 25.43 -7.95
C GLY C 158 18.85 25.93 -6.60
N ILE C 159 19.25 25.00 -5.73
CA ILE C 159 19.75 25.33 -4.39
C ILE C 159 21.09 26.07 -4.48
N LYS C 160 21.17 27.20 -3.78
CA LYS C 160 22.30 28.13 -3.88
C LYS C 160 23.53 27.76 -3.05
N SER C 161 23.33 27.24 -1.84
CA SER C 161 24.45 26.89 -0.97
C SER C 161 24.46 25.41 -0.62
N ILE C 162 25.64 24.89 -0.30
CA ILE C 162 25.74 23.49 0.08
C ILE C 162 26.42 23.28 1.43
N LYS C 163 25.93 22.30 2.17
CA LYS C 163 26.53 21.86 3.41
C LYS C 163 27.33 20.60 3.14
N VAL C 164 28.52 20.53 3.70
CA VAL C 164 29.39 19.37 3.52
C VAL C 164 29.88 18.89 4.88
N LYS C 165 29.59 17.62 5.16
CA LYS C 165 29.96 16.98 6.42
C LYS C 165 31.32 16.30 6.25
N THR C 166 32.29 16.72 7.06
CA THR C 166 33.62 16.15 7.00
C THR C 166 33.89 15.28 8.23
N ALA C 167 34.87 14.38 8.11
CA ALA C 167 35.23 13.50 9.20
C ALA C 167 36.17 14.17 10.18
N GLY C 168 37.07 15.00 9.67
CA GLY C 168 38.03 15.71 10.50
C GLY C 168 39.28 14.96 10.92
N VAL C 169 39.40 13.71 10.49
CA VAL C 169 40.54 12.85 10.87
C VAL C 169 41.75 12.97 9.94
N ASP C 170 41.47 13.15 8.65
CA ASP C 170 42.52 13.35 7.66
C ASP C 170 42.28 14.68 6.94
N VAL C 171 43.15 15.65 7.22
CA VAL C 171 43.03 17.02 6.72
C VAL C 171 43.13 17.15 5.20
N ALA C 172 43.91 16.27 4.57
CA ALA C 172 44.10 16.28 3.13
C ALA C 172 42.91 15.66 2.39
N TYR C 173 42.30 14.64 3.00
CA TYR C 173 41.13 13.98 2.43
C TYR C 173 39.89 14.88 2.43
N ASP C 174 39.75 15.67 3.49
CA ASP C 174 38.68 16.66 3.62
C ASP C 174 38.83 17.79 2.60
N LEU C 175 40.08 18.18 2.36
CA LEU C 175 40.39 19.22 1.39
C LEU C 175 40.15 18.75 -0.03
N ALA C 176 40.47 17.49 -0.30
CA ALA C 176 40.28 16.87 -1.63
C ALA C 176 38.81 16.73 -1.99
N ARG C 177 37.97 16.47 -0.98
CA ARG C 177 36.52 16.47 -1.16
C ARG C 177 36.04 17.89 -1.42
N LEU C 178 36.49 18.84 -0.60
CA LEU C 178 36.15 20.25 -0.77
C LEU C 178 36.66 20.90 -2.06
N ARG C 179 37.81 20.46 -2.55
CA ARG C 179 38.33 20.92 -3.84
C ARG C 179 37.39 20.48 -4.94
N ALA C 180 37.02 19.20 -4.88
CA ALA C 180 36.12 18.57 -5.85
C ALA C 180 34.74 19.22 -5.86
N ILE C 181 34.21 19.47 -4.67
CA ILE C 181 32.91 20.11 -4.48
C ILE C 181 32.90 21.55 -5.03
N HIS C 182 33.99 22.29 -4.75
CA HIS C 182 34.13 23.66 -5.25
C HIS C 182 34.39 23.71 -6.76
N GLN C 183 35.10 22.71 -7.28
CA GLN C 183 35.31 22.62 -8.73
C GLN C 183 34.01 22.39 -9.47
N ALA C 184 33.16 21.51 -8.93
CA ALA C 184 31.88 21.16 -9.54
C ALA C 184 30.81 22.25 -9.38
N ALA C 185 30.96 23.05 -8.32
CA ALA C 185 30.01 24.12 -8.01
C ALA C 185 30.74 25.35 -7.47
N PRO C 186 31.33 26.17 -8.38
CA PRO C 186 32.19 27.27 -7.94
C PRO C 186 31.46 28.47 -7.34
N THR C 187 30.15 28.56 -7.59
CA THR C 187 29.35 29.70 -7.16
C THR C 187 28.60 29.42 -5.85
N ALA C 188 28.85 28.27 -5.25
CA ALA C 188 28.14 27.84 -4.05
C ALA C 188 28.94 28.11 -2.79
N PRO C 189 28.38 28.91 -1.86
CA PRO C 189 29.04 29.03 -0.57
C PRO C 189 28.93 27.71 0.20
N LEU C 190 29.96 27.40 0.98
CA LEU C 190 30.07 26.10 1.61
C LEU C 190 30.01 26.18 3.14
N ILE C 191 29.06 25.46 3.74
CA ILE C 191 29.02 25.30 5.19
C ILE C 191 29.69 23.97 5.48
N VAL C 192 30.80 24.00 6.21
CA VAL C 192 31.53 22.77 6.50
C VAL C 192 31.26 22.31 7.93
N ASP C 193 30.61 21.15 8.04
CA ASP C 193 30.28 20.56 9.34
C ASP C 193 31.38 19.58 9.74
N GLY C 194 32.25 20.04 10.64
CA GLY C 194 33.38 19.26 11.14
C GLY C 194 32.97 18.10 12.02
N ASN C 195 31.77 18.21 12.61
CA ASN C 195 31.16 17.18 13.45
C ASN C 195 32.08 16.63 14.56
N CYS C 196 32.68 17.55 15.30
CA CYS C 196 33.58 17.24 16.44
C CYS C 196 34.82 16.39 16.12
N GLY C 197 35.15 16.25 14.84
CA GLY C 197 36.19 15.34 14.39
C GLY C 197 37.60 15.89 14.32
N TYR C 198 37.73 17.22 14.30
CA TYR C 198 39.03 17.88 14.30
C TYR C 198 39.51 18.11 15.72
N ASP C 199 40.80 18.42 15.86
CA ASP C 199 41.33 19.09 17.04
C ASP C 199 41.74 20.50 16.64
N VAL C 200 42.50 21.18 17.49
CA VAL C 200 42.86 22.58 17.27
C VAL C 200 43.79 22.81 16.07
N GLU C 201 44.88 22.03 16.00
CA GLU C 201 45.85 22.19 14.91
C GLU C 201 45.34 21.68 13.55
N ARG C 202 44.52 20.63 13.57
CA ARG C 202 43.92 20.09 12.34
C ARG C 202 42.85 21.02 11.75
N ALA C 203 42.10 21.69 12.62
CA ALA C 203 41.07 22.64 12.18
C ALA C 203 41.70 23.86 11.50
N LEU C 204 42.76 24.39 12.12
CA LEU C 204 43.46 25.55 11.58
C LEU C 204 44.21 25.24 10.29
N ALA C 205 44.68 24.00 10.16
CA ALA C 205 45.32 23.53 8.93
C ALA C 205 44.32 23.43 7.79
N PHE C 206 43.13 22.92 8.10
CA PHE C 206 42.02 22.85 7.16
C PHE C 206 41.63 24.24 6.68
N CYS C 207 41.47 25.17 7.63
CA CYS C 207 41.06 26.54 7.33
C CYS C 207 42.08 27.33 6.50
N ALA C 208 43.32 27.42 6.98
CA ALA C 208 44.40 28.13 6.27
C ALA C 208 44.59 27.62 4.84
N ALA C 209 44.32 26.34 4.62
CA ALA C 209 44.35 25.73 3.29
C ALA C 209 43.15 26.10 2.43
N CYS C 210 41.96 26.19 3.04
CA CYS C 210 40.76 26.66 2.33
C CYS C 210 40.96 28.11 1.93
N LYS C 211 41.63 28.87 2.80
CA LYS C 211 42.01 30.25 2.53
C LYS C 211 43.07 30.32 1.43
N ALA C 212 44.03 29.40 1.47
CA ALA C 212 45.12 29.33 0.48
C ALA C 212 44.65 28.91 -0.92
N GLU C 213 43.58 28.12 -0.99
CA GLU C 213 43.09 27.59 -2.26
C GLU C 213 41.78 28.23 -2.71
N SER C 214 41.48 29.38 -2.12
CA SER C 214 40.26 30.17 -2.39
C SER C 214 38.96 29.35 -2.34
N ILE C 215 38.89 28.46 -1.34
CA ILE C 215 37.71 27.62 -1.13
C ILE C 215 36.69 28.44 -0.35
N PRO C 216 35.50 28.63 -0.94
CA PRO C 216 34.53 29.56 -0.37
C PRO C 216 33.74 29.00 0.81
N MET C 217 34.45 28.46 1.80
CA MET C 217 33.83 28.11 3.08
C MET C 217 33.35 29.37 3.78
N VAL C 218 32.06 29.35 4.09
CA VAL C 218 31.33 30.49 4.63
C VAL C 218 31.08 30.29 6.14
N LEU C 219 31.14 29.04 6.59
CA LEU C 219 30.91 28.69 7.99
C LEU C 219 31.59 27.37 8.32
N PHE C 220 32.21 27.31 9.49
CA PHE C 220 32.83 26.09 9.96
C PHE C 220 32.02 25.64 11.16
N GLU C 221 31.17 24.62 10.96
CA GLU C 221 30.28 24.17 12.01
C GLU C 221 30.92 23.15 12.93
N GLN C 222 30.86 23.45 14.23
CA GLN C 222 31.37 22.60 15.32
C GLN C 222 32.53 21.67 14.93
N PRO C 223 33.72 22.24 14.65
CA PRO C 223 34.84 21.42 14.23
C PRO C 223 35.44 20.57 15.35
N LEU C 224 35.27 21.01 16.60
CA LEU C 224 35.90 20.38 17.74
C LEU C 224 34.85 19.79 18.69
N PRO C 225 35.25 18.85 19.57
CA PRO C 225 34.38 18.43 20.68
C PRO C 225 33.86 19.59 21.54
N ARG C 226 32.73 19.39 22.20
CA ARG C 226 32.09 20.39 23.06
C ARG C 226 32.99 20.88 24.18
N GLU C 227 33.66 19.93 24.85
CA GLU C 227 34.45 20.19 26.06
C GLU C 227 35.80 20.88 25.80
N ASP C 228 36.17 21.03 24.53
CA ASP C 228 37.34 21.82 24.15
C ASP C 228 36.92 23.27 23.89
N TRP C 229 36.62 23.98 24.98
CA TRP C 229 36.09 25.34 24.93
C TRP C 229 37.12 26.37 24.48
N ALA C 230 38.37 26.18 24.92
CA ALA C 230 39.47 27.07 24.58
C ALA C 230 39.89 26.93 23.12
N GLY C 231 40.01 25.68 22.65
CA GLY C 231 40.33 25.40 21.25
C GLY C 231 39.27 25.91 20.29
N MET C 232 38.00 25.73 20.65
CA MET C 232 36.89 26.30 19.88
C MET C 232 37.02 27.82 19.79
N ALA C 233 37.36 28.43 20.93
CA ALA C 233 37.69 29.86 21.01
C ALA C 233 38.94 30.27 20.21
N GLN C 234 39.91 29.36 20.08
CA GLN C 234 41.14 29.64 19.34
CA GLN C 234 41.13 29.67 19.33
C GLN C 234 40.86 29.68 17.83
N VAL C 235 40.18 28.63 17.34
CA VAL C 235 39.78 28.51 15.93
C VAL C 235 38.94 29.73 15.50
N THR C 236 37.98 30.11 16.34
CA THR C 236 37.11 31.27 16.10
C THR C 236 37.89 32.58 15.95
N ALA C 237 38.91 32.76 16.78
CA ALA C 237 39.77 33.94 16.71
C ALA C 237 40.78 33.88 15.56
N GLN C 238 41.34 32.69 15.32
CA GLN C 238 42.53 32.53 14.46
C GLN C 238 42.27 32.07 13.01
N SER C 239 41.26 31.22 12.80
CA SER C 239 41.03 30.57 11.50
C SER C 239 40.67 31.52 10.36
N GLY C 240 39.99 32.62 10.69
CA GLY C 240 39.57 33.58 9.69
C GLY C 240 38.19 33.30 9.12
N PHE C 241 37.53 32.26 9.63
CA PHE C 241 36.19 31.86 9.20
C PHE C 241 35.19 31.97 10.35
N ALA C 242 33.94 32.29 10.03
CA ALA C 242 32.84 32.17 11.00
C ALA C 242 32.79 30.73 11.51
N VAL C 243 32.65 30.58 12.82
CA VAL C 243 32.59 29.26 13.46
C VAL C 243 31.24 29.12 14.16
N ALA C 244 30.56 27.99 13.93
CA ALA C 244 29.23 27.73 14.48
C ALA C 244 29.26 26.75 15.64
N ALA C 245 28.45 27.00 16.66
CA ALA C 245 28.30 26.06 17.77
C ALA C 245 27.03 25.26 17.61
N ASP C 246 27.17 23.95 17.72
CA ASP C 246 26.05 23.04 17.71
C ASP C 246 26.00 22.37 19.08
N GLU C 247 26.86 21.37 19.27
CA GLU C 247 26.96 20.61 20.53
C GLU C 247 27.31 21.49 21.71
N SER C 248 28.01 22.58 21.43
CA SER C 248 28.42 23.56 22.42
C SER C 248 27.33 24.58 22.73
N ALA C 249 26.27 24.59 21.92
CA ALA C 249 25.10 25.45 22.13
C ALA C 249 23.83 24.63 22.29
N ARG C 250 23.58 24.16 23.52
CA ARG C 250 22.40 23.38 23.84
C ARG C 250 21.50 24.09 24.85
N SER C 251 22.01 25.17 25.42
CA SER C 251 21.26 25.92 26.42
C SER C 251 21.53 27.42 26.30
N ALA C 252 20.74 28.19 27.02
CA ALA C 252 20.92 29.63 27.11
C ALA C 252 22.16 29.96 27.93
N HIS C 253 22.51 29.08 28.87
CA HIS C 253 23.75 29.21 29.63
C HIS C 253 24.97 28.98 28.74
N ASP C 254 24.84 28.05 27.79
CA ASP C 254 25.87 27.80 26.79
C ASP C 254 26.11 29.03 25.92
N VAL C 255 25.03 29.61 25.40
CA VAL C 255 25.09 30.79 24.53
C VAL C 255 25.72 32.00 25.25
N LEU C 256 25.36 32.16 26.54
CA LEU C 256 25.98 33.17 27.40
C LEU C 256 27.48 32.96 27.51
N ARG C 257 27.90 31.71 27.77
CA ARG C 257 29.32 31.35 27.82
C ARG C 257 30.02 31.57 26.48
N ILE C 258 29.35 31.22 25.38
CA ILE C 258 29.90 31.38 24.03
C ILE C 258 30.16 32.87 23.72
N ALA C 259 29.22 33.72 24.14
CA ALA C 259 29.36 35.17 24.04
C ALA C 259 30.52 35.73 24.88
N ARG C 260 30.67 35.22 26.12
CA ARG C 260 31.74 35.63 27.05
CA ARG C 260 31.74 35.69 27.00
C ARG C 260 33.14 35.30 26.53
N GLU C 261 33.29 34.07 26.05
CA GLU C 261 34.59 33.53 25.67
C GLU C 261 34.99 33.73 24.20
N GLY C 262 34.01 33.79 23.31
CA GLY C 262 34.30 33.84 21.87
C GLY C 262 34.54 32.46 21.33
N THR C 263 33.83 31.49 21.92
CA THR C 263 33.82 30.07 21.53
C THR C 263 33.43 29.87 20.06
N ALA C 264 32.35 30.52 19.64
CA ALA C 264 31.89 30.47 18.27
C ALA C 264 31.35 31.84 17.87
N SER C 265 31.26 32.10 16.57
CA SER C 265 30.71 33.37 16.10
C SER C 265 29.24 33.23 15.69
N VAL C 266 28.78 31.98 15.58
CA VAL C 266 27.43 31.65 15.09
C VAL C 266 26.81 30.55 15.99
N ILE C 267 25.52 30.65 16.23
CA ILE C 267 24.78 29.64 17.01
C ILE C 267 23.83 28.84 16.10
N ASN C 268 24.04 27.52 16.00
CA ASN C 268 23.09 26.61 15.37
C ASN C 268 21.97 26.26 16.34
N ILE C 269 20.76 26.73 16.05
CA ILE C 269 19.61 26.35 16.85
C ILE C 269 18.98 25.07 16.29
N LYS C 270 18.83 24.09 17.16
CA LYS C 270 18.10 22.87 16.87
C LYS C 270 17.14 22.67 18.03
N LEU C 271 15.86 22.96 17.77
CA LEU C 271 14.81 22.97 18.80
C LEU C 271 14.62 21.61 19.46
N MET C 272 14.95 20.56 18.72
CA MET C 272 14.92 19.18 19.19
C MET C 272 15.91 18.92 20.33
N LYS C 273 17.01 19.66 20.32
CA LYS C 273 18.08 19.43 21.28
C LYS C 273 18.03 20.35 22.50
N ALA C 274 17.21 21.40 22.43
CA ALA C 274 17.11 22.36 23.53
C ALA C 274 15.70 22.47 24.09
N GLY C 275 14.71 22.41 23.20
CA GLY C 275 13.34 22.77 23.54
C GLY C 275 12.98 24.04 22.79
N VAL C 276 11.70 24.37 22.77
CA VAL C 276 11.23 25.56 22.05
C VAL C 276 11.46 26.85 22.85
N ALA C 277 11.02 26.87 24.11
CA ALA C 277 11.18 28.05 24.98
C ALA C 277 12.65 28.32 25.29
N GLU C 278 13.42 27.24 25.36
CA GLU C 278 14.85 27.31 25.54
C GLU C 278 15.53 27.90 24.30
N GLY C 279 15.14 27.40 23.13
CA GLY C 279 15.58 27.96 21.86
C GLY C 279 15.29 29.44 21.70
N LEU C 280 14.14 29.90 22.20
CA LEU C 280 13.75 31.31 22.15
C LEU C 280 14.73 32.19 22.92
N LYS C 281 15.09 31.75 24.13
CA LYS C 281 16.02 32.49 24.98
C LYS C 281 17.41 32.52 24.35
N MET C 282 17.82 31.37 23.82
CA MET C 282 19.08 31.23 23.08
C MET C 282 19.20 32.23 21.92
N ILE C 283 18.11 32.37 21.16
CA ILE C 283 17.98 33.35 20.08
C ILE C 283 18.15 34.80 20.58
N ALA C 284 17.51 35.14 21.68
CA ALA C 284 17.59 36.49 22.26
C ALA C 284 18.99 36.90 22.72
N ILE C 285 19.71 35.98 23.36
CA ILE C 285 21.07 36.24 23.83
C ILE C 285 22.02 36.44 22.66
N ALA C 286 21.87 35.58 21.66
CA ALA C 286 22.73 35.60 20.49
C ALA C 286 22.62 36.94 19.76
N GLN C 287 21.40 37.38 19.51
CA GLN C 287 21.17 38.65 18.80
C GLN C 287 21.71 39.83 19.57
N ALA C 288 21.52 39.79 20.89
CA ALA C 288 22.01 40.80 21.83
C ALA C 288 23.53 40.88 21.86
N ALA C 289 24.19 39.73 21.77
CA ALA C 289 25.65 39.65 21.81
C ALA C 289 26.31 39.73 20.42
N GLY C 290 25.49 39.89 19.38
CA GLY C 290 25.97 39.94 18.02
C GLY C 290 26.43 38.60 17.47
N LEU C 291 26.00 37.51 18.11
CA LEU C 291 26.29 36.18 17.59
C LEU C 291 25.37 35.88 16.39
N GLY C 292 25.95 35.25 15.38
CA GLY C 292 25.22 34.91 14.16
C GLY C 292 24.25 33.78 14.45
N LEU C 293 23.27 33.61 13.59
CA LEU C 293 22.26 32.58 13.81
C LEU C 293 22.13 31.61 12.64
N MET C 294 22.11 30.34 13.01
CA MET C 294 21.84 29.26 12.10
C MET C 294 20.63 28.48 12.61
N ILE C 295 19.76 28.07 11.69
CA ILE C 295 18.66 27.18 12.05
C ILE C 295 18.85 25.84 11.36
N GLY C 296 18.77 24.77 12.14
CA GLY C 296 18.87 23.41 11.65
C GLY C 296 18.00 22.46 12.43
N GLY C 297 18.36 21.18 12.44
CA GLY C 297 17.64 20.18 13.20
C GLY C 297 18.33 18.84 13.15
N MET C 298 17.61 17.81 13.61
CA MET C 298 18.09 16.45 13.50
C MET C 298 17.50 15.84 12.23
N VAL C 299 17.20 14.54 12.26
CA VAL C 299 16.54 13.88 11.13
C VAL C 299 15.01 14.02 11.30
N GLU C 300 14.45 15.01 10.63
CA GLU C 300 13.06 15.44 10.84
C GLU C 300 12.26 15.56 9.57
N SER C 301 10.95 15.34 9.68
CA SER C 301 10.01 15.53 8.58
CA SER C 301 10.03 15.53 8.55
C SER C 301 9.73 17.02 8.37
N ILE C 302 8.76 17.33 7.52
CA ILE C 302 8.35 18.71 7.29
C ILE C 302 7.56 19.30 8.49
N LEU C 303 7.10 18.46 9.41
CA LEU C 303 6.40 18.93 10.61
C LEU C 303 7.31 19.71 11.55
N ALA C 304 8.45 19.14 11.92
CA ALA C 304 9.40 19.81 12.81
C ALA C 304 10.17 20.90 12.07
N MET C 305 10.39 20.68 10.77
CA MET C 305 11.17 21.58 9.95
C MET C 305 10.43 22.84 9.54
N SER C 306 9.10 22.72 9.37
CA SER C 306 8.25 23.89 9.08
C SER C 306 8.10 24.75 10.32
N PHE C 307 8.04 24.12 11.47
CA PHE C 307 8.01 24.82 12.74
C PHE C 307 9.26 25.71 12.85
N SER C 308 10.42 25.11 12.55
CA SER C 308 11.69 25.82 12.59
C SER C 308 11.74 26.97 11.58
N ALA C 309 11.28 26.71 10.35
CA ALA C 309 11.16 27.72 9.32
C ALA C 309 10.25 28.89 9.70
N ASN C 310 9.15 28.61 10.40
CA ASN C 310 8.24 29.63 10.94
C ASN C 310 8.94 30.51 11.95
N LEU C 311 9.72 29.88 12.82
CA LEU C 311 10.47 30.56 13.85
C LEU C 311 11.57 31.44 13.26
N ALA C 312 12.37 30.89 12.35
CA ALA C 312 13.51 31.61 11.82
C ALA C 312 13.11 32.75 10.90
N ALA C 313 12.10 32.52 10.04
CA ALA C 313 11.59 33.57 9.16
C ALA C 313 10.83 34.60 9.96
N GLY C 314 10.00 34.13 10.89
CA GLY C 314 9.21 35.01 11.76
C GLY C 314 10.06 35.87 12.68
N ASN C 315 11.03 35.26 13.35
CA ASN C 315 11.95 36.01 14.19
C ASN C 315 12.88 36.93 13.38
N GLY C 316 13.37 36.45 12.23
CA GLY C 316 14.33 37.21 11.44
C GLY C 316 15.76 37.06 11.97
N GLY C 317 16.73 37.62 11.25
CA GLY C 317 18.11 37.65 11.72
C GLY C 317 18.91 36.36 11.63
N PHE C 318 18.42 35.39 10.87
CA PHE C 318 19.16 34.14 10.64
C PHE C 318 19.91 34.24 9.32
N ASP C 319 21.23 34.05 9.37
CA ASP C 319 22.07 34.10 8.18
C ASP C 319 22.31 32.74 7.54
N PHE C 320 22.07 31.68 8.31
CA PHE C 320 22.30 30.31 7.84
C PHE C 320 21.06 29.42 8.03
N ILE C 321 20.53 28.92 6.92
CA ILE C 321 19.36 28.06 6.95
C ILE C 321 19.76 26.67 6.47
N ASP C 322 19.63 25.71 7.37
CA ASP C 322 20.02 24.32 7.14
C ASP C 322 18.80 23.44 7.39
N LEU C 323 17.81 23.57 6.51
CA LEU C 323 16.56 22.82 6.67
C LEU C 323 16.27 21.97 5.45
N ASP C 324 17.01 20.86 5.31
CA ASP C 324 16.94 20.04 4.11
C ASP C 324 16.54 18.57 4.30
N THR C 325 16.39 18.11 5.54
CA THR C 325 16.04 16.69 5.81
C THR C 325 14.71 16.16 5.19
N PRO C 326 13.67 17.01 5.03
CA PRO C 326 12.53 16.56 4.19
C PRO C 326 12.85 16.24 2.72
N LEU C 327 13.97 16.73 2.18
CA LEU C 327 14.40 16.35 0.83
C LEU C 327 14.95 14.92 0.78
N PHE C 328 15.47 14.46 1.91
CA PHE C 328 15.94 13.08 2.05
C PHE C 328 14.88 12.22 2.76
N ILE C 329 13.61 12.51 2.52
CA ILE C 329 12.51 11.77 3.13
C ILE C 329 11.49 11.29 2.10
N ALA C 330 11.25 9.98 2.09
CA ALA C 330 10.40 9.34 1.09
C ALA C 330 8.91 9.36 1.46
N GLU C 331 8.55 8.68 2.55
CA GLU C 331 7.14 8.57 2.94
C GLU C 331 6.85 9.24 4.29
N HIS C 332 5.91 10.18 4.26
CA HIS C 332 5.48 10.91 5.45
C HIS C 332 3.97 11.18 5.37
N PRO C 333 3.24 11.00 6.49
CA PRO C 333 1.79 11.20 6.49
C PRO C 333 1.33 12.66 6.57
N PHE C 334 2.23 13.59 6.24
CA PHE C 334 1.96 15.03 6.32
C PHE C 334 1.89 15.66 4.92
N ILE C 335 1.10 16.72 4.78
CA ILE C 335 1.10 17.55 3.57
C ILE C 335 1.03 19.05 3.88
N GLY C 336 1.21 19.87 2.85
CA GLY C 336 1.33 21.31 3.02
C GLY C 336 2.74 21.71 3.43
N GLY C 337 2.88 22.18 4.68
CA GLY C 337 4.16 22.66 5.22
C GLY C 337 4.64 23.92 4.52
N PHE C 338 5.96 24.11 4.45
CA PHE C 338 6.51 25.13 3.57
C PHE C 338 6.54 24.65 2.13
N ALA C 339 6.27 25.56 1.19
CA ALA C 339 6.35 25.25 -0.22
C ALA C 339 7.77 25.54 -0.73
N GLN C 340 8.55 24.48 -0.90
CA GLN C 340 9.93 24.61 -1.36
C GLN C 340 10.04 24.52 -2.87
N THR C 341 10.56 25.57 -3.49
CA THR C 341 11.00 25.53 -4.88
C THR C 341 12.43 26.05 -4.98
N GLY C 342 13.35 25.15 -5.32
CA GLY C 342 14.78 25.45 -5.32
C GLY C 342 15.32 25.38 -3.89
N GLY C 343 15.99 26.45 -3.47
CA GLY C 343 16.41 26.58 -2.08
C GLY C 343 15.44 27.45 -1.31
N THR C 344 14.52 28.07 -2.04
CA THR C 344 13.54 28.98 -1.47
C THR C 344 12.42 28.24 -0.74
N LEU C 345 12.30 28.51 0.56
CA LEU C 345 11.23 27.96 1.39
C LEU C 345 10.15 29.02 1.59
N GLN C 346 9.02 28.83 0.93
CA GLN C 346 7.92 29.80 0.93
C GLN C 346 6.86 29.43 1.96
N LEU C 347 6.66 30.31 2.94
CA LEU C 347 5.64 30.15 3.96
C LEU C 347 4.40 30.91 3.50
N ALA C 348 3.25 30.59 4.08
CA ALA C 348 2.01 31.24 3.71
C ALA C 348 1.13 31.60 4.92
N ASP C 349 0.05 32.32 4.66
CA ASP C 349 -0.83 32.81 5.72
C ASP C 349 -1.89 31.79 6.11
N VAL C 350 -1.45 30.79 6.87
CA VAL C 350 -2.32 29.76 7.43
C VAL C 350 -1.93 29.65 8.90
N ALA C 351 -2.92 29.46 9.77
CA ALA C 351 -2.70 29.30 11.21
C ALA C 351 -1.70 28.19 11.53
N GLY C 352 -0.86 28.44 12.53
CA GLY C 352 0.14 27.47 12.98
C GLY C 352 1.28 27.22 12.00
N HIS C 353 1.86 26.03 12.08
CA HIS C 353 2.98 25.66 11.21
C HIS C 353 2.53 25.23 9.81
N GLY C 354 1.24 24.90 9.69
CA GLY C 354 0.61 24.61 8.40
C GLY C 354 0.80 23.21 7.84
N VAL C 355 1.13 22.24 8.70
CA VAL C 355 1.23 20.84 8.28
C VAL C 355 0.05 20.02 8.86
N ASN C 356 -0.47 19.09 8.06
CA ASN C 356 -1.67 18.34 8.42
C ASN C 356 -1.65 16.88 7.99
N LEU C 357 -2.13 16.00 8.88
CA LEU C 357 -2.35 14.59 8.55
C LEU C 357 -3.60 14.49 7.70
N GLU C 358 -3.54 13.64 6.66
CA GLU C 358 -4.65 13.52 5.70
C GLU C 358 -5.29 12.13 5.62
N GLY C 359 -6.26 11.99 4.72
CA GLY C 359 -6.94 10.71 4.46
C GLY C 359 -7.30 10.56 2.99
N SER D 2 -28.24 -2.52 -36.42
CA SER D 2 -26.77 -2.42 -36.65
C SER D 2 -26.43 -1.24 -37.57
N LEU D 3 -25.59 -0.34 -37.09
CA LEU D 3 -25.04 0.67 -37.96
C LEU D 3 -23.67 0.33 -38.38
N PRO D 4 -23.17 1.13 -39.29
CA PRO D 4 -22.17 0.72 -40.25
C PRO D 4 -20.84 0.68 -39.61
N THR D 5 -20.73 1.34 -38.47
CA THR D 5 -19.52 1.21 -37.64
C THR D 5 -19.63 0.13 -36.55
N THR D 6 -20.68 -0.69 -36.60
CA THR D 6 -20.80 -1.82 -35.68
C THR D 6 -19.76 -2.87 -36.06
N ILE D 7 -19.04 -3.38 -35.06
CA ILE D 7 -18.09 -4.47 -35.27
C ILE D 7 -18.84 -5.78 -35.55
N GLN D 8 -18.68 -6.27 -36.78
CA GLN D 8 -19.45 -7.39 -37.31
C GLN D 8 -18.75 -8.74 -37.16
N ALA D 9 -17.45 -8.76 -37.43
CA ALA D 9 -16.61 -9.95 -37.30
C ALA D 9 -15.28 -9.62 -36.61
N ILE D 10 -14.77 -10.56 -35.80
CA ILE D 10 -13.46 -10.45 -35.14
C ILE D 10 -12.75 -11.80 -35.17
N SER D 11 -11.52 -11.82 -35.64
CA SER D 11 -10.67 -13.00 -35.54
C SER D 11 -9.26 -12.71 -35.05
N ALA D 12 -8.58 -13.75 -34.57
CA ALA D 12 -7.17 -13.65 -34.15
C ALA D 12 -6.44 -14.96 -34.38
N GLU D 13 -5.29 -14.89 -35.06
CA GLU D 13 -4.43 -16.05 -35.22
C GLU D 13 -2.97 -15.75 -34.80
N ALA D 14 -2.32 -16.80 -34.29
CA ALA D 14 -0.94 -16.70 -33.86
C ALA D 14 -0.01 -16.70 -35.07
N ILE D 15 0.91 -15.75 -35.10
CA ILE D 15 1.90 -15.65 -36.16
C ILE D 15 3.32 -15.81 -35.59
N ASN D 16 4.07 -16.73 -36.20
CA ASN D 16 5.46 -16.96 -35.81
C ASN D 16 6.38 -16.41 -36.89
N LEU D 17 6.92 -15.24 -36.63
CA LEU D 17 7.74 -14.51 -37.60
C LEU D 17 9.21 -14.87 -37.42
N PRO D 18 9.83 -15.45 -38.46
CA PRO D 18 11.24 -15.88 -38.42
C PRO D 18 12.20 -14.71 -38.30
N LEU D 19 13.10 -14.79 -37.32
CA LEU D 19 14.06 -13.72 -37.06
C LEU D 19 15.42 -14.02 -37.68
N THR D 20 16.05 -12.99 -38.24
CA THR D 20 17.39 -13.10 -38.82
C THR D 20 18.48 -13.15 -37.75
N GLU D 21 18.39 -12.24 -36.78
CA GLU D 21 19.32 -12.19 -35.65
C GLU D 21 18.71 -11.46 -34.45
N ALA D 31 14.42 -17.35 -31.55
CA ALA D 31 14.41 -17.65 -32.98
C ALA D 31 13.19 -17.08 -33.68
N VAL D 32 12.04 -17.10 -32.99
CA VAL D 32 10.78 -16.64 -33.56
C VAL D 32 10.17 -15.47 -32.78
N ALA D 33 9.42 -14.63 -33.49
CA ALA D 33 8.56 -13.64 -32.84
C ALA D 33 7.16 -14.23 -32.77
N ALA D 34 6.85 -14.85 -31.63
CA ALA D 34 5.55 -15.49 -31.41
C ALA D 34 4.44 -14.46 -31.12
N ASN D 35 3.95 -13.85 -32.19
CA ASN D 35 2.98 -12.75 -32.12
C ASN D 35 1.55 -13.21 -32.45
N VAL D 36 0.57 -12.32 -32.24
CA VAL D 36 -0.82 -12.62 -32.56
C VAL D 36 -1.44 -11.48 -33.36
N LEU D 37 -1.96 -11.80 -34.54
CA LEU D 37 -2.61 -10.82 -35.42
C LEU D 37 -4.11 -10.73 -35.15
N VAL D 38 -4.63 -9.51 -35.09
CA VAL D 38 -6.05 -9.27 -34.85
C VAL D 38 -6.73 -8.63 -36.05
N LYS D 39 -7.76 -9.30 -36.56
CA LYS D 39 -8.59 -8.77 -37.64
C LYS D 39 -9.99 -8.42 -37.17
N VAL D 40 -10.42 -7.18 -37.43
CA VAL D 40 -11.84 -6.81 -37.25
C VAL D 40 -12.48 -6.36 -38.55
N GLN D 41 -13.75 -6.73 -38.73
CA GLN D 41 -14.52 -6.19 -39.84
C GLN D 41 -15.76 -5.46 -39.36
N LEU D 42 -15.92 -4.23 -39.83
CA LEU D 42 -17.11 -3.44 -39.53
C LEU D 42 -18.27 -3.87 -40.42
N ALA D 43 -19.49 -3.47 -40.06
CA ALA D 43 -20.72 -3.85 -40.77
C ALA D 43 -20.85 -3.24 -42.16
N ASP D 44 -20.02 -2.24 -42.45
CA ASP D 44 -19.96 -1.61 -43.77
C ASP D 44 -18.80 -2.16 -44.63
N GLY D 45 -18.23 -3.27 -44.20
CA GLY D 45 -17.12 -3.92 -44.90
C GLY D 45 -15.72 -3.39 -44.62
N THR D 46 -15.60 -2.44 -43.69
CA THR D 46 -14.29 -1.87 -43.34
C THR D 46 -13.45 -2.84 -42.50
N LEU D 47 -12.17 -2.99 -42.88
CA LEU D 47 -11.22 -3.88 -42.22
C LEU D 47 -10.27 -3.12 -41.27
N GLY D 48 -10.00 -3.70 -40.11
CA GLY D 48 -9.05 -3.16 -39.15
C GLY D 48 -8.04 -4.20 -38.68
N LEU D 49 -6.76 -3.85 -38.77
CA LEU D 49 -5.68 -4.78 -38.48
C LEU D 49 -4.83 -4.35 -37.29
N GLY D 50 -4.55 -5.29 -36.38
CA GLY D 50 -3.75 -5.01 -35.20
C GLY D 50 -2.79 -6.13 -34.87
N GLU D 51 -1.70 -5.78 -34.19
CA GLU D 51 -0.71 -6.77 -33.79
C GLU D 51 -0.48 -6.77 -32.29
N ALA D 52 -0.54 -7.97 -31.70
CA ALA D 52 -0.16 -8.19 -30.32
C ALA D 52 1.21 -8.85 -30.33
N ALA D 53 2.15 -8.29 -29.57
CA ALA D 53 3.50 -8.84 -29.51
C ALA D 53 3.97 -9.11 -28.08
N PRO D 54 3.60 -10.28 -27.52
CA PRO D 54 3.92 -10.62 -26.14
C PRO D 54 5.35 -11.12 -25.94
N PHE D 55 5.91 -10.81 -24.77
CA PHE D 55 7.23 -11.29 -24.39
C PHE D 55 7.17 -11.64 -22.90
N PRO D 56 7.25 -12.93 -22.57
CA PRO D 56 7.07 -13.44 -21.20
C PRO D 56 8.14 -12.99 -20.20
N ALA D 57 9.35 -12.73 -20.68
CA ALA D 57 10.49 -12.37 -19.83
C ALA D 57 10.38 -10.97 -19.22
N VAL D 58 9.76 -10.05 -19.95
CA VAL D 58 9.54 -8.68 -19.44
C VAL D 58 8.37 -8.68 -18.44
N SER D 59 7.22 -9.20 -18.87
CA SER D 59 6.09 -9.50 -18.00
C SER D 59 5.39 -10.72 -18.57
N GLY D 60 5.04 -11.67 -17.69
CA GLY D 60 4.62 -13.02 -18.07
C GLY D 60 3.44 -13.22 -19.01
N GLU D 61 3.45 -12.49 -20.12
CA GLU D 61 2.46 -12.65 -21.18
C GLU D 61 3.03 -13.56 -22.27
N THR D 62 2.35 -14.68 -22.51
CA THR D 62 2.77 -15.65 -23.51
C THR D 62 1.99 -15.43 -24.80
N GLN D 63 2.25 -16.24 -25.81
CA GLN D 63 1.47 -16.21 -27.05
C GLN D 63 0.09 -16.83 -26.82
N THR D 64 0.07 -17.91 -26.02
CA THR D 64 -1.17 -18.62 -25.69
C THR D 64 -2.07 -17.79 -24.75
N GLY D 65 -1.45 -17.10 -23.79
CA GLY D 65 -2.17 -16.26 -22.84
C GLY D 65 -2.76 -15.03 -23.51
N THR D 66 -2.09 -14.55 -24.55
CA THR D 66 -2.58 -13.44 -25.37
C THR D 66 -3.77 -13.89 -26.21
N SER D 67 -3.65 -15.06 -26.83
CA SER D 67 -4.73 -15.67 -27.62
C SER D 67 -5.95 -16.03 -26.76
N ALA D 68 -5.70 -16.53 -25.56
CA ALA D 68 -6.78 -16.83 -24.60
C ALA D 68 -7.45 -15.56 -24.11
N ALA D 69 -6.69 -14.47 -24.01
CA ALA D 69 -7.21 -13.17 -23.58
C ALA D 69 -8.08 -12.53 -24.65
N ILE D 70 -7.67 -12.63 -25.91
CA ILE D 70 -8.46 -12.13 -27.04
C ILE D 70 -9.77 -12.91 -27.17
N GLU D 71 -9.70 -14.22 -26.96
CA GLU D 71 -10.87 -15.12 -26.91
C GLU D 71 -11.92 -14.66 -25.91
N ARG D 72 -11.47 -14.34 -24.69
CA ARG D 72 -12.35 -13.92 -23.61
C ARG D 72 -12.97 -12.54 -23.83
N LEU D 73 -12.24 -11.67 -24.53
CA LEU D 73 -12.63 -10.27 -24.75
C LEU D 73 -13.53 -10.04 -25.97
N GLN D 74 -13.75 -11.08 -26.77
CA GLN D 74 -14.64 -11.00 -27.95
C GLN D 74 -16.11 -10.69 -27.63
N SER D 75 -16.53 -11.03 -26.41
CA SER D 75 -17.90 -10.74 -25.91
C SER D 75 -18.14 -9.25 -25.65
N HIS D 76 -17.07 -8.49 -25.42
CA HIS D 76 -17.17 -7.05 -25.18
C HIS D 76 -17.18 -6.24 -26.47
N LEU D 77 -16.74 -6.84 -27.58
CA LEU D 77 -16.48 -6.10 -28.80
C LEU D 77 -17.41 -6.39 -29.97
N LEU D 78 -17.92 -7.62 -30.05
CA LEU D 78 -18.80 -8.00 -31.16
C LEU D 78 -20.19 -7.38 -30.96
N GLY D 79 -20.62 -6.61 -31.95
CA GLY D 79 -21.86 -5.84 -31.84
C GLY D 79 -21.63 -4.41 -31.39
N ALA D 80 -20.49 -4.15 -30.75
CA ALA D 80 -20.19 -2.83 -30.20
C ALA D 80 -19.88 -1.79 -31.29
N ASP D 81 -20.17 -0.54 -30.97
CA ASP D 81 -19.88 0.56 -31.88
C ASP D 81 -18.40 0.96 -31.76
N VAL D 82 -17.68 0.82 -32.87
CA VAL D 82 -16.24 1.14 -32.97
C VAL D 82 -15.93 2.62 -32.71
N ARG D 83 -16.98 3.45 -32.81
CA ARG D 83 -16.90 4.90 -32.56
C ARG D 83 -16.59 5.24 -31.10
N GLY D 84 -17.05 4.38 -30.18
CA GLY D 84 -16.75 4.51 -28.77
C GLY D 84 -15.42 3.88 -28.35
N TRP D 85 -14.37 4.21 -29.11
CA TRP D 85 -13.03 3.65 -28.96
C TRP D 85 -12.36 3.84 -27.59
N ARG D 86 -12.57 5.00 -26.95
CA ARG D 86 -12.09 5.20 -25.59
C ARG D 86 -12.81 4.33 -24.56
N LYS D 87 -14.13 4.19 -24.73
CA LYS D 87 -14.94 3.36 -23.84
C LYS D 87 -14.53 1.89 -23.94
N LEU D 88 -14.30 1.44 -25.18
CA LEU D 88 -13.96 0.04 -25.42
C LEU D 88 -12.56 -0.28 -24.91
N ALA D 89 -11.64 0.66 -25.09
CA ALA D 89 -10.29 0.53 -24.54
C ALA D 89 -10.33 0.41 -23.02
N ALA D 90 -11.17 1.23 -22.40
CA ALA D 90 -11.38 1.22 -20.95
C ALA D 90 -12.03 -0.07 -20.47
N MET D 91 -12.93 -0.63 -21.28
CA MET D 91 -13.63 -1.87 -20.90
C MET D 91 -12.70 -3.09 -21.00
N LEU D 92 -11.78 -3.05 -21.97
CA LEU D 92 -10.73 -4.08 -22.09
C LEU D 92 -9.78 -4.09 -20.88
N ASP D 93 -9.40 -2.90 -20.41
CA ASP D 93 -8.49 -2.75 -19.26
C ASP D 93 -9.06 -3.30 -17.95
N HIS D 94 -10.37 -3.10 -17.71
CA HIS D 94 -10.93 -3.62 -16.47
CA HIS D 94 -11.02 -3.61 -16.48
C HIS D 94 -11.12 -5.13 -16.51
N ALA D 95 -11.35 -5.68 -17.70
CA ALA D 95 -11.54 -7.10 -17.87
C ALA D 95 -10.22 -7.87 -17.89
N GLU D 96 -9.21 -7.30 -18.55
CA GLU D 96 -7.96 -8.02 -18.79
C GLU D 96 -6.73 -7.11 -18.73
N HIS D 97 -6.51 -6.47 -17.58
CA HIS D 97 -5.41 -5.51 -17.42
C HIS D 97 -4.02 -6.07 -17.73
N GLU D 98 -3.79 -7.31 -17.30
CA GLU D 98 -2.47 -7.94 -17.38
C GLU D 98 -2.09 -8.38 -18.78
N ALA D 99 -3.09 -8.58 -19.63
CA ALA D 99 -2.88 -8.97 -21.03
C ALA D 99 -2.73 -7.75 -21.90
N ALA D 100 -1.69 -6.96 -21.63
CA ALA D 100 -1.44 -5.68 -22.30
C ALA D 100 -1.18 -5.81 -23.79
N ALA D 101 -0.56 -6.91 -24.21
CA ALA D 101 -0.29 -7.17 -25.62
C ALA D 101 -1.60 -7.38 -26.37
N ALA D 102 -2.46 -8.23 -25.80
CA ALA D 102 -3.80 -8.49 -26.33
C ALA D 102 -4.60 -7.21 -26.55
N ARG D 103 -4.60 -6.35 -25.53
CA ARG D 103 -5.35 -5.08 -25.56
C ARG D 103 -4.77 -4.08 -26.58
N CYS D 104 -3.45 -4.08 -26.73
CA CYS D 104 -2.82 -3.22 -27.74
C CYS D 104 -3.16 -3.69 -29.15
N GLY D 105 -3.11 -5.01 -29.38
CA GLY D 105 -3.54 -5.60 -30.65
C GLY D 105 -4.98 -5.22 -31.02
N LEU D 106 -5.87 -5.37 -30.05
CA LEU D 106 -7.29 -5.04 -30.22
C LEU D 106 -7.57 -3.56 -30.48
N GLU D 107 -6.91 -2.68 -29.72
CA GLU D 107 -7.05 -1.23 -29.86
C GLU D 107 -6.53 -0.74 -31.20
N MET D 108 -5.40 -1.30 -31.64
CA MET D 108 -4.81 -0.99 -32.95
C MET D 108 -5.75 -1.35 -34.10
N ALA D 109 -6.37 -2.54 -34.02
CA ALA D 109 -7.34 -3.00 -35.00
C ALA D 109 -8.58 -2.11 -35.03
N MET D 110 -9.02 -1.73 -33.84
CA MET D 110 -10.19 -0.89 -33.62
C MET D 110 -9.99 0.48 -34.25
N LEU D 111 -8.79 1.05 -34.03
CA LEU D 111 -8.47 2.40 -34.49
C LEU D 111 -8.07 2.44 -35.96
N ASP D 112 -7.64 1.31 -36.49
CA ASP D 112 -7.37 1.19 -37.91
C ASP D 112 -8.69 1.17 -38.67
N ALA D 113 -9.64 0.39 -38.17
CA ALA D 113 -10.98 0.28 -38.72
C ALA D 113 -11.76 1.58 -38.63
N LEU D 114 -11.62 2.26 -37.49
CA LEU D 114 -12.32 3.51 -37.22
C LEU D 114 -11.89 4.59 -38.21
N THR D 115 -10.59 4.82 -38.32
CA THR D 115 -10.08 5.87 -39.19
C THR D 115 -10.24 5.56 -40.69
N ARG D 116 -10.26 4.27 -41.05
CA ARG D 116 -10.53 3.88 -42.44
C ARG D 116 -12.00 4.08 -42.82
N HIS D 117 -12.91 3.89 -41.86
CA HIS D 117 -14.34 4.17 -42.05
C HIS D 117 -14.58 5.64 -42.41
N TYR D 118 -13.75 6.51 -41.87
CA TYR D 118 -13.89 7.94 -42.09
C TYR D 118 -12.92 8.46 -43.16
N HIS D 119 -12.20 7.52 -43.79
CA HIS D 119 -11.20 7.78 -44.85
C HIS D 119 -10.06 8.66 -44.37
N MET D 120 -9.71 8.49 -43.10
CA MET D 120 -8.71 9.29 -42.41
C MET D 120 -7.43 8.50 -42.13
N PRO D 121 -6.27 9.06 -42.47
CA PRO D 121 -4.98 8.53 -42.03
C PRO D 121 -4.81 8.69 -40.51
N LEU D 122 -4.16 7.72 -39.87
CA LEU D 122 -3.94 7.75 -38.43
C LEU D 122 -3.00 8.86 -37.99
N HIS D 123 -2.08 9.27 -38.87
CA HIS D 123 -1.24 10.42 -38.55
C HIS D 123 -2.02 11.74 -38.48
N VAL D 124 -3.07 11.86 -39.30
CA VAL D 124 -3.99 13.01 -39.25
C VAL D 124 -4.86 12.96 -37.99
N PHE D 125 -5.32 11.75 -37.65
CA PHE D 125 -6.06 11.48 -36.42
C PHE D 125 -5.26 11.92 -35.19
N PHE D 126 -3.97 11.58 -35.16
CA PHE D 126 -3.10 11.88 -34.02
C PHE D 126 -2.51 13.30 -34.00
N GLY D 127 -2.79 14.09 -35.03
CA GLY D 127 -2.33 15.48 -35.07
C GLY D 127 -1.75 15.97 -36.40
N GLY D 128 -0.83 15.19 -36.97
CA GLY D 128 -0.28 15.43 -38.30
C GLY D 128 0.97 16.28 -38.40
N VAL D 129 1.79 16.27 -37.35
CA VAL D 129 3.00 17.10 -37.28
C VAL D 129 3.98 16.82 -38.43
N SER D 130 4.35 15.55 -38.61
CA SER D 130 5.21 15.15 -39.71
C SER D 130 4.73 13.86 -40.36
N LYS D 131 5.43 13.41 -41.39
CA LYS D 131 5.15 12.16 -42.08
C LYS D 131 6.44 11.36 -42.21
N GLN D 132 7.45 11.78 -41.44
CA GLN D 132 8.80 11.27 -41.57
C GLN D 132 9.45 11.11 -40.20
N LEU D 133 10.05 9.94 -39.97
CA LEU D 133 10.77 9.66 -38.73
C LEU D 133 12.14 9.06 -39.03
N GLU D 134 13.10 9.27 -38.13
CA GLU D 134 14.46 8.78 -38.32
C GLU D 134 14.82 7.78 -37.23
N THR D 135 14.91 6.50 -37.60
CA THR D 135 15.11 5.43 -36.60
C THR D 135 16.57 5.00 -36.38
N ASP D 136 16.83 4.46 -35.19
CA ASP D 136 18.12 3.83 -34.90
C ASP D 136 18.10 2.35 -35.28
N MET D 137 19.18 1.63 -34.98
CA MET D 137 19.19 0.17 -35.06
C MET D 137 20.00 -0.45 -33.94
N THR D 138 19.51 -1.57 -33.43
CA THR D 138 20.05 -2.23 -32.25
C THR D 138 21.19 -3.19 -32.60
N ILE D 139 22.09 -3.40 -31.63
CA ILE D 139 23.04 -4.51 -31.64
C ILE D 139 22.83 -5.30 -30.35
N THR D 140 22.43 -6.56 -30.49
CA THR D 140 22.24 -7.43 -29.33
C THR D 140 23.35 -8.47 -29.20
N ALA D 141 23.91 -8.55 -27.99
CA ALA D 141 25.02 -9.47 -27.63
C ALA D 141 26.27 -9.34 -28.50
N GLY D 142 27.07 -10.40 -28.54
CA GLY D 142 28.34 -10.41 -29.27
C GLY D 142 29.45 -9.75 -28.47
N ASP D 143 30.66 -10.29 -28.57
CA ASP D 143 31.81 -9.73 -27.85
C ASP D 143 32.40 -8.49 -28.55
N GLU D 144 33.67 -8.21 -28.26
CA GLU D 144 34.35 -6.99 -28.72
C GLU D 144 34.47 -6.81 -30.25
N VAL D 145 34.81 -7.88 -30.96
CA VAL D 145 34.91 -7.84 -32.43
C VAL D 145 33.56 -8.09 -33.11
N HIS D 146 32.73 -8.91 -32.48
CA HIS D 146 31.40 -9.25 -33.00
C HIS D 146 30.46 -8.03 -33.01
N ALA D 147 30.58 -7.18 -32.00
CA ALA D 147 29.82 -5.93 -31.94
C ALA D 147 30.47 -4.81 -32.76
N ALA D 148 31.75 -4.95 -33.08
CA ALA D 148 32.47 -3.99 -33.92
C ALA D 148 32.06 -4.10 -35.38
N ALA D 149 31.91 -5.34 -35.85
CA ALA D 149 31.48 -5.62 -37.23
C ALA D 149 30.02 -5.23 -37.45
N SER D 150 29.20 -5.41 -36.40
CA SER D 150 27.81 -4.99 -36.40
C SER D 150 27.67 -3.48 -36.55
N ALA D 151 28.50 -2.74 -35.81
CA ALA D 151 28.49 -1.28 -35.78
C ALA D 151 28.90 -0.66 -37.12
N LYS D 152 29.83 -1.32 -37.82
CA LYS D 152 30.23 -0.92 -39.17
C LYS D 152 29.11 -1.14 -40.17
N ALA D 153 28.35 -2.21 -39.96
CA ALA D 153 27.27 -2.61 -40.86
C ALA D 153 26.01 -1.74 -40.79
N ILE D 154 25.88 -0.94 -39.72
CA ILE D 154 24.69 -0.12 -39.51
C ILE D 154 24.81 1.30 -40.09
N LEU D 155 26.00 1.91 -39.95
CA LEU D 155 26.23 3.24 -40.54
C LEU D 155 26.47 3.19 -42.05
N ALA D 156 26.93 2.03 -42.52
CA ALA D 156 27.04 1.76 -43.96
C ALA D 156 25.65 1.62 -44.59
N ARG D 157 24.67 1.22 -43.78
CA ARG D 157 23.29 1.08 -44.22
C ARG D 157 22.60 2.44 -44.36
N GLY D 158 23.14 3.45 -43.65
CA GLY D 158 22.59 4.81 -43.68
C GLY D 158 21.78 5.17 -42.46
N ILE D 159 22.15 4.56 -41.32
CA ILE D 159 21.46 4.77 -40.05
C ILE D 159 22.37 5.57 -39.12
N LYS D 160 21.89 6.75 -38.72
CA LYS D 160 22.71 7.75 -38.02
C LYS D 160 23.09 7.37 -36.59
N SER D 161 22.11 6.96 -35.80
CA SER D 161 22.33 6.59 -34.40
C SER D 161 22.15 5.08 -34.21
N ILE D 162 22.85 4.50 -33.23
CA ILE D 162 22.72 3.06 -32.93
C ILE D 162 22.38 2.79 -31.47
N LYS D 163 21.88 1.59 -31.21
CA LYS D 163 21.48 1.17 -29.87
C LYS D 163 22.24 -0.07 -29.40
N VAL D 164 22.91 0.03 -28.25
CA VAL D 164 23.60 -1.14 -27.69
C VAL D 164 22.81 -1.70 -26.51
N LYS D 165 22.99 -2.99 -26.24
CA LYS D 165 22.31 -3.66 -25.14
C LYS D 165 23.30 -4.42 -24.26
N THR D 166 23.75 -3.77 -23.18
CA THR D 166 24.75 -4.35 -22.29
C THR D 166 24.12 -5.16 -21.14
N ALA D 167 24.95 -5.95 -20.48
CA ALA D 167 24.51 -6.83 -19.39
C ALA D 167 24.31 -6.09 -18.06
N GLY D 168 25.30 -5.30 -17.68
CA GLY D 168 25.25 -4.55 -16.43
C GLY D 168 26.03 -5.18 -15.27
N VAL D 169 26.33 -6.46 -15.41
CA VAL D 169 27.03 -7.22 -14.35
C VAL D 169 28.50 -6.84 -14.22
N ASP D 170 29.19 -6.73 -15.35
CA ASP D 170 30.60 -6.41 -15.39
C ASP D 170 30.74 -5.09 -16.13
N VAL D 171 31.11 -4.05 -15.38
CA VAL D 171 31.31 -2.71 -15.96
C VAL D 171 32.55 -2.67 -16.85
N ALA D 172 33.57 -3.44 -16.49
CA ALA D 172 34.80 -3.55 -17.28
C ALA D 172 34.54 -4.18 -18.65
N TYR D 173 33.66 -5.17 -18.70
CA TYR D 173 33.26 -5.80 -19.95
C TYR D 173 32.31 -4.92 -20.76
N ASP D 174 31.47 -4.17 -20.06
CA ASP D 174 30.50 -3.25 -20.69
C ASP D 174 31.17 -2.03 -21.32
N LEU D 175 32.15 -1.47 -20.61
CA LEU D 175 32.89 -0.31 -21.09
C LEU D 175 33.82 -0.66 -22.24
N ALA D 176 34.35 -1.88 -22.22
CA ALA D 176 35.14 -2.42 -23.32
C ALA D 176 34.30 -2.64 -24.58
N ARG D 177 33.05 -3.07 -24.39
CA ARG D 177 32.12 -3.27 -25.49
C ARG D 177 31.65 -1.95 -26.11
N LEU D 178 31.44 -0.95 -25.28
CA LEU D 178 31.06 0.40 -25.76
C LEU D 178 32.18 1.11 -26.48
N ARG D 179 33.41 0.93 -26.00
CA ARG D 179 34.60 1.46 -26.65
C ARG D 179 34.73 0.91 -28.07
N ALA D 180 34.64 -0.41 -28.20
CA ALA D 180 34.78 -1.12 -29.48
C ALA D 180 33.76 -0.69 -30.52
N ILE D 181 32.51 -0.52 -30.08
CA ILE D 181 31.42 -0.04 -30.94
C ILE D 181 31.65 1.40 -31.39
N HIS D 182 31.99 2.28 -30.46
CA HIS D 182 32.31 3.67 -30.74
C HIS D 182 33.60 3.84 -31.56
N GLN D 183 34.55 2.93 -31.37
CA GLN D 183 35.77 2.94 -32.18
C GLN D 183 35.47 2.51 -33.61
N ALA D 184 34.57 1.53 -33.76
CA ALA D 184 34.12 1.07 -35.07
C ALA D 184 33.18 2.07 -35.75
N ALA D 185 32.53 2.92 -34.95
CA ALA D 185 31.63 3.95 -35.47
C ALA D 185 31.76 5.24 -34.64
N PRO D 186 32.73 6.11 -35.02
CA PRO D 186 33.01 7.37 -34.31
C PRO D 186 31.87 8.40 -34.29
N THR D 187 31.09 8.46 -35.37
CA THR D 187 30.07 9.50 -35.55
C THR D 187 28.66 9.08 -35.14
N ALA D 188 28.55 7.97 -34.39
CA ALA D 188 27.25 7.43 -34.00
C ALA D 188 26.87 7.81 -32.58
N PRO D 189 25.73 8.53 -32.42
CA PRO D 189 25.11 8.71 -31.11
C PRO D 189 24.62 7.35 -30.59
N LEU D 190 25.09 6.97 -29.40
CA LEU D 190 24.85 5.63 -28.87
C LEU D 190 23.75 5.65 -27.80
N ILE D 191 22.82 4.71 -27.90
CA ILE D 191 21.74 4.58 -26.93
C ILE D 191 21.94 3.29 -26.14
N VAL D 192 22.32 3.41 -24.88
CA VAL D 192 22.71 2.22 -24.12
C VAL D 192 21.55 1.68 -23.29
N ASP D 193 21.03 0.54 -23.71
CA ASP D 193 19.99 -0.14 -22.97
C ASP D 193 20.62 -1.08 -21.95
N GLY D 194 20.63 -0.65 -20.70
CA GLY D 194 21.19 -1.44 -19.61
C GLY D 194 20.32 -2.59 -19.15
N ASN D 195 19.02 -2.49 -19.45
CA ASN D 195 18.01 -3.48 -19.06
C ASN D 195 18.09 -3.99 -17.62
N CYS D 196 18.01 -3.04 -16.68
CA CYS D 196 17.93 -3.33 -15.22
C CYS D 196 19.10 -4.15 -14.63
N GLY D 197 20.24 -4.13 -15.30
CA GLY D 197 21.38 -4.97 -14.93
C GLY D 197 22.38 -4.31 -14.02
N TYR D 198 22.38 -2.98 -14.02
CA TYR D 198 23.25 -2.18 -13.14
C TYR D 198 22.58 -1.95 -11.79
N ASP D 199 23.38 -1.67 -10.78
CA ASP D 199 22.88 -1.01 -9.58
C ASP D 199 23.39 0.44 -9.59
N VAL D 200 23.17 1.18 -8.52
CA VAL D 200 23.46 2.63 -8.45
C VAL D 200 24.94 2.96 -8.71
N GLU D 201 25.82 2.27 -8.00
CA GLU D 201 27.27 2.51 -8.09
C GLU D 201 27.88 2.06 -9.42
N ARG D 202 27.39 0.95 -9.97
CA ARG D 202 27.89 0.43 -11.25
C ARG D 202 27.47 1.28 -12.45
N ALA D 203 26.26 1.82 -12.39
CA ALA D 203 25.75 2.71 -13.44
C ALA D 203 26.48 4.04 -13.45
N LEU D 204 26.82 4.55 -12.25
CA LEU D 204 27.61 5.78 -12.12
C LEU D 204 29.04 5.61 -12.60
N ALA D 205 29.64 4.47 -12.27
CA ALA D 205 31.01 4.12 -12.70
C ALA D 205 31.10 3.94 -14.21
N PHE D 206 30.03 3.41 -14.80
CA PHE D 206 29.88 3.30 -16.24
C PHE D 206 29.84 4.69 -16.88
N CYS D 207 29.04 5.58 -16.29
CA CYS D 207 28.78 6.91 -16.83
C CYS D 207 29.96 7.88 -16.74
N ALA D 208 30.75 7.74 -15.67
CA ALA D 208 31.90 8.60 -15.42
C ALA D 208 32.99 8.44 -16.48
N ALA D 209 33.22 7.19 -16.89
CA ALA D 209 34.20 6.86 -17.92
C ALA D 209 33.72 7.24 -19.32
N CYS D 210 32.40 7.21 -19.52
CA CYS D 210 31.79 7.58 -20.80
C CYS D 210 31.93 9.07 -21.09
N LYS D 211 31.82 9.89 -20.05
CA LYS D 211 32.00 11.34 -20.18
C LYS D 211 33.47 11.69 -20.33
N ALA D 212 34.33 10.99 -19.58
CA ALA D 212 35.78 11.24 -19.57
C ALA D 212 36.46 10.85 -20.89
N GLU D 213 36.08 9.69 -21.44
CA GLU D 213 36.66 9.21 -22.70
C GLU D 213 35.89 9.72 -23.93
N SER D 214 35.02 10.72 -23.70
CA SER D 214 34.15 11.36 -24.72
C SER D 214 33.37 10.39 -25.63
N ILE D 215 32.90 9.31 -25.02
CA ILE D 215 32.00 8.35 -25.66
C ILE D 215 30.60 8.98 -25.74
N PRO D 216 30.05 9.11 -26.97
CA PRO D 216 28.82 9.88 -27.16
C PRO D 216 27.52 9.10 -26.92
N MET D 217 27.37 8.57 -25.70
CA MET D 217 26.09 8.04 -25.25
C MET D 217 25.12 9.21 -25.14
N VAL D 218 24.10 9.18 -25.99
CA VAL D 218 23.09 10.23 -26.08
C VAL D 218 21.88 9.91 -25.16
N LEU D 219 21.79 8.65 -24.75
CA LEU D 219 20.70 8.18 -23.88
C LEU D 219 21.06 6.91 -23.12
N PHE D 220 20.70 6.87 -21.84
CA PHE D 220 20.92 5.72 -20.98
C PHE D 220 19.58 5.14 -20.53
N GLU D 221 19.08 4.16 -21.29
CA GLU D 221 17.75 3.60 -21.06
C GLU D 221 17.76 2.53 -19.97
N GLN D 222 16.88 2.73 -18.99
CA GLN D 222 16.59 1.78 -17.91
C GLN D 222 17.78 0.94 -17.43
N PRO D 223 18.78 1.58 -16.79
CA PRO D 223 19.93 0.84 -16.26
C PRO D 223 19.58 0.07 -14.99
N LEU D 224 18.49 0.46 -14.34
CA LEU D 224 18.12 -0.05 -13.03
C LEU D 224 16.76 -0.73 -13.04
N PRO D 225 16.53 -1.66 -12.10
CA PRO D 225 15.20 -2.21 -11.90
C PRO D 225 14.15 -1.15 -11.55
N ARG D 226 12.91 -1.41 -11.94
CA ARG D 226 11.77 -0.55 -11.67
C ARG D 226 11.62 -0.25 -10.17
N GLU D 227 11.82 -1.29 -9.37
CA GLU D 227 11.65 -1.26 -7.91
C GLU D 227 12.69 -0.41 -7.18
N ASP D 228 13.80 -0.11 -7.86
CA ASP D 228 14.77 0.84 -7.35
C ASP D 228 14.49 2.23 -7.92
N TRP D 229 13.46 2.86 -7.36
CA TRP D 229 13.01 4.19 -7.78
C TRP D 229 13.99 5.28 -7.38
N ALA D 230 14.55 5.15 -6.17
CA ALA D 230 15.54 6.08 -5.63
C ALA D 230 16.87 6.03 -6.38
N GLY D 231 17.22 4.84 -6.86
CA GLY D 231 18.44 4.64 -7.64
C GLY D 231 18.38 5.29 -9.01
N MET D 232 17.26 5.13 -9.70
CA MET D 232 17.02 5.78 -10.99
C MET D 232 17.07 7.31 -10.93
N ALA D 233 16.54 7.87 -9.84
CA ALA D 233 16.57 9.30 -9.58
C ALA D 233 17.98 9.86 -9.41
N GLN D 234 18.82 9.12 -8.68
CA GLN D 234 20.21 9.53 -8.42
C GLN D 234 21.06 9.51 -9.69
N VAL D 235 20.80 8.52 -10.54
CA VAL D 235 21.52 8.37 -11.81
C VAL D 235 21.12 9.46 -12.81
N THR D 236 19.82 9.78 -12.87
CA THR D 236 19.30 10.81 -13.78
C THR D 236 19.92 12.19 -13.52
N ALA D 237 20.03 12.56 -12.24
CA ALA D 237 20.52 13.88 -11.84
C ALA D 237 22.03 14.08 -12.00
N GLN D 238 22.80 13.00 -11.84
CA GLN D 238 24.26 13.08 -11.70
C GLN D 238 25.09 12.69 -12.93
N SER D 239 24.51 11.86 -13.80
CA SER D 239 25.24 11.28 -14.94
C SER D 239 25.68 12.29 -16.00
N GLY D 240 24.91 13.36 -16.16
CA GLY D 240 25.14 14.33 -17.23
C GLY D 240 24.67 13.78 -18.56
N PHE D 241 23.89 12.71 -18.49
CA PHE D 241 23.27 12.06 -19.64
C PHE D 241 21.77 12.06 -19.46
N ALA D 242 21.04 12.17 -20.58
CA ALA D 242 19.60 11.93 -20.59
C ALA D 242 19.36 10.46 -20.26
N VAL D 243 18.43 10.21 -19.33
CA VAL D 243 18.12 8.87 -18.87
C VAL D 243 16.68 8.54 -19.24
N ALA D 244 16.49 7.42 -19.94
CA ALA D 244 15.16 6.99 -20.39
C ALA D 244 14.49 6.02 -19.42
N ALA D 245 13.19 6.19 -19.24
CA ALA D 245 12.38 5.23 -18.50
C ALA D 245 11.68 4.29 -19.47
N ASP D 246 11.74 3.00 -19.17
CA ASP D 246 11.03 1.99 -19.93
C ASP D 246 10.10 1.23 -18.97
N GLU D 247 10.67 0.32 -18.19
CA GLU D 247 9.94 -0.46 -17.18
C GLU D 247 9.41 0.41 -16.04
N SER D 248 10.08 1.53 -15.81
CA SER D 248 9.65 2.51 -14.82
C SER D 248 8.45 3.31 -15.34
N ALA D 249 8.26 3.29 -16.66
CA ALA D 249 7.14 3.98 -17.31
C ALA D 249 6.16 3.00 -17.99
N ARG D 250 5.27 2.35 -17.29
CA ARG D 250 4.32 1.59 -18.06
C ARG D 250 2.88 1.90 -17.78
N SER D 251 2.68 3.02 -17.15
CA SER D 251 1.36 3.63 -17.02
C SER D 251 1.47 5.16 -17.02
N ALA D 252 0.32 5.83 -17.09
CA ALA D 252 0.24 7.28 -16.95
C ALA D 252 0.59 7.69 -15.52
N HIS D 253 0.18 6.83 -14.57
CA HIS D 253 0.50 6.95 -13.14
C HIS D 253 2.02 6.94 -12.93
N ASP D 254 2.70 6.06 -13.66
CA ASP D 254 4.16 5.96 -13.63
C ASP D 254 4.86 7.25 -14.10
N VAL D 255 4.42 7.80 -15.23
CA VAL D 255 5.02 9.02 -15.79
C VAL D 255 4.81 10.24 -14.86
N LEU D 256 3.70 10.25 -14.12
CA LEU D 256 3.48 11.25 -13.07
C LEU D 256 4.52 11.17 -11.97
N ARG D 257 4.76 9.95 -11.48
CA ARG D 257 5.78 9.71 -10.47
C ARG D 257 7.16 10.14 -10.98
N ILE D 258 7.46 9.78 -12.23
CA ILE D 258 8.74 10.13 -12.87
C ILE D 258 8.93 11.65 -12.94
N ALA D 259 7.87 12.35 -13.34
CA ALA D 259 7.87 13.81 -13.40
C ALA D 259 8.04 14.45 -12.02
N ARG D 260 7.40 13.87 -11.01
CA ARG D 260 7.40 14.42 -9.65
C ARG D 260 8.72 14.13 -8.91
N GLU D 261 9.37 13.01 -9.22
CA GLU D 261 10.58 12.58 -8.50
C GLU D 261 11.89 12.81 -9.25
N GLY D 262 11.82 13.01 -10.56
CA GLY D 262 13.03 13.11 -11.39
C GLY D 262 13.68 11.76 -11.62
N THR D 263 12.85 10.72 -11.70
CA THR D 263 13.24 9.32 -11.93
C THR D 263 13.96 9.14 -13.29
N ALA D 264 13.56 9.93 -14.27
CA ALA D 264 14.15 9.92 -15.61
C ALA D 264 13.89 11.27 -16.26
N SER D 265 14.53 11.52 -17.41
CA SER D 265 14.27 12.73 -18.19
C SER D 265 13.64 12.41 -19.56
N VAL D 266 13.59 11.12 -19.89
CA VAL D 266 13.03 10.63 -21.15
C VAL D 266 12.08 9.44 -20.88
N ILE D 267 10.97 9.39 -21.60
CA ILE D 267 10.06 8.24 -21.53
C ILE D 267 10.08 7.44 -22.84
N ASN D 268 10.39 6.15 -22.74
CA ASN D 268 10.21 5.22 -23.86
C ASN D 268 8.78 4.67 -23.92
N ILE D 269 7.97 5.23 -24.82
CA ILE D 269 6.62 4.73 -25.07
C ILE D 269 6.66 3.48 -25.93
N LYS D 270 6.27 2.37 -25.33
CA LYS D 270 5.95 1.15 -26.06
C LYS D 270 4.45 0.93 -25.92
N LEU D 271 3.74 1.01 -27.05
CA LEU D 271 2.28 0.88 -27.08
C LEU D 271 1.83 -0.47 -26.59
N MET D 272 2.68 -1.48 -26.75
CA MET D 272 2.41 -2.85 -26.37
C MET D 272 2.33 -3.06 -24.86
N LYS D 273 2.90 -2.15 -24.10
CA LYS D 273 3.03 -2.36 -22.67
C LYS D 273 1.85 -1.89 -21.87
N ALA D 274 1.15 -0.90 -22.39
CA ALA D 274 0.06 -0.25 -21.66
C ALA D 274 -1.23 -0.15 -22.47
N GLY D 275 -1.15 -0.46 -23.76
CA GLY D 275 -2.24 -0.20 -24.70
C GLY D 275 -2.05 1.14 -25.37
N VAL D 276 -2.96 1.48 -26.28
CA VAL D 276 -2.84 2.70 -27.07
C VAL D 276 -3.37 3.95 -26.35
N ALA D 277 -4.52 3.83 -25.69
CA ALA D 277 -5.14 4.97 -24.99
C ALA D 277 -4.35 5.42 -23.75
N GLU D 278 -3.76 4.46 -23.03
CA GLU D 278 -2.86 4.75 -21.92
C GLU D 278 -1.56 5.40 -22.41
N GLY D 279 -1.08 4.95 -23.56
CA GLY D 279 0.08 5.55 -24.23
C GLY D 279 -0.11 7.03 -24.52
N LEU D 280 -1.27 7.38 -25.07
CA LEU D 280 -1.64 8.77 -25.37
C LEU D 280 -1.65 9.69 -24.15
N LYS D 281 -2.05 9.14 -23.00
CA LYS D 281 -2.04 9.88 -21.74
C LYS D 281 -0.61 10.10 -21.28
N MET D 282 0.21 9.07 -21.39
CA MET D 282 1.64 9.13 -21.08
C MET D 282 2.41 10.17 -21.90
N ILE D 283 2.07 10.27 -23.19
CA ILE D 283 2.67 11.23 -24.10
C ILE D 283 2.33 12.67 -23.69
N ALA D 284 1.04 12.90 -23.42
CA ALA D 284 0.54 14.21 -23.01
C ALA D 284 1.12 14.70 -21.68
N ILE D 285 1.30 13.77 -20.73
CA ILE D 285 1.91 14.08 -19.42
C ILE D 285 3.38 14.45 -19.59
N ALA D 286 4.10 13.66 -20.40
CA ALA D 286 5.51 13.91 -20.69
C ALA D 286 5.73 15.29 -21.32
N GLN D 287 5.01 15.59 -22.39
CA GLN D 287 5.08 16.90 -23.07
C GLN D 287 4.75 18.08 -22.18
N ALA D 288 3.85 17.86 -21.23
CA ALA D 288 3.50 18.85 -20.21
C ALA D 288 4.63 19.00 -19.18
N ALA D 289 5.25 17.88 -18.82
CA ALA D 289 6.29 17.85 -17.79
C ALA D 289 7.68 18.22 -18.31
N GLY D 290 7.78 18.46 -19.62
CA GLY D 290 9.05 18.80 -20.26
C GLY D 290 9.98 17.62 -20.36
N LEU D 291 9.40 16.41 -20.38
CA LEU D 291 10.17 15.17 -20.48
C LEU D 291 10.36 14.77 -21.92
N GLY D 292 11.48 14.11 -22.19
CA GLY D 292 11.81 13.62 -23.52
C GLY D 292 10.98 12.41 -23.91
N LEU D 293 10.79 12.26 -25.22
CA LEU D 293 9.97 11.19 -25.76
C LEU D 293 10.78 10.26 -26.67
N MET D 294 10.71 8.97 -26.35
CA MET D 294 11.21 7.91 -27.21
C MET D 294 10.04 7.00 -27.59
N ILE D 295 9.93 6.67 -28.88
CA ILE D 295 9.02 5.63 -29.35
C ILE D 295 9.78 4.33 -29.57
N GLY D 296 9.31 3.26 -28.92
CA GLY D 296 9.94 1.96 -29.03
C GLY D 296 8.97 0.87 -29.41
N GLY D 297 9.35 -0.36 -29.15
CA GLY D 297 8.49 -1.51 -29.38
C GLY D 297 9.03 -2.77 -28.76
N MET D 298 8.24 -3.84 -28.85
CA MET D 298 8.71 -5.17 -28.49
C MET D 298 9.20 -5.84 -29.77
N VAL D 299 9.14 -7.17 -29.83
CA VAL D 299 9.55 -7.87 -31.05
C VAL D 299 8.35 -7.90 -32.00
N GLU D 300 8.24 -6.84 -32.80
CA GLU D 300 7.04 -6.55 -33.59
C GLU D 300 7.33 -6.49 -35.08
N SER D 301 6.33 -6.84 -35.89
CA SER D 301 6.41 -6.69 -37.34
C SER D 301 6.07 -5.27 -37.78
N ILE D 302 6.09 -5.04 -39.10
CA ILE D 302 5.78 -3.75 -39.73
C ILE D 302 4.34 -3.26 -39.46
N LEU D 303 3.46 -4.15 -39.01
CA LEU D 303 2.10 -3.77 -38.61
C LEU D 303 2.09 -2.89 -37.35
N ALA D 304 2.55 -3.44 -36.21
CA ALA D 304 2.55 -2.69 -34.94
C ALA D 304 3.53 -1.52 -34.95
N MET D 305 4.57 -1.63 -35.76
CA MET D 305 5.59 -0.60 -35.91
C MET D 305 5.11 0.62 -36.69
N SER D 306 4.31 0.39 -37.73
CA SER D 306 3.76 1.49 -38.54
C SER D 306 2.67 2.26 -37.81
N PHE D 307 2.00 1.59 -36.87
CA PHE D 307 1.00 2.23 -36.02
C PHE D 307 1.69 3.22 -35.09
N SER D 308 2.82 2.80 -34.51
CA SER D 308 3.64 3.63 -33.65
C SER D 308 4.21 4.81 -34.43
N ALA D 309 4.59 4.55 -35.67
CA ALA D 309 5.13 5.54 -36.57
C ALA D 309 4.08 6.57 -36.98
N ASN D 310 2.82 6.14 -37.03
CA ASN D 310 1.70 7.04 -37.29
C ASN D 310 1.43 7.95 -36.09
N LEU D 311 1.59 7.39 -34.89
CA LEU D 311 1.38 8.12 -33.65
C LEU D 311 2.47 9.16 -33.40
N ALA D 312 3.73 8.74 -33.47
CA ALA D 312 4.86 9.63 -33.23
C ALA D 312 4.90 10.80 -34.21
N ALA D 313 4.72 10.49 -35.49
CA ALA D 313 4.73 11.50 -36.55
C ALA D 313 3.51 12.42 -36.48
N GLY D 314 2.39 11.86 -36.07
CA GLY D 314 1.14 12.61 -35.92
C GLY D 314 1.18 13.56 -34.74
N ASN D 315 1.62 13.06 -33.59
CA ASN D 315 1.68 13.86 -32.38
C ASN D 315 2.84 14.85 -32.37
N GLY D 316 4.00 14.42 -32.88
CA GLY D 316 5.22 15.22 -32.82
C GLY D 316 5.96 15.03 -31.51
N GLY D 317 7.09 15.72 -31.37
CA GLY D 317 7.78 15.84 -30.08
C GLY D 317 8.64 14.67 -29.62
N PHE D 318 8.81 13.69 -30.49
CA PHE D 318 9.70 12.55 -30.20
C PHE D 318 11.14 12.86 -30.62
N ASP D 319 12.08 12.68 -29.69
CA ASP D 319 13.51 12.95 -29.93
C ASP D 319 14.31 11.68 -30.19
N PHE D 320 13.72 10.53 -29.88
CA PHE D 320 14.32 9.24 -30.17
C PHE D 320 13.29 8.33 -30.85
N ILE D 321 13.72 7.61 -31.88
CA ILE D 321 12.88 6.65 -32.60
C ILE D 321 13.57 5.28 -32.60
N ASP D 322 12.99 4.32 -31.89
CA ASP D 322 13.56 2.97 -31.77
C ASP D 322 12.64 1.96 -32.47
N LEU D 323 12.35 2.23 -33.74
CA LEU D 323 11.48 1.36 -34.53
C LEU D 323 12.26 0.58 -35.58
N ASP D 324 13.02 -0.39 -35.15
CA ASP D 324 13.81 -1.17 -36.07
C ASP D 324 13.27 -2.57 -36.37
N THR D 325 12.41 -3.13 -35.53
CA THR D 325 12.28 -4.57 -35.51
C THR D 325 11.91 -5.28 -36.79
N PRO D 326 11.25 -4.61 -37.72
CA PRO D 326 10.98 -5.21 -39.03
C PRO D 326 12.19 -5.64 -39.87
N LEU D 327 13.34 -5.01 -39.65
CA LEU D 327 14.57 -5.36 -40.36
C LEU D 327 15.20 -6.66 -39.85
N PHE D 328 14.70 -7.12 -38.71
CA PHE D 328 15.12 -8.38 -38.07
C PHE D 328 14.32 -9.59 -38.59
N ILE D 329 13.25 -9.33 -39.35
CA ILE D 329 12.34 -10.41 -39.78
C ILE D 329 12.54 -10.77 -41.25
N ALA D 330 12.79 -12.07 -41.50
CA ALA D 330 13.09 -12.60 -42.84
C ALA D 330 11.94 -12.45 -43.84
N GLU D 331 10.75 -12.91 -43.47
CA GLU D 331 9.56 -12.74 -44.31
C GLU D 331 8.29 -12.49 -43.49
N HIS D 332 7.45 -11.60 -44.00
CA HIS D 332 6.20 -11.21 -43.36
C HIS D 332 5.07 -11.20 -44.40
N PRO D 333 3.80 -11.38 -43.98
CA PRO D 333 2.72 -11.38 -44.96
C PRO D 333 2.05 -9.99 -45.17
N PHE D 334 2.84 -8.92 -45.11
CA PHE D 334 2.28 -7.57 -45.19
C PHE D 334 2.81 -6.71 -46.34
N ILE D 335 1.93 -5.89 -46.91
CA ILE D 335 2.34 -4.80 -47.81
C ILE D 335 1.86 -3.45 -47.27
N GLY D 336 2.66 -2.41 -47.50
CA GLY D 336 2.38 -1.09 -46.96
C GLY D 336 3.23 -0.77 -45.75
N GLY D 337 2.71 0.09 -44.88
CA GLY D 337 3.47 0.59 -43.74
C GLY D 337 4.40 1.70 -44.18
N PHE D 338 5.44 1.97 -43.38
CA PHE D 338 6.42 3.00 -43.74
C PHE D 338 7.43 2.53 -44.80
N ALA D 339 7.78 3.45 -45.71
CA ALA D 339 8.75 3.18 -46.77
C ALA D 339 10.15 3.63 -46.33
N GLN D 340 10.92 2.69 -45.81
CA GLN D 340 12.19 2.98 -45.15
C GLN D 340 13.40 3.09 -46.09
N THR D 341 14.06 4.25 -46.05
CA THR D 341 15.33 4.45 -46.76
C THR D 341 16.48 4.57 -45.75
N GLY D 342 17.14 3.44 -45.48
CA GLY D 342 18.27 3.38 -44.54
C GLY D 342 17.87 3.61 -43.09
N GLY D 343 18.04 4.85 -42.63
CA GLY D 343 17.61 5.25 -41.30
C GLY D 343 16.52 6.31 -41.36
N THR D 344 15.62 6.16 -42.33
CA THR D 344 14.55 7.14 -42.58
C THR D 344 13.23 6.45 -42.91
N LEU D 345 12.30 6.45 -41.95
CA LEU D 345 10.94 5.96 -42.16
C LEU D 345 10.08 7.07 -42.77
N GLN D 346 9.33 6.72 -43.82
CA GLN D 346 8.46 7.68 -44.51
C GLN D 346 7.02 7.15 -44.61
N LEU D 347 6.08 7.95 -44.12
CA LEU D 347 4.65 7.61 -44.15
C LEU D 347 3.96 8.14 -45.41
N ALA D 348 2.83 7.53 -45.78
CA ALA D 348 2.06 7.96 -46.94
C ALA D 348 0.63 8.39 -46.55
N ASP D 349 -0.04 9.14 -47.42
CA ASP D 349 -1.38 9.67 -47.15
C ASP D 349 -2.52 8.66 -47.34
N VAL D 350 -2.34 7.45 -46.81
CA VAL D 350 -3.34 6.39 -46.87
C VAL D 350 -4.07 6.28 -45.53
N ALA D 351 -5.35 5.89 -45.59
CA ALA D 351 -6.20 5.75 -44.40
C ALA D 351 -5.71 4.67 -43.44
N GLY D 352 -5.96 4.86 -42.15
CA GLY D 352 -5.49 3.96 -41.10
C GLY D 352 -3.97 3.96 -40.97
N HIS D 353 -3.41 2.80 -40.59
CA HIS D 353 -1.96 2.64 -40.54
C HIS D 353 -1.34 2.35 -41.91
N GLY D 354 -2.18 1.93 -42.86
CA GLY D 354 -1.76 1.72 -44.24
C GLY D 354 -1.00 0.44 -44.52
N VAL D 355 -1.02 -0.50 -43.57
CA VAL D 355 -0.41 -1.81 -43.79
C VAL D 355 -1.47 -2.91 -43.90
N ASN D 356 -1.52 -3.53 -45.08
CA ASN D 356 -2.53 -4.53 -45.44
C ASN D 356 -1.96 -5.95 -45.57
N LEU D 357 -2.82 -6.90 -45.92
CA LEU D 357 -2.42 -8.31 -46.08
C LEU D 357 -2.34 -8.75 -47.54
N GLU D 358 -2.24 -10.07 -47.76
CA GLU D 358 -2.38 -10.67 -49.08
C GLU D 358 -3.41 -11.81 -49.03
K K E . -26.69 4.91 18.20
C1 GOL F . -16.82 -14.32 1.84
O1 GOL F . -15.73 -13.76 1.14
C2 GOL F . -16.77 -13.88 3.29
O2 GOL F . -17.71 -14.61 4.06
C3 GOL F . -17.10 -12.39 3.38
O3 GOL F . -16.93 -11.97 4.71
K K G . 9.95 -20.04 8.81
C1 GOL H . 7.60 37.04 22.87
O1 GOL H . 7.63 36.55 24.19
C2 GOL H . 6.49 36.35 22.08
O2 GOL H . 5.71 35.55 22.93
C3 GOL H . 7.11 35.47 21.01
O3 GOL H . 6.09 35.05 20.14
K K I . 26.12 17.83 14.36
K K J . 14.11 -2.27 -21.37
#